data_2XCS
#
_entry.id   2XCS
#
_cell.length_a   93.318
_cell.length_b   93.318
_cell.length_c   412.812
_cell.angle_alpha   90.00
_cell.angle_beta   90.00
_cell.angle_gamma   120.00
#
_symmetry.space_group_name_H-M   'P 61'
#
loop_
_entity.id
_entity.type
_entity.pdbx_description
1 polymer 'DNA GYRASE SUBUNIT B, DNA GYRASE SUBUNIT A'
2 polymer "5'-5UA*D(GP*CP*CP*GP*TP*AP*GP*GP*GP*CP*CP *CP*TP*AP*CP*GP*GP*CP*T)-3'"
3 non-polymer 'MANGANESE (II) ION'
4 non-polymer 6-METHOXY-4-(2-{4-[([1,3]OXATHIOLO[5,4-C]PYRIDIN-6-YLMETHYL)AMINO]PIPERIDIN-1-YL}ETHYL)QUINOLINE-3-CARBONITRILE
5 water water
#
loop_
_entity_poly.entity_id
_entity_poly.type
_entity_poly.pdbx_seq_one_letter_code
_entity_poly.pdbx_strand_id
1 'polypeptide(L)'
;MDVASLPGKLADCSSKSPEECEIFLVEGDSAGGSTKSGRDSRTQAILPLRGKILNVEKARLDRILNNNEIRQMITAFGTG
IGGDFDLAKARYHKIVIMTDADVDGAHIRTLLLTFFYRFMRPLIEAGYVYIAQPPTGYKGLGEMNADQLWETTMNPEHRA
LLQVKLEDAIEADQTFEMLMGDVVENRRQFIEDNAVYANLDFAELPQSRINERNITSEMRESFLDYAMSVIVARALPDVR
DGLKPVHRRILYGLNEQGMTPDKSYKKSARIVGDVMGKYHPHGDSSIYEAMVRMAQDFSYRYPLVDGQGNFGSMDGDGAA
AMRFTEARMTKITLELLRDINKDTIDFIDNYDGNEREPSVLPARFPNLLANGASGIAVGMATNIPPHNLTELINGVLSLS
KNPDISIAELMEDIEGPDFPTAGLILGKSGIRRAYETGRGSIQMRSRAVIEERGGGRQRIVVTEIPFQVNKARMIEKIAE
LVRDKKIDGITDLRDETSLRTGVRVVIDVRKDANASVILNNLYKQTPLQTSFGVNMIALVNGRPKLINLKEALVHYLEHQ
KTVVRRRTQYNLRKAKDRAHILEGLRIALDHIDEIISTIRESDTDKVAMESLQQRFKLSEKQAQAILDMRLRRLTGLERD
KIEAEYNELLNYISELETILADEEVLLQLVRDELTEIRDRFGDDRRTEIQLG
;
B,D
2 'polydeoxyribonucleotide'
;(5UA)(DG)(DC)(DC)(DG)(DT)(DA)(DG)(DG)(DG)(DC)(DC)(DC)(DT)(DA)(DC)(DG)(DG)(DC)
(DT)
;
E,F
#
# COMPACT_ATOMS: atom_id res chain seq x y z
N LYS A 9 6.46 -11.91 24.52
CA LYS A 9 7.02 -12.21 23.17
C LYS A 9 7.28 -13.70 23.04
N LEU A 10 7.94 -14.26 24.04
CA LEU A 10 8.26 -15.69 24.07
C LEU A 10 6.98 -16.48 24.25
N ALA A 11 6.63 -17.29 23.25
CA ALA A 11 5.47 -18.17 23.36
C ALA A 11 6.06 -19.52 23.73
N ASP A 12 6.19 -19.76 25.03
CA ASP A 12 6.85 -20.96 25.54
C ASP A 12 6.02 -22.22 25.34
N CYS A 13 6.69 -23.37 25.35
CA CYS A 13 6.00 -24.65 25.27
C CYS A 13 5.56 -25.08 26.67
N SER A 14 4.60 -26.00 26.75
CA SER A 14 4.05 -26.45 28.04
C SER A 14 4.99 -27.36 28.86
N SER A 15 5.67 -28.27 28.17
CA SER A 15 6.63 -29.14 28.83
C SER A 15 7.82 -28.34 29.39
N LYS A 16 8.48 -28.89 30.40
CA LYS A 16 9.64 -28.21 30.97
C LYS A 16 10.90 -29.07 30.88
N SER A 17 10.80 -30.20 30.18
CA SER A 17 11.94 -31.07 29.99
C SER A 17 12.74 -30.53 28.82
N PRO A 18 13.76 -29.73 29.12
CA PRO A 18 14.60 -29.10 28.12
C PRO A 18 15.06 -30.07 27.03
N GLU A 19 15.35 -31.30 27.41
CA GLU A 19 15.87 -32.26 26.44
C GLU A 19 14.91 -32.51 25.29
N GLU A 20 13.62 -32.31 25.52
CA GLU A 20 12.66 -32.54 24.43
C GLU A 20 12.06 -31.25 23.88
N CYS A 21 12.34 -30.12 24.51
CA CYS A 21 11.82 -28.84 24.06
C CYS A 21 12.73 -28.14 23.08
N GLU A 22 12.13 -27.35 22.20
CA GLU A 22 12.91 -26.61 21.21
C GLU A 22 12.37 -25.20 21.01
N ILE A 23 13.26 -24.24 20.84
CA ILE A 23 12.85 -22.85 20.65
C ILE A 23 13.16 -22.37 19.23
N PHE A 24 12.14 -21.85 18.56
CA PHE A 24 12.28 -21.34 17.21
C PHE A 24 12.44 -19.83 17.22
N LEU A 25 13.50 -19.35 16.57
CA LEU A 25 13.76 -17.92 16.50
C LEU A 25 13.31 -17.40 15.13
N VAL A 26 12.35 -16.50 15.13
CA VAL A 26 11.83 -15.92 13.89
C VAL A 26 12.07 -14.40 13.85
N GLU A 27 11.94 -13.81 12.67
CA GLU A 27 12.26 -12.37 12.49
C GLU A 27 11.35 -11.37 13.19
N GLY A 28 10.09 -11.74 13.41
CA GLY A 28 9.13 -10.83 14.04
C GLY A 28 7.78 -11.50 14.18
N ASP A 29 6.75 -10.70 14.46
CA ASP A 29 5.40 -11.21 14.73
C ASP A 29 4.65 -11.72 13.52
N SER A 30 4.91 -11.15 12.35
CA SER A 30 4.27 -11.66 11.16
C SER A 30 4.65 -13.13 10.95
N ALA A 31 5.93 -13.44 11.10
CA ALA A 31 6.44 -14.81 10.98
C ALA A 31 6.05 -15.62 12.21
N GLY A 32 6.05 -14.96 13.36
CA GLY A 32 5.70 -15.62 14.63
C GLY A 32 4.27 -16.17 14.68
N GLY A 33 3.34 -15.49 14.02
CA GLY A 33 1.94 -15.91 14.01
C GLY A 33 1.70 -17.23 13.27
N SER A 34 2.32 -17.37 12.11
CA SER A 34 2.21 -18.60 11.34
C SER A 34 2.90 -19.71 12.14
N THR A 35 4.05 -19.37 12.73
CA THR A 35 4.83 -20.31 13.54
C THR A 35 4.04 -20.76 14.77
N LYS A 36 3.41 -19.80 15.45
CA LYS A 36 2.63 -20.11 16.64
C LYS A 36 1.42 -20.98 16.33
N SER A 37 0.76 -20.71 15.22
CA SER A 37 -0.42 -21.47 14.80
C SER A 37 -0.11 -22.90 14.36
N GLY A 38 1.00 -23.08 13.65
CA GLY A 38 1.38 -24.38 13.14
C GLY A 38 2.19 -25.25 14.08
N ARG A 39 2.78 -24.64 15.11
CA ARG A 39 3.65 -25.37 16.05
C ARG A 39 2.96 -26.46 16.87
N ASP A 40 3.79 -27.19 17.60
CA ASP A 40 3.34 -28.20 18.54
C ASP A 40 3.66 -27.56 19.88
N SER A 41 2.67 -26.95 20.49
CA SER A 41 2.89 -26.18 21.72
C SER A 41 3.42 -26.96 22.92
N ARG A 42 3.48 -28.28 22.82
N ARG A 42 3.50 -28.27 22.80
CA ARG A 42 3.95 -29.08 23.94
CA ARG A 42 3.95 -29.09 23.91
C ARG A 42 5.46 -29.06 24.00
C ARG A 42 5.47 -29.08 24.00
N THR A 43 6.11 -29.09 22.84
CA THR A 43 7.56 -29.11 22.79
C THR A 43 8.20 -27.96 22.00
N GLN A 44 7.38 -27.07 21.44
CA GLN A 44 7.92 -25.99 20.61
C GLN A 44 7.66 -24.57 21.13
N ALA A 45 8.72 -23.90 21.55
CA ALA A 45 8.61 -22.52 22.01
C ALA A 45 8.96 -21.59 20.86
N ILE A 46 8.35 -20.40 20.87
CA ILE A 46 8.62 -19.39 19.83
C ILE A 46 9.04 -18.05 20.39
N LEU A 47 10.07 -17.48 19.78
CA LEU A 47 10.51 -16.16 20.19
C LEU A 47 10.69 -15.32 18.95
N PRO A 48 9.77 -14.37 18.74
CA PRO A 48 9.90 -13.46 17.62
C PRO A 48 10.92 -12.37 17.93
N LEU A 49 11.77 -12.07 16.97
CA LEU A 49 12.76 -11.03 17.13
C LEU A 49 12.24 -9.76 16.49
N ARG A 50 13.13 -8.86 16.09
CA ARG A 50 12.71 -7.59 15.55
C ARG A 50 13.61 -7.18 14.37
N GLY A 51 13.70 -8.04 13.36
CA GLY A 51 14.50 -7.71 12.18
C GLY A 51 16.00 -7.84 12.35
N LYS A 52 16.75 -6.97 11.69
CA LYS A 52 18.21 -7.03 11.79
C LYS A 52 18.59 -6.87 13.25
N ILE A 53 19.41 -7.79 13.74
CA ILE A 53 19.82 -7.72 15.11
C ILE A 53 21.26 -7.20 15.21
N LEU A 54 21.59 -6.67 16.39
CA LEU A 54 22.91 -6.09 16.65
C LEU A 54 24.06 -7.02 16.26
N ASN A 55 25.04 -6.47 15.55
CA ASN A 55 26.25 -7.22 15.23
C ASN A 55 27.19 -7.10 16.44
N VAL A 56 27.30 -8.18 17.23
CA VAL A 56 28.11 -8.15 18.45
C VAL A 56 29.63 -8.11 18.20
N GLU A 57 30.05 -8.37 16.97
CA GLU A 57 31.46 -8.32 16.60
C GLU A 57 31.93 -6.87 16.42
N LYS A 58 30.99 -5.94 16.25
CA LYS A 58 31.31 -4.53 16.06
C LYS A 58 30.91 -3.68 17.27
N ALA A 59 30.16 -4.28 18.18
CA ALA A 59 29.65 -3.56 19.35
C ALA A 59 30.37 -3.89 20.66
N ARG A 60 30.41 -2.92 21.57
CA ARG A 60 31.02 -3.13 22.87
C ARG A 60 29.98 -3.69 23.82
N LEU A 61 30.45 -4.24 24.95
CA LEU A 61 29.57 -4.95 25.89
C LEU A 61 28.34 -4.17 26.34
N ASP A 62 28.50 -2.90 26.73
CA ASP A 62 27.35 -2.13 27.20
C ASP A 62 26.19 -2.05 26.19
N ARG A 63 26.53 -1.88 24.90
CA ARG A 63 25.55 -1.84 23.82
C ARG A 63 24.87 -3.21 23.65
N ILE A 64 25.66 -4.28 23.75
CA ILE A 64 25.18 -5.68 23.61
C ILE A 64 24.21 -6.07 24.71
N LEU A 65 24.58 -5.77 25.96
CA LEU A 65 23.75 -6.11 27.12
C LEU A 65 22.55 -5.26 27.20
N ASN A 66 22.61 -4.14 26.54
N ASN A 66 22.59 -4.10 26.54
CA ASN A 66 21.45 -3.38 26.68
CA ASN A 66 21.43 -3.21 26.56
C ASN A 66 20.45 -3.56 25.53
C ASN A 66 20.45 -3.47 25.43
N ASN A 67 20.79 -4.39 24.53
CA ASN A 67 19.91 -4.68 23.38
C ASN A 67 18.75 -5.61 23.78
N ASN A 68 17.52 -5.18 23.48
N ASN A 68 17.52 -5.20 23.49
CA ASN A 68 16.31 -5.94 23.86
CA ASN A 68 16.32 -5.96 23.88
C ASN A 68 16.26 -7.39 23.36
C ASN A 68 16.26 -7.40 23.37
N GLU A 69 16.56 -7.60 22.09
CA GLU A 69 16.54 -8.95 21.51
C GLU A 69 17.58 -9.89 22.11
N ILE A 70 18.79 -9.37 22.30
CA ILE A 70 19.85 -10.12 22.96
C ILE A 70 19.37 -10.56 24.34
N ARG A 71 18.89 -9.60 25.13
CA ARG A 71 18.38 -9.86 26.48
C ARG A 71 17.30 -10.92 26.51
N GLN A 72 16.35 -10.81 25.58
CA GLN A 72 15.26 -11.77 25.54
C GLN A 72 15.76 -13.17 25.23
N MET A 73 16.74 -13.28 24.34
CA MET A 73 17.30 -14.59 24.03
C MET A 73 18.09 -15.14 25.20
N ILE A 74 18.83 -14.27 25.90
CA ILE A 74 19.59 -14.70 27.07
C ILE A 74 18.63 -15.23 28.13
N THR A 75 17.60 -14.45 28.45
CA THR A 75 16.58 -14.83 29.44
C THR A 75 15.88 -16.11 29.02
N ALA A 76 15.48 -16.20 27.75
CA ALA A 76 14.80 -17.38 27.24
C ALA A 76 15.64 -18.67 27.28
N PHE A 77 16.94 -18.59 27.00
CA PHE A 77 17.78 -19.80 27.02
C PHE A 77 18.09 -20.26 28.44
N GLY A 78 18.27 -19.30 29.33
CA GLY A 78 18.52 -19.61 30.73
C GLY A 78 19.93 -20.08 31.06
N THR A 79 20.82 -20.07 30.08
CA THR A 79 22.19 -20.52 30.26
C THR A 79 23.16 -19.46 30.79
N GLY A 80 22.81 -18.19 30.62
CA GLY A 80 23.72 -17.09 30.95
C GLY A 80 24.69 -16.91 29.78
N ILE A 81 25.69 -16.05 29.92
CA ILE A 81 26.62 -15.78 28.82
C ILE A 81 28.10 -15.74 29.23
N GLY A 82 28.97 -15.88 28.24
CA GLY A 82 30.42 -15.79 28.45
C GLY A 82 30.96 -16.82 29.41
N GLY A 83 31.72 -16.36 30.41
CA GLY A 83 32.32 -17.23 31.41
C GLY A 83 31.28 -17.86 32.32
N ASP A 84 30.17 -17.15 32.50
CA ASP A 84 29.07 -17.61 33.34
C ASP A 84 28.11 -18.58 32.62
N PHE A 85 28.42 -18.91 31.38
CA PHE A 85 27.58 -19.82 30.62
C PHE A 85 27.52 -21.19 31.29
N ASP A 86 26.31 -21.72 31.44
CA ASP A 86 26.11 -23.02 32.05
C ASP A 86 25.13 -23.84 31.20
N LEU A 87 25.67 -24.81 30.47
CA LEU A 87 24.90 -25.65 29.58
C LEU A 87 23.78 -26.42 30.28
N ALA A 88 24.04 -26.83 31.52
CA ALA A 88 23.08 -27.59 32.30
C ALA A 88 21.80 -26.79 32.61
N LYS A 89 21.90 -25.46 32.52
CA LYS A 89 20.75 -24.61 32.80
C LYS A 89 19.95 -24.24 31.55
N ALA A 90 20.29 -24.86 30.43
CA ALA A 90 19.59 -24.63 29.15
C ALA A 90 18.14 -25.03 29.23
N ARG A 91 17.24 -24.15 28.80
CA ARG A 91 15.82 -24.45 28.86
C ARG A 91 15.34 -25.20 27.60
N TYR A 92 16.21 -25.31 26.61
CA TYR A 92 15.90 -26.05 25.38
C TYR A 92 17.16 -26.72 24.88
N HIS A 93 17.03 -27.90 24.29
CA HIS A 93 18.18 -28.62 23.74
C HIS A 93 18.27 -28.36 22.25
N LYS A 94 17.31 -27.60 21.74
CA LYS A 94 17.37 -27.20 20.35
C LYS A 94 17.03 -25.72 20.20
N ILE A 95 18.01 -24.94 19.75
CA ILE A 95 17.76 -23.56 19.43
C ILE A 95 17.76 -23.52 17.92
N VAL A 96 16.60 -23.25 17.34
CA VAL A 96 16.41 -23.30 15.89
C VAL A 96 16.27 -21.92 15.27
N ILE A 97 17.22 -21.59 14.42
CA ILE A 97 17.20 -20.33 13.69
C ILE A 97 16.29 -20.55 12.49
N MET A 98 15.20 -19.80 12.43
CA MET A 98 14.25 -19.94 11.34
C MET A 98 13.89 -18.57 10.78
N THR A 99 14.86 -17.93 10.15
CA THR A 99 14.63 -16.63 9.54
C THR A 99 13.94 -16.80 8.19
N ASP A 100 13.53 -15.70 7.56
CA ASP A 100 12.85 -15.77 6.27
C ASP A 100 13.76 -16.29 5.17
N ALA A 101 13.17 -16.88 4.13
CA ALA A 101 13.93 -17.46 3.02
C ALA A 101 14.34 -16.42 1.99
N ASP A 102 15.10 -15.41 2.43
CA ASP A 102 15.60 -14.37 1.55
C ASP A 102 16.97 -13.93 2.04
N VAL A 103 17.67 -13.09 1.27
CA VAL A 103 19.04 -12.69 1.63
C VAL A 103 19.13 -11.97 2.97
N ASP A 104 18.08 -11.25 3.35
CA ASP A 104 18.08 -10.52 4.62
C ASP A 104 17.88 -11.50 5.76
N GLY A 105 17.18 -12.59 5.46
CA GLY A 105 16.99 -13.67 6.43
C GLY A 105 18.34 -14.34 6.65
N ALA A 106 19.11 -14.50 5.58
CA ALA A 106 20.45 -15.08 5.68
C ALA A 106 21.37 -14.20 6.53
N HIS A 107 21.26 -12.89 6.33
CA HIS A 107 22.05 -11.91 7.08
C HIS A 107 21.74 -11.98 8.57
N ILE A 108 20.45 -12.06 8.90
CA ILE A 108 20.02 -12.18 10.29
C ILE A 108 20.57 -13.45 10.90
N ARG A 109 20.64 -14.51 10.10
CA ARG A 109 21.19 -15.78 10.56
C ARG A 109 22.68 -15.63 10.93
N THR A 110 23.45 -14.93 10.09
CA THR A 110 24.87 -14.69 10.38
C THR A 110 25.06 -13.82 11.62
N LEU A 111 24.14 -12.89 11.85
CA LEU A 111 24.19 -12.03 13.03
C LEU A 111 23.90 -12.85 14.29
N LEU A 112 22.90 -13.73 14.21
CA LEU A 112 22.56 -14.59 15.34
C LEU A 112 23.70 -15.58 15.66
N LEU A 113 24.27 -16.19 14.62
CA LEU A 113 25.39 -17.12 14.81
C LEU A 113 26.60 -16.41 15.42
N THR A 114 26.80 -15.15 15.03
CA THR A 114 27.88 -14.35 15.59
C THR A 114 27.68 -14.16 17.09
N PHE A 115 26.44 -13.90 17.49
CA PHE A 115 26.12 -13.76 18.90
C PHE A 115 26.31 -15.08 19.64
N PHE A 116 25.84 -16.18 19.07
CA PHE A 116 25.97 -17.48 19.75
C PHE A 116 27.42 -17.90 19.87
N TYR A 117 28.22 -17.58 18.85
CA TYR A 117 29.62 -17.98 18.85
C TYR A 117 30.46 -17.19 19.86
N ARG A 118 30.22 -15.88 19.96
CA ARG A 118 30.98 -15.03 20.87
C ARG A 118 30.50 -15.03 22.33
N PHE A 119 29.24 -15.39 22.57
CA PHE A 119 28.69 -15.37 23.92
C PHE A 119 28.12 -16.68 24.45
N MET A 120 27.87 -17.64 23.56
CA MET A 120 27.32 -18.93 23.96
C MET A 120 27.95 -20.05 23.19
N ARG A 121 29.26 -19.97 22.99
CA ARG A 121 29.99 -20.96 22.22
C ARG A 121 29.76 -22.44 22.63
N PRO A 122 29.70 -22.74 23.94
CA PRO A 122 29.46 -24.15 24.32
C PRO A 122 28.08 -24.64 23.88
N LEU A 123 27.18 -23.72 23.56
CA LEU A 123 25.85 -24.08 23.08
C LEU A 123 25.99 -24.73 21.70
N ILE A 124 26.89 -24.17 20.88
CA ILE A 124 27.16 -24.70 19.55
C ILE A 124 27.92 -26.02 19.66
N GLU A 125 28.94 -26.04 20.52
CA GLU A 125 29.77 -27.22 20.74
C GLU A 125 28.95 -28.43 21.19
N ALA A 126 27.88 -28.18 21.95
CA ALA A 126 27.00 -29.24 22.42
C ALA A 126 26.02 -29.71 21.35
N GLY A 127 25.96 -28.99 20.23
CA GLY A 127 25.06 -29.34 19.15
C GLY A 127 23.61 -28.97 19.43
N TYR A 128 23.42 -27.87 20.15
CA TYR A 128 22.10 -27.35 20.52
C TYR A 128 21.58 -26.31 19.52
N VAL A 129 22.46 -25.83 18.64
CA VAL A 129 22.05 -24.81 17.67
C VAL A 129 21.75 -25.43 16.31
N TYR A 130 20.57 -25.14 15.79
CA TYR A 130 20.11 -25.68 14.51
C TYR A 130 19.65 -24.61 13.53
N ILE A 131 19.62 -24.98 12.26
CA ILE A 131 19.14 -24.09 11.21
C ILE A 131 17.96 -24.75 10.48
N ALA A 132 16.80 -24.12 10.56
CA ALA A 132 15.61 -24.62 9.87
C ALA A 132 15.71 -24.27 8.40
N GLN A 133 14.97 -24.99 7.55
CA GLN A 133 15.03 -24.74 6.11
C GLN A 133 13.65 -24.50 5.50
N PRO A 134 13.05 -23.33 5.78
CA PRO A 134 11.74 -23.02 5.20
C PRO A 134 11.86 -22.90 3.68
N PRO A 135 10.80 -23.28 2.96
CA PRO A 135 10.90 -23.23 1.50
C PRO A 135 11.01 -21.82 0.94
N THR A 136 11.61 -21.72 -0.25
CA THR A 136 11.73 -20.45 -0.94
C THR A 136 10.40 -20.14 -1.64
N GLY A 137 10.26 -18.93 -2.16
CA GLY A 137 9.04 -18.54 -2.84
C GLY A 137 8.09 -17.72 -1.98
N TYR A 138 8.46 -17.51 -0.73
CA TYR A 138 7.65 -16.70 0.19
C TYR A 138 8.47 -15.52 0.68
N LYS A 139 7.83 -14.37 0.82
CA LYS A 139 8.53 -13.15 1.25
C LYS A 139 8.87 -13.20 2.74
N GLY A 140 8.17 -14.06 3.45
CA GLY A 140 8.40 -14.22 4.88
C GLY A 140 7.52 -15.36 5.35
N LEU A 141 7.72 -15.80 6.57
CA LEU A 141 6.94 -16.92 7.09
C LEU A 141 5.47 -16.54 7.27
N GLY A 142 5.21 -15.24 7.36
CA GLY A 142 3.84 -14.74 7.51
C GLY A 142 3.03 -14.87 6.23
N GLU A 143 3.69 -15.27 5.15
CA GLU A 143 3.05 -15.49 3.86
C GLU A 143 2.60 -16.95 3.76
N MET A 144 3.17 -17.79 4.63
CA MET A 144 2.84 -19.20 4.63
C MET A 144 1.65 -19.49 5.52
N ASN A 145 0.84 -20.47 5.11
CA ASN A 145 -0.28 -20.90 5.95
C ASN A 145 0.36 -21.74 7.06
N ALA A 146 -0.28 -21.75 8.22
CA ALA A 146 0.28 -22.46 9.38
C ALA A 146 0.56 -23.95 9.13
N ASP A 147 -0.34 -24.62 8.42
CA ASP A 147 -0.17 -26.03 8.11
C ASP A 147 1.04 -26.28 7.19
N GLN A 148 1.24 -25.40 6.22
CA GLN A 148 2.38 -25.57 5.31
C GLN A 148 3.71 -25.35 6.04
N LEU A 149 3.78 -24.37 6.93
CA LEU A 149 5.02 -24.12 7.71
C LEU A 149 5.35 -25.33 8.61
N TRP A 150 4.32 -25.89 9.25
CA TRP A 150 4.47 -27.08 10.07
C TRP A 150 5.03 -28.27 9.29
N GLU A 151 4.30 -28.67 8.25
CA GLU A 151 4.69 -29.84 7.44
C GLU A 151 6.04 -29.77 6.76
N THR A 152 6.40 -28.60 6.23
CA THR A 152 7.65 -28.46 5.52
C THR A 152 8.85 -28.13 6.42
N THR A 153 8.62 -27.48 7.54
CA THR A 153 9.73 -26.94 8.32
C THR A 153 9.81 -27.29 9.81
N MET A 154 8.67 -27.45 10.46
CA MET A 154 8.64 -27.67 11.91
C MET A 154 8.34 -29.09 12.38
N ASN A 155 7.62 -29.85 11.55
CA ASN A 155 7.27 -31.22 11.91
C ASN A 155 8.51 -32.11 11.88
N PRO A 156 8.85 -32.69 13.04
CA PRO A 156 10.04 -33.57 13.15
C PRO A 156 9.99 -34.81 12.26
N GLU A 157 8.81 -35.22 11.82
CA GLU A 157 8.73 -36.40 10.97
C GLU A 157 9.22 -36.13 9.58
N HIS A 158 9.01 -34.90 9.11
CA HIS A 158 9.37 -34.57 7.74
C HIS A 158 10.40 -33.46 7.56
N ARG A 159 10.64 -32.68 8.61
CA ARG A 159 11.55 -31.54 8.52
C ARG A 159 13.01 -31.95 8.34
N ALA A 160 13.80 -31.03 7.80
CA ALA A 160 15.22 -31.26 7.63
C ALA A 160 16.00 -30.14 8.32
N LEU A 161 16.22 -30.29 9.62
CA LEU A 161 16.98 -29.27 10.37
C LEU A 161 18.48 -29.50 10.21
N LEU A 162 19.24 -28.41 10.11
CA LEU A 162 20.68 -28.51 9.99
C LEU A 162 21.33 -28.26 11.34
N GLN A 163 22.02 -29.26 11.87
CA GLN A 163 22.73 -29.08 13.14
C GLN A 163 24.05 -28.38 12.87
N VAL A 164 24.24 -27.25 13.54
CA VAL A 164 25.44 -26.45 13.37
C VAL A 164 26.63 -27.10 14.07
N LYS A 165 27.72 -27.28 13.33
CA LYS A 165 28.94 -27.92 13.84
C LYS A 165 30.14 -26.98 13.85
N LEU A 166 30.87 -26.97 14.97
CA LEU A 166 32.12 -26.23 15.10
C LEU A 166 33.23 -27.26 14.88
N GLU A 167 33.91 -27.17 13.74
CA GLU A 167 34.95 -28.12 13.36
C GLU A 167 36.33 -27.66 13.85
N ASP A 168 36.66 -26.42 13.52
CA ASP A 168 37.97 -25.84 13.81
C ASP A 168 37.74 -24.46 14.42
N ALA A 169 38.10 -24.31 15.70
CA ALA A 169 37.91 -23.06 16.43
C ALA A 169 38.74 -21.89 15.91
N ILE A 170 39.99 -22.16 15.53
CA ILE A 170 40.87 -21.15 15.00
C ILE A 170 40.32 -20.56 13.71
N GLU A 171 39.84 -21.43 12.82
CA GLU A 171 39.28 -21.00 11.54
C GLU A 171 38.00 -20.19 11.78
N ALA A 172 37.18 -20.64 12.73
CA ALA A 172 35.91 -19.95 13.08
C ALA A 172 36.15 -18.54 13.60
N ASP A 173 37.14 -18.40 14.49
CA ASP A 173 37.50 -17.09 15.04
C ASP A 173 37.84 -16.12 13.92
N GLN A 174 38.66 -16.58 12.98
CA GLN A 174 39.09 -15.77 11.84
C GLN A 174 37.93 -15.45 10.91
N THR A 175 37.04 -16.41 10.73
CA THR A 175 35.87 -16.25 9.89
C THR A 175 34.92 -15.20 10.47
N PHE A 176 34.65 -15.28 11.78
CA PHE A 176 33.79 -14.28 12.42
C PHE A 176 34.40 -12.88 12.43
N GLU A 177 35.70 -12.81 12.66
CA GLU A 177 36.40 -11.52 12.66
C GLU A 177 36.43 -10.90 11.26
N MET A 178 36.76 -11.71 10.27
CA MET A 178 36.83 -11.26 8.88
C MET A 178 35.47 -10.77 8.35
N LEU A 179 34.44 -11.61 8.49
CA LEU A 179 33.11 -11.30 7.97
C LEU A 179 32.33 -10.25 8.76
N MET A 180 32.36 -10.35 10.09
CA MET A 180 31.54 -9.50 10.92
C MET A 180 32.29 -8.37 11.65
N GLY A 181 33.62 -8.37 11.56
CA GLY A 181 34.46 -7.40 12.24
C GLY A 181 34.44 -5.98 11.68
N ASP A 182 35.10 -5.06 12.40
N ASP A 182 35.09 -5.06 12.40
CA ASP A 182 35.11 -3.64 12.03
CA ASP A 182 35.09 -3.66 12.01
C ASP A 182 36.09 -3.28 10.91
C ASP A 182 36.00 -3.33 10.83
N VAL A 183 36.92 -4.23 10.49
CA VAL A 183 37.85 -3.97 9.40
C VAL A 183 37.22 -4.28 8.03
N VAL A 184 36.87 -3.22 7.32
CA VAL A 184 36.18 -3.32 6.02
C VAL A 184 36.99 -4.04 4.94
N GLU A 185 38.27 -3.67 4.83
CA GLU A 185 39.15 -4.21 3.77
C GLU A 185 39.18 -5.73 3.63
N ASN A 186 39.24 -6.44 4.75
CA ASN A 186 39.33 -7.89 4.72
C ASN A 186 38.01 -8.51 4.26
N ARG A 187 36.92 -7.84 4.60
CA ARG A 187 35.60 -8.22 4.17
C ARG A 187 35.48 -7.94 2.67
N ARG A 188 36.01 -6.78 2.24
CA ARG A 188 36.00 -6.44 0.82
C ARG A 188 36.83 -7.46 0.02
N GLN A 189 38.02 -7.79 0.52
CA GLN A 189 38.89 -8.79 -0.12
C GLN A 189 38.18 -10.16 -0.24
N PHE A 190 37.50 -10.56 0.82
CA PHE A 190 36.77 -11.84 0.82
C PHE A 190 35.69 -11.85 -0.27
N ILE A 191 34.97 -10.75 -0.41
CA ILE A 191 33.93 -10.64 -1.44
C ILE A 191 34.56 -10.73 -2.83
N GLU A 192 35.59 -9.93 -3.08
CA GLU A 192 36.25 -9.93 -4.38
C GLU A 192 36.74 -11.33 -4.77
N ASP A 193 37.39 -12.02 -3.84
CA ASP A 193 37.95 -13.36 -4.08
C ASP A 193 36.92 -14.47 -4.25
N ASN A 194 35.73 -14.26 -3.69
CA ASN A 194 34.73 -15.33 -3.71
C ASN A 194 33.47 -15.07 -4.50
N ALA A 195 33.27 -13.83 -4.94
CA ALA A 195 32.08 -13.47 -5.67
C ALA A 195 32.00 -14.09 -7.06
N VAL A 196 30.83 -14.62 -7.40
CA VAL A 196 30.62 -15.15 -8.74
C VAL A 196 29.44 -14.42 -9.35
N TYR A 197 29.75 -13.40 -10.14
CA TYR A 197 28.73 -12.54 -10.73
C TYR A 197 27.95 -13.13 -11.88
N ALA A 198 26.87 -13.86 -11.56
CA ALA A 198 25.98 -14.48 -12.55
C ALA A 198 24.97 -15.44 -11.89
N ASN A 211 21.41 -34.53 9.37
CA ASN A 211 22.08 -33.59 8.44
C ASN A 211 22.69 -32.44 9.25
N GLU A 212 23.92 -32.09 8.93
CA GLU A 212 24.63 -31.08 9.69
C GLU A 212 25.22 -29.98 8.82
N ARG A 213 25.71 -28.91 9.46
CA ARG A 213 26.23 -27.75 8.73
C ARG A 213 27.41 -27.11 9.46
N ASN A 214 28.57 -27.09 8.82
CA ASN A 214 29.76 -26.48 9.40
C ASN A 214 29.53 -24.97 9.55
N ILE A 215 29.74 -24.44 10.76
CA ILE A 215 29.48 -23.02 11.02
C ILE A 215 30.27 -22.08 10.11
N THR A 216 31.52 -22.43 9.87
CA THR A 216 32.37 -21.63 9.01
C THR A 216 31.83 -21.54 7.59
N SER A 217 31.50 -22.69 7.02
CA SER A 217 30.91 -22.76 5.68
C SER A 217 29.60 -21.97 5.64
N GLU A 218 28.81 -22.10 6.70
CA GLU A 218 27.51 -21.44 6.80
C GLU A 218 27.69 -19.93 6.79
N MET A 219 28.60 -19.44 7.63
CA MET A 219 28.90 -18.02 7.72
C MET A 219 29.38 -17.44 6.39
N ARG A 220 30.33 -18.13 5.75
N ARG A 220 30.33 -18.13 5.77
CA ARG A 220 30.92 -17.69 4.48
CA ARG A 220 30.91 -17.69 4.50
C ARG A 220 29.90 -17.63 3.34
C ARG A 220 29.88 -17.63 3.38
N GLU A 221 29.06 -18.67 3.25
CA GLU A 221 28.05 -18.74 2.19
C GLU A 221 26.87 -17.79 2.42
N SER A 222 26.33 -17.78 3.62
CA SER A 222 25.20 -16.87 3.92
C SER A 222 25.63 -15.40 3.81
N PHE A 223 26.79 -15.05 4.38
CA PHE A 223 27.24 -13.65 4.33
C PHE A 223 27.56 -13.22 2.90
N LEU A 224 28.20 -14.11 2.13
CA LEU A 224 28.51 -13.80 0.73
C LEU A 224 27.23 -13.56 -0.07
N ASP A 225 26.21 -14.40 0.16
CA ASP A 225 24.91 -14.25 -0.50
C ASP A 225 24.31 -12.88 -0.17
N TYR A 226 24.36 -12.49 1.10
CA TYR A 226 23.82 -11.18 1.45
C TYR A 226 24.66 -10.07 0.83
N ALA A 227 25.98 -10.15 1.01
CA ALA A 227 26.91 -9.11 0.52
C ALA A 227 26.72 -8.88 -0.96
N MET A 228 26.75 -9.96 -1.73
N MET A 228 26.75 -9.96 -1.74
CA MET A 228 26.58 -9.87 -3.17
CA MET A 228 26.59 -9.82 -3.18
C MET A 228 25.26 -9.21 -3.57
C MET A 228 25.26 -9.20 -3.58
N SER A 229 24.18 -9.60 -2.90
CA SER A 229 22.84 -9.08 -3.21
C SER A 229 22.75 -7.56 -2.98
N VAL A 230 23.33 -7.10 -1.88
CA VAL A 230 23.32 -5.69 -1.57
C VAL A 230 24.13 -4.90 -2.60
N ILE A 231 25.25 -5.49 -3.01
CA ILE A 231 26.14 -4.88 -3.99
C ILE A 231 25.54 -4.79 -5.39
N VAL A 232 25.04 -5.91 -5.92
CA VAL A 232 24.56 -5.93 -7.30
C VAL A 232 23.07 -5.68 -7.44
N ALA A 233 22.32 -5.79 -6.34
CA ALA A 233 20.88 -5.64 -6.43
C ALA A 233 20.22 -4.84 -5.28
N ARG A 234 20.86 -3.75 -4.84
CA ARG A 234 20.28 -2.90 -3.79
C ARG A 234 20.90 -1.51 -3.62
N ALA A 235 22.16 -1.47 -3.21
CA ALA A 235 22.81 -0.20 -2.80
C ALA A 235 23.62 0.57 -3.83
N LEU A 236 23.96 -0.07 -4.95
CA LEU A 236 24.81 0.57 -5.94
C LEU A 236 24.10 0.82 -7.26
N PRO A 237 24.35 1.98 -7.87
CA PRO A 237 23.71 2.31 -9.12
C PRO A 237 24.41 1.65 -10.30
N ASP A 238 23.66 1.49 -11.40
CA ASP A 238 24.23 0.95 -12.63
C ASP A 238 24.85 2.14 -13.38
N VAL A 239 26.03 1.93 -13.95
CA VAL A 239 26.75 3.01 -14.67
C VAL A 239 25.96 3.53 -15.89
N ARG A 240 25.17 2.64 -16.48
CA ARG A 240 24.43 2.93 -17.71
C ARG A 240 23.25 3.88 -17.53
N ASP A 241 22.36 3.59 -16.57
CA ASP A 241 21.20 4.49 -16.32
C ASP A 241 21.25 5.25 -15.00
N GLY A 242 22.28 5.01 -14.19
CA GLY A 242 22.43 5.70 -12.90
C GLY A 242 21.44 5.26 -11.84
N LEU A 243 20.75 4.15 -12.07
CA LEU A 243 19.72 3.75 -11.11
C LEU A 243 20.03 2.51 -10.30
N LYS A 244 19.46 2.46 -9.09
CA LYS A 244 19.49 1.30 -8.22
C LYS A 244 18.18 0.59 -8.54
N PRO A 245 18.05 -0.70 -8.18
CA PRO A 245 16.82 -1.43 -8.50
C PRO A 245 15.54 -0.77 -8.02
N VAL A 246 15.47 -0.33 -6.75
CA VAL A 246 14.22 0.28 -6.27
C VAL A 246 13.76 1.45 -7.16
N HIS A 247 14.68 2.36 -7.49
CA HIS A 247 14.36 3.49 -8.35
C HIS A 247 13.97 3.08 -9.75
N ARG A 248 14.65 2.08 -10.30
CA ARG A 248 14.36 1.63 -11.65
C ARG A 248 12.96 1.04 -11.73
N ARG A 249 12.60 0.26 -10.71
CA ARG A 249 11.29 -0.39 -10.63
C ARG A 249 10.17 0.63 -10.41
N ILE A 250 10.45 1.68 -9.66
CA ILE A 250 9.47 2.73 -9.46
C ILE A 250 9.17 3.42 -10.79
N LEU A 251 10.21 3.82 -11.51
CA LEU A 251 10.04 4.52 -12.78
C LEU A 251 9.38 3.63 -13.84
N TYR A 252 9.75 2.35 -13.84
CA TYR A 252 9.16 1.41 -14.77
C TYR A 252 7.66 1.20 -14.46
N GLY A 253 7.33 1.16 -13.18
CA GLY A 253 5.95 1.03 -12.74
C GLY A 253 5.17 2.24 -13.20
N LEU A 254 5.75 3.42 -13.07
CA LEU A 254 5.10 4.65 -13.52
C LEU A 254 4.84 4.62 -15.03
N ASN A 255 5.79 4.08 -15.79
CA ASN A 255 5.68 4.00 -17.24
C ASN A 255 4.62 2.99 -17.66
N GLU A 256 4.66 1.80 -17.07
CA GLU A 256 3.71 0.72 -17.37
C GLU A 256 2.26 1.10 -17.13
N GLN A 257 2.02 1.99 -16.18
CA GLN A 257 0.67 2.42 -15.87
C GLN A 257 0.34 3.77 -16.50
N GLY A 258 1.16 4.18 -17.47
CA GLY A 258 0.95 5.44 -18.18
C GLY A 258 0.85 6.69 -17.31
N MET A 259 1.64 6.72 -16.24
CA MET A 259 1.62 7.87 -15.34
C MET A 259 2.57 8.95 -15.86
N THR A 260 2.30 9.38 -17.08
CA THR A 260 3.09 10.36 -17.79
C THR A 260 2.75 11.78 -17.33
N PRO A 261 3.64 12.75 -17.63
CA PRO A 261 3.45 14.14 -17.21
C PRO A 261 2.15 14.80 -17.70
N ASP A 262 1.66 14.38 -18.85
CA ASP A 262 0.44 14.96 -19.42
C ASP A 262 -0.82 14.44 -18.73
N LYS A 263 -0.70 13.33 -18.01
CA LYS A 263 -1.85 12.75 -17.32
C LYS A 263 -1.89 13.22 -15.87
N SER A 264 -3.03 13.01 -15.20
CA SER A 264 -3.18 13.48 -13.83
C SER A 264 -2.30 12.73 -12.84
N TYR A 265 -2.07 13.34 -11.69
CA TYR A 265 -1.28 12.72 -10.63
C TYR A 265 -1.97 11.45 -10.19
N LYS A 266 -1.19 10.41 -9.87
CA LYS A 266 -1.77 9.15 -9.42
C LYS A 266 -1.45 8.94 -7.94
N LYS A 267 -2.34 8.25 -7.23
CA LYS A 267 -2.21 8.02 -5.79
C LYS A 267 -0.89 7.30 -5.45
N SER A 268 -0.11 7.87 -4.54
CA SER A 268 1.17 7.27 -4.13
C SER A 268 1.02 5.83 -3.60
N ALA A 269 -0.07 5.58 -2.88
CA ALA A 269 -0.32 4.25 -2.35
C ALA A 269 -0.51 3.20 -3.44
N ARG A 270 -1.17 3.55 -4.53
N ARG A 270 -1.15 3.58 -4.54
CA ARG A 270 -1.34 2.60 -5.63
CA ARG A 270 -1.36 2.61 -5.61
C ARG A 270 0.00 2.35 -6.32
C ARG A 270 -0.02 2.35 -6.29
N ILE A 271 0.81 3.40 -6.43
CA ILE A 271 2.11 3.25 -7.05
C ILE A 271 2.96 2.29 -6.23
N VAL A 272 3.10 2.56 -4.94
CA VAL A 272 3.92 1.72 -4.05
C VAL A 272 3.43 0.28 -4.01
N GLY A 273 2.11 0.11 -3.88
CA GLY A 273 1.50 -1.21 -3.87
C GLY A 273 1.75 -1.99 -5.16
N ASP A 274 1.57 -1.30 -6.29
N ASP A 274 1.58 -1.32 -6.31
CA ASP A 274 1.83 -1.90 -7.60
CA ASP A 274 1.83 -2.00 -7.57
C ASP A 274 3.30 -2.33 -7.68
C ASP A 274 3.32 -2.33 -7.73
N VAL A 275 4.19 -1.40 -7.42
CA VAL A 275 5.62 -1.68 -7.51
C VAL A 275 6.05 -2.81 -6.58
N MET A 276 5.56 -2.77 -5.34
CA MET A 276 5.89 -3.81 -4.35
C MET A 276 5.44 -5.21 -4.78
N GLY A 277 4.21 -5.33 -5.25
CA GLY A 277 3.65 -6.62 -5.68
C GLY A 277 4.28 -7.21 -6.94
N LYS A 278 4.56 -6.32 -7.90
CA LYS A 278 5.08 -6.72 -9.20
C LYS A 278 6.58 -6.85 -9.35
N TYR A 279 7.34 -5.97 -8.70
CA TYR A 279 8.78 -5.93 -8.94
C TYR A 279 9.71 -5.90 -7.73
N HIS A 280 9.25 -5.31 -6.63
CA HIS A 280 10.13 -5.06 -5.49
C HIS A 280 9.61 -5.62 -4.18
N PRO A 281 9.97 -6.88 -3.88
CA PRO A 281 9.48 -7.59 -2.70
C PRO A 281 10.15 -7.13 -1.41
N HIS A 282 9.98 -5.85 -1.09
CA HIS A 282 10.56 -5.29 0.12
C HIS A 282 9.55 -4.35 0.79
N GLY A 283 9.97 -3.71 1.87
N GLY A 283 9.98 -3.77 1.91
CA GLY A 283 9.09 -2.79 2.62
CA GLY A 283 9.14 -2.89 2.70
C GLY A 283 8.59 -1.60 1.83
C GLY A 283 8.65 -1.67 1.96
N ASP A 284 7.36 -1.17 2.12
N ASP A 284 7.36 -1.40 2.12
CA ASP A 284 6.71 -0.05 1.46
CA ASP A 284 6.74 -0.26 1.46
C ASP A 284 7.42 1.25 1.81
C ASP A 284 7.41 1.08 1.82
N SER A 285 8.04 1.25 2.98
N SER A 285 8.07 1.14 2.98
CA SER A 285 8.78 2.43 3.43
CA SER A 285 8.75 2.39 3.37
C SER A 285 10.01 2.68 2.56
C SER A 285 9.97 2.67 2.51
N SER A 286 10.69 1.61 2.14
CA SER A 286 11.86 1.77 1.26
C SER A 286 11.41 2.27 -0.11
N ILE A 287 10.29 1.74 -0.60
CA ILE A 287 9.76 2.15 -1.91
C ILE A 287 9.25 3.59 -1.90
N TYR A 288 8.40 3.90 -0.94
CA TYR A 288 7.83 5.24 -0.85
C TYR A 288 8.90 6.31 -0.66
N GLU A 289 9.83 6.08 0.25
CA GLU A 289 10.89 7.03 0.53
C GLU A 289 11.81 7.24 -0.67
N ALA A 290 12.07 6.18 -1.44
CA ALA A 290 12.90 6.31 -2.63
C ALA A 290 12.16 7.18 -3.66
N MET A 291 10.85 6.97 -3.81
CA MET A 291 10.05 7.77 -4.75
C MET A 291 10.02 9.23 -4.32
N VAL A 292 9.83 9.45 -3.02
CA VAL A 292 9.81 10.79 -2.45
C VAL A 292 11.10 11.56 -2.74
N ARG A 293 12.25 10.93 -2.53
N ARG A 293 12.25 10.93 -2.53
CA ARG A 293 13.53 11.60 -2.78
CA ARG A 293 13.53 11.59 -2.78
C ARG A 293 13.65 12.03 -4.22
C ARG A 293 13.65 12.03 -4.22
N MET A 294 13.20 11.17 -5.14
CA MET A 294 13.23 11.47 -6.57
C MET A 294 12.37 12.68 -6.95
N ALA A 295 11.46 13.05 -6.06
CA ALA A 295 10.58 14.19 -6.28
C ALA A 295 11.08 15.49 -5.63
N GLN A 296 12.13 15.39 -4.82
CA GLN A 296 12.63 16.55 -4.09
C GLN A 296 13.64 17.39 -4.88
N ASP A 297 13.35 18.67 -5.08
CA ASP A 297 14.26 19.52 -5.85
C ASP A 297 15.54 19.91 -5.10
N PHE A 298 15.60 19.56 -3.82
CA PHE A 298 16.80 19.81 -3.03
C PHE A 298 17.65 18.53 -2.95
N SER A 299 17.11 17.42 -3.50
CA SER A 299 17.83 16.13 -3.48
C SER A 299 18.33 15.72 -4.87
N TYR A 300 17.48 15.89 -5.87
CA TYR A 300 17.81 15.54 -7.25
C TYR A 300 18.02 16.78 -8.09
N ARG A 301 19.19 16.84 -8.74
CA ARG A 301 19.55 17.94 -9.63
C ARG A 301 18.54 18.03 -10.78
N TYR A 302 18.03 16.87 -11.20
CA TYR A 302 17.00 16.76 -12.24
C TYR A 302 15.97 15.75 -11.74
N PRO A 303 14.97 16.23 -10.97
CA PRO A 303 13.94 15.40 -10.36
C PRO A 303 13.32 14.43 -11.35
N LEU A 304 13.10 13.20 -10.90
CA LEU A 304 12.56 12.16 -11.76
C LEU A 304 11.08 11.92 -11.49
N VAL A 305 10.59 12.44 -10.36
CA VAL A 305 9.18 12.30 -9.98
C VAL A 305 8.58 13.67 -9.71
N ASP A 306 7.34 13.83 -10.17
CA ASP A 306 6.59 15.07 -10.02
C ASP A 306 5.58 14.75 -8.92
N GLY A 307 5.78 15.35 -7.75
CA GLY A 307 4.94 15.07 -6.60
C GLY A 307 3.90 16.12 -6.25
N GLN A 308 2.75 15.65 -5.79
CA GLN A 308 1.66 16.52 -5.36
C GLN A 308 1.45 16.31 -3.85
N GLY A 309 1.51 17.41 -3.09
CA GLY A 309 1.33 17.34 -1.64
C GLY A 309 2.64 17.46 -0.88
N ASN A 310 2.63 17.08 0.39
CA ASN A 310 3.80 17.16 1.26
C ASN A 310 4.84 16.10 0.93
N PHE A 311 5.94 16.52 0.30
CA PHE A 311 7.03 15.61 -0.06
C PHE A 311 8.33 15.85 0.70
N GLY A 312 8.22 16.43 1.90
CA GLY A 312 9.38 16.68 2.74
C GLY A 312 10.06 18.02 2.51
N SER A 313 11.05 18.34 3.35
CA SER A 313 11.76 19.61 3.25
C SER A 313 13.25 19.43 3.52
N MET A 314 13.99 20.53 3.39
CA MET A 314 15.43 20.57 3.65
C MET A 314 15.72 20.46 5.14
N ASP A 315 14.67 20.60 5.96
CA ASP A 315 14.81 20.48 7.41
C ASP A 315 14.67 19.04 7.91
N GLY A 316 14.63 18.08 6.99
CA GLY A 316 14.56 16.67 7.38
C GLY A 316 13.16 16.17 7.67
N ASP A 317 12.16 17.01 7.40
CA ASP A 317 10.76 16.60 7.55
C ASP A 317 10.53 15.53 6.50
N GLY A 318 9.93 14.41 6.88
CA GLY A 318 9.64 13.40 5.88
C GLY A 318 8.42 13.82 5.08
N ALA A 319 8.08 13.04 4.06
CA ALA A 319 6.90 13.30 3.27
C ALA A 319 5.66 12.97 4.10
N ALA A 320 4.49 13.40 3.64
CA ALA A 320 3.25 13.05 4.30
C ALA A 320 3.04 11.56 4.06
N ALA A 321 2.24 10.91 4.92
CA ALA A 321 1.93 9.49 4.76
C ALA A 321 1.50 9.29 3.30
N MET A 322 1.84 8.15 2.71
N MET A 322 1.83 8.13 2.74
CA MET A 322 1.57 7.96 1.28
CA MET A 322 1.59 7.86 1.32
C MET A 322 0.11 7.97 0.85
C MET A 322 0.13 7.96 0.86
N ARG A 323 -0.82 7.77 1.79
CA ARG A 323 -2.25 7.84 1.44
C ARG A 323 -2.66 9.27 1.04
N PHE A 324 -1.95 10.26 1.57
CA PHE A 324 -2.20 11.67 1.24
C PHE A 324 -1.56 12.20 -0.04
N THR A 325 -0.48 11.59 -0.52
CA THR A 325 0.24 12.17 -1.68
C THR A 325 -0.05 11.52 -3.01
N GLU A 326 0.29 12.24 -4.07
CA GLU A 326 0.08 11.74 -5.42
C GLU A 326 1.35 12.00 -6.23
N ALA A 327 1.57 11.23 -7.29
CA ALA A 327 2.77 11.40 -8.09
C ALA A 327 2.59 11.03 -9.55
N ARG A 328 3.58 11.45 -10.34
CA ARG A 328 3.66 11.11 -11.76
C ARG A 328 5.09 11.38 -12.21
N MET A 329 5.41 10.96 -13.42
CA MET A 329 6.71 11.21 -14.02
C MET A 329 6.93 12.68 -14.33
N THR A 330 8.19 13.11 -14.28
CA THR A 330 8.55 14.45 -14.71
C THR A 330 8.81 14.30 -16.20
N LYS A 331 8.84 15.40 -16.94
CA LYS A 331 9.12 15.34 -18.38
C LYS A 331 10.49 14.70 -18.68
N ILE A 332 11.50 14.98 -17.84
CA ILE A 332 12.85 14.45 -18.11
C ILE A 332 12.92 12.94 -17.96
N THR A 333 12.07 12.39 -17.10
CA THR A 333 12.01 10.95 -16.88
C THR A 333 11.57 10.19 -18.13
N LEU A 334 10.74 10.84 -18.95
CA LEU A 334 10.34 10.23 -20.23
C LEU A 334 11.57 9.88 -21.07
N GLU A 335 12.64 10.67 -20.93
CA GLU A 335 13.90 10.43 -21.66
C GLU A 335 14.66 9.21 -21.11
N LEU A 336 14.44 8.90 -19.84
CA LEU A 336 15.04 7.70 -19.27
C LEU A 336 14.32 6.48 -19.85
N LEU A 337 13.02 6.61 -20.08
CA LEU A 337 12.23 5.50 -20.57
C LEU A 337 12.07 5.46 -22.09
N ARG A 338 12.46 6.51 -22.78
CA ARG A 338 12.29 6.60 -24.23
C ARG A 338 12.87 5.38 -24.99
N ASP A 339 12.05 4.77 -25.82
CA ASP A 339 12.44 3.61 -26.67
C ASP A 339 12.53 2.27 -25.94
N ILE A 340 12.05 2.22 -24.71
CA ILE A 340 12.10 0.99 -23.90
C ILE A 340 11.33 -0.17 -24.52
N ASN A 341 10.32 0.15 -25.32
CA ASN A 341 9.54 -0.89 -26.00
C ASN A 341 9.93 -1.03 -27.47
N LYS A 342 11.22 -0.85 -27.76
CA LYS A 342 11.71 -0.99 -29.12
C LYS A 342 12.92 -1.88 -29.06
N ASP A 343 12.84 -2.82 -28.13
CA ASP A 343 13.88 -3.81 -27.96
C ASP A 343 15.26 -3.15 -27.90
N THR A 344 15.38 -2.13 -27.05
CA THR A 344 16.64 -1.41 -26.86
C THR A 344 17.41 -1.95 -25.65
N ILE A 345 16.67 -2.52 -24.70
CA ILE A 345 17.25 -3.03 -23.45
C ILE A 345 16.71 -4.43 -23.15
N ASP A 346 17.50 -5.24 -22.46
CA ASP A 346 17.06 -6.58 -22.12
C ASP A 346 16.11 -6.64 -20.93
N PHE A 347 14.95 -7.26 -21.14
CA PHE A 347 14.01 -7.48 -20.06
C PHE A 347 14.39 -8.79 -19.36
N ILE A 348 14.04 -8.91 -18.09
CA ILE A 348 14.32 -10.13 -17.31
C ILE A 348 13.06 -10.53 -16.54
N ASP A 349 13.05 -11.76 -16.02
CA ASP A 349 11.92 -12.20 -15.20
C ASP A 349 11.97 -11.45 -13.87
N ASN A 350 10.81 -11.16 -13.28
CA ASN A 350 10.77 -10.52 -11.97
C ASN A 350 11.13 -11.55 -10.89
N TYR A 351 11.00 -11.18 -9.62
CA TYR A 351 11.36 -12.06 -8.50
C TYR A 351 10.56 -13.38 -8.41
N ASP A 352 9.33 -13.42 -8.90
CA ASP A 352 8.53 -14.65 -8.79
C ASP A 352 8.17 -15.30 -10.12
N GLY A 353 8.63 -14.72 -11.22
CA GLY A 353 8.35 -15.29 -12.54
C GLY A 353 7.01 -14.89 -13.14
N ASN A 354 6.22 -14.11 -12.41
CA ASN A 354 4.91 -13.68 -12.90
C ASN A 354 4.97 -12.40 -13.71
N GLU A 355 6.10 -11.69 -13.67
CA GLU A 355 6.20 -10.44 -14.42
C GLU A 355 7.53 -10.30 -15.14
N ARG A 356 7.63 -9.28 -15.99
CA ARG A 356 8.87 -8.97 -16.67
C ARG A 356 9.29 -7.56 -16.22
N GLU A 357 10.59 -7.33 -16.11
CA GLU A 357 11.07 -6.00 -15.75
C GLU A 357 12.35 -5.70 -16.51
N PRO A 358 12.67 -4.40 -16.68
CA PRO A 358 13.87 -4.07 -17.43
C PRO A 358 15.14 -4.24 -16.59
N SER A 359 16.20 -4.73 -17.20
CA SER A 359 17.48 -4.90 -16.49
C SER A 359 18.13 -3.54 -16.38
N VAL A 360 17.82 -2.66 -17.32
CA VAL A 360 18.39 -1.32 -17.36
C VAL A 360 17.45 -0.47 -18.21
N LEU A 361 17.46 0.84 -18.01
CA LEU A 361 16.61 1.72 -18.81
C LEU A 361 17.43 2.30 -19.95
N PRO A 362 16.77 2.70 -21.06
CA PRO A 362 17.47 3.30 -22.19
C PRO A 362 18.31 4.52 -21.78
N ALA A 363 17.79 5.33 -20.85
CA ALA A 363 18.50 6.50 -20.30
C ALA A 363 19.14 7.41 -21.36
N ARG A 364 18.29 8.18 -22.02
CA ARG A 364 18.74 9.05 -23.12
C ARG A 364 19.53 10.31 -22.67
N PHE A 365 19.70 10.49 -21.37
CA PHE A 365 20.60 11.52 -20.80
C PHE A 365 21.49 10.82 -19.75
N PRO A 366 22.74 11.31 -19.55
CA PRO A 366 23.66 10.63 -18.62
C PRO A 366 23.21 10.81 -17.17
N ASN A 367 22.25 9.99 -16.75
CA ASN A 367 21.65 10.09 -15.43
C ASN A 367 22.57 9.81 -14.22
N LEU A 368 23.48 8.85 -14.33
CA LEU A 368 24.39 8.55 -13.21
C LEU A 368 25.07 9.82 -12.73
N LEU A 369 25.70 10.54 -13.67
CA LEU A 369 26.43 11.76 -13.33
C LEU A 369 25.53 12.96 -13.11
N ALA A 370 24.40 13.05 -13.82
CA ALA A 370 23.50 14.21 -13.66
C ALA A 370 22.90 14.30 -12.26
N ASN A 371 22.32 13.20 -11.80
CA ASN A 371 21.68 13.15 -10.49
C ASN A 371 22.55 12.64 -9.36
N GLY A 372 23.63 11.95 -9.71
CA GLY A 372 24.53 11.42 -8.70
C GLY A 372 23.98 10.18 -8.01
N ALA A 373 24.64 9.76 -6.95
CA ALA A 373 24.23 8.60 -6.19
C ALA A 373 25.02 8.51 -4.87
N SER A 374 24.35 7.99 -3.86
CA SER A 374 24.92 7.78 -2.56
C SER A 374 24.43 6.40 -2.11
N GLY A 375 25.32 5.53 -1.64
CA GLY A 375 24.86 4.22 -1.21
C GLY A 375 25.84 3.47 -0.35
N ILE A 376 25.34 2.90 0.73
CA ILE A 376 26.17 2.11 1.64
C ILE A 376 25.88 0.65 1.31
N ALA A 377 26.88 -0.06 0.79
CA ALA A 377 26.69 -1.46 0.43
C ALA A 377 27.30 -2.34 1.52
N VAL A 378 28.05 -3.38 1.10
CA VAL A 378 28.78 -4.25 2.02
C VAL A 378 30.19 -4.38 1.44
N GLY A 379 31.21 -4.06 2.22
CA GLY A 379 32.58 -4.12 1.76
C GLY A 379 32.96 -2.87 0.98
N MET A 380 31.97 -2.05 0.66
CA MET A 380 32.18 -0.84 -0.10
C MET A 380 30.97 0.07 -0.03
N ALA A 381 31.11 1.28 -0.55
CA ALA A 381 30.04 2.27 -0.59
C ALA A 381 30.28 3.13 -1.82
N THR A 382 29.36 4.05 -2.10
CA THR A 382 29.52 4.95 -3.25
C THR A 382 29.03 6.37 -2.92
N ASN A 383 29.67 7.36 -3.52
CA ASN A 383 29.26 8.74 -3.31
C ASN A 383 29.65 9.49 -4.58
N ILE A 384 28.67 9.66 -5.47
CA ILE A 384 28.86 10.34 -6.73
C ILE A 384 28.05 11.62 -6.69
N PRO A 385 28.70 12.78 -6.88
CA PRO A 385 27.99 14.05 -6.84
C PRO A 385 27.22 14.29 -8.15
N PRO A 386 26.16 15.13 -8.09
CA PRO A 386 25.38 15.45 -9.28
C PRO A 386 26.14 16.45 -10.14
N HIS A 387 25.75 16.55 -11.42
CA HIS A 387 26.40 17.43 -12.39
C HIS A 387 25.40 18.20 -13.25
N ASN A 388 25.89 19.24 -13.92
CA ASN A 388 25.07 20.04 -14.82
C ASN A 388 24.88 19.30 -16.14
N LEU A 389 23.62 19.15 -16.57
CA LEU A 389 23.29 18.38 -17.77
C LEU A 389 23.89 18.94 -19.06
N THR A 390 23.92 20.26 -19.17
CA THR A 390 24.49 20.91 -20.36
C THR A 390 25.95 20.53 -20.43
N GLU A 391 26.67 20.72 -19.32
CA GLU A 391 28.09 20.38 -19.22
C GLU A 391 28.35 18.92 -19.52
N LEU A 392 27.53 18.03 -18.94
CA LEU A 392 27.72 16.59 -19.16
C LEU A 392 27.53 16.17 -20.61
N ILE A 393 26.48 16.67 -21.24
CA ILE A 393 26.19 16.31 -22.63
C ILE A 393 27.29 16.85 -23.54
N ASN A 394 27.75 18.08 -23.27
CA ASN A 394 28.86 18.64 -24.02
C ASN A 394 30.10 17.77 -23.89
N GLY A 395 30.32 17.23 -22.69
CA GLY A 395 31.44 16.32 -22.44
C GLY A 395 31.30 15.01 -23.20
N VAL A 396 30.07 14.48 -23.25
CA VAL A 396 29.81 13.26 -24.00
C VAL A 396 30.08 13.49 -25.50
N LEU A 397 29.64 14.62 -26.02
CA LEU A 397 29.84 14.97 -27.43
C LEU A 397 31.32 15.10 -27.77
N SER A 398 32.07 15.82 -26.93
CA SER A 398 33.52 15.97 -27.12
C SER A 398 34.20 14.60 -27.10
N LEU A 399 33.76 13.73 -26.20
CA LEU A 399 34.31 12.37 -26.12
C LEU A 399 34.01 11.57 -27.39
N SER A 400 32.79 11.73 -27.93
CA SER A 400 32.37 10.97 -29.10
C SER A 400 33.18 11.33 -30.35
N LYS A 401 33.83 12.49 -30.33
CA LYS A 401 34.64 12.95 -31.44
C LYS A 401 36.12 12.71 -31.18
N ASN A 402 36.45 12.22 -29.98
CA ASN A 402 37.83 11.96 -29.61
C ASN A 402 37.94 10.93 -28.48
N PRO A 403 38.11 9.65 -28.84
CA PRO A 403 38.25 8.58 -27.85
C PRO A 403 39.48 8.73 -26.97
N ASP A 404 40.44 9.53 -27.42
CA ASP A 404 41.67 9.73 -26.66
C ASP A 404 41.65 10.99 -25.81
N ILE A 405 40.48 11.62 -25.71
CA ILE A 405 40.33 12.84 -24.92
C ILE A 405 40.82 12.64 -23.47
N SER A 406 41.49 13.64 -22.92
CA SER A 406 42.02 13.56 -21.56
C SER A 406 40.99 14.08 -20.54
N ILE A 407 41.23 13.79 -19.27
CA ILE A 407 40.36 14.27 -18.19
C ILE A 407 40.37 15.79 -18.17
N ALA A 408 41.57 16.37 -18.33
CA ALA A 408 41.71 17.83 -18.33
C ALA A 408 40.88 18.48 -19.43
N GLU A 409 40.88 17.89 -20.62
CA GLU A 409 40.10 18.41 -21.74
C GLU A 409 38.61 18.19 -21.51
N LEU A 410 38.25 17.10 -20.84
CA LEU A 410 36.84 16.86 -20.49
C LEU A 410 36.37 17.91 -19.48
N MET A 411 37.28 18.35 -18.62
CA MET A 411 36.99 19.39 -17.64
C MET A 411 36.74 20.78 -18.23
N GLU A 412 37.05 20.95 -19.52
CA GLU A 412 36.76 22.22 -20.20
C GLU A 412 35.25 22.28 -20.45
N ASP A 413 34.61 21.11 -20.45
CA ASP A 413 33.15 21.01 -20.58
C ASP A 413 32.52 20.84 -19.20
N ILE A 414 33.02 19.88 -18.45
CA ILE A 414 32.50 19.56 -17.13
C ILE A 414 33.40 20.20 -16.08
N GLU A 415 32.99 21.38 -15.59
CA GLU A 415 33.77 22.13 -14.62
C GLU A 415 33.89 21.45 -13.27
N GLY A 416 32.84 20.73 -12.88
CA GLY A 416 32.80 20.06 -11.60
C GLY A 416 31.34 19.75 -11.27
N PRO A 417 31.09 19.26 -10.05
CA PRO A 417 29.72 18.95 -9.64
C PRO A 417 28.85 20.21 -9.67
N ASP A 418 27.54 20.00 -9.76
CA ASP A 418 26.57 21.08 -9.79
C ASP A 418 25.41 20.59 -8.92
N PHE A 419 25.36 21.10 -7.69
CA PHE A 419 24.37 20.63 -6.74
C PHE A 419 23.02 21.29 -6.93
N PRO A 420 21.94 20.55 -6.67
CA PRO A 420 20.60 21.14 -6.79
C PRO A 420 20.43 22.30 -5.80
N THR A 421 21.20 22.24 -4.72
CA THR A 421 21.18 23.25 -3.65
C THR A 421 22.14 24.40 -3.89
N ALA A 422 22.76 24.42 -5.07
CA ALA A 422 23.66 25.50 -5.46
C ALA A 422 24.89 25.61 -4.56
N GLY A 423 25.09 26.77 -3.95
CA GLY A 423 26.23 26.99 -3.06
C GLY A 423 27.55 27.18 -3.78
N LEU A 424 28.65 26.96 -3.06
CA LEU A 424 29.98 27.13 -3.64
C LEU A 424 30.87 25.91 -3.43
N ILE A 425 31.82 25.76 -4.33
CA ILE A 425 32.86 24.76 -4.21
C ILE A 425 34.18 25.53 -4.15
N LEU A 426 35.06 25.16 -3.23
CA LEU A 426 36.36 25.82 -3.06
C LEU A 426 37.49 25.14 -3.82
N GLY A 427 37.92 25.76 -4.91
CA GLY A 427 39.04 25.24 -5.70
C GLY A 427 38.68 24.08 -6.61
N LYS A 428 39.64 23.69 -7.45
CA LYS A 428 39.45 22.61 -8.41
C LYS A 428 40.35 21.41 -8.17
N SER A 429 41.17 21.45 -7.12
N SER A 429 41.17 21.46 -7.12
CA SER A 429 42.08 20.35 -6.84
CA SER A 429 42.08 20.37 -6.81
C SER A 429 41.34 19.08 -6.41
C SER A 429 41.37 19.09 -6.37
N GLY A 430 40.31 19.25 -5.58
CA GLY A 430 39.50 18.12 -5.12
C GLY A 430 38.72 17.56 -6.30
N ILE A 431 38.17 18.45 -7.13
CA ILE A 431 37.43 18.06 -8.33
C ILE A 431 38.33 17.27 -9.29
N ARG A 432 39.52 17.82 -9.57
CA ARG A 432 40.47 17.19 -10.49
C ARG A 432 40.82 15.76 -10.06
N ARG A 433 41.18 15.59 -8.79
N ARG A 433 41.18 15.63 -8.79
CA ARG A 433 41.55 14.26 -8.28
CA ARG A 433 41.53 14.33 -8.24
C ARG A 433 40.35 13.31 -8.32
C ARG A 433 40.36 13.35 -8.36
N ALA A 434 39.17 13.83 -8.02
CA ALA A 434 37.98 12.99 -8.10
C ALA A 434 37.75 12.51 -9.54
N TYR A 435 37.93 13.41 -10.51
CA TYR A 435 37.74 13.04 -11.91
C TYR A 435 38.83 12.14 -12.49
N GLU A 436 40.06 12.30 -12.00
N GLU A 436 40.05 12.30 -12.01
CA GLU A 436 41.20 11.50 -12.47
CA GLU A 436 41.16 11.47 -12.49
C GLU A 436 41.24 10.10 -11.87
C GLU A 436 41.09 10.06 -11.92
N THR A 437 40.79 9.97 -10.62
CA THR A 437 40.85 8.69 -9.90
C THR A 437 39.53 8.08 -9.44
N GLY A 438 38.47 8.89 -9.37
CA GLY A 438 37.19 8.42 -8.85
C GLY A 438 37.05 8.73 -7.37
N ARG A 439 38.12 9.25 -6.78
N ARG A 439 38.12 9.26 -6.78
CA ARG A 439 38.14 9.61 -5.36
CA ARG A 439 38.16 9.61 -5.36
C ARG A 439 38.75 10.99 -5.11
C ARG A 439 38.76 10.99 -5.10
N GLY A 440 38.14 11.74 -4.21
CA GLY A 440 38.63 13.06 -3.87
C GLY A 440 37.67 13.81 -2.98
N SER A 441 38.23 14.66 -2.13
CA SER A 441 37.44 15.47 -1.24
C SER A 441 37.12 16.80 -1.88
N ILE A 442 35.84 17.16 -1.92
CA ILE A 442 35.43 18.43 -2.47
C ILE A 442 34.77 19.29 -1.39
N GLN A 443 35.34 20.48 -1.16
CA GLN A 443 34.86 21.43 -0.15
C GLN A 443 33.67 22.25 -0.62
N MET A 444 32.53 22.03 0.02
CA MET A 444 31.31 22.76 -0.28
C MET A 444 31.13 23.84 0.76
N ARG A 445 30.81 25.03 0.28
CA ARG A 445 30.61 26.13 1.16
C ARG A 445 29.26 26.77 0.88
N SER A 446 28.58 27.19 1.94
CA SER A 446 27.30 27.88 1.83
C SER A 446 27.47 29.23 1.14
N ARG A 447 26.39 29.76 0.57
CA ARG A 447 26.44 31.09 0.00
C ARG A 447 26.02 32.07 1.11
N ALA A 448 26.95 32.91 1.55
CA ALA A 448 26.67 33.83 2.63
C ALA A 448 27.25 35.19 2.33
N VAL A 449 26.57 36.23 2.79
CA VAL A 449 27.03 37.60 2.63
C VAL A 449 26.94 38.32 3.96
N ILE A 450 27.65 39.42 4.07
CA ILE A 450 27.59 40.26 5.26
C ILE A 450 26.89 41.58 4.88
N GLU A 451 25.88 41.97 5.66
CA GLU A 451 25.14 43.20 5.38
C GLU A 451 24.75 43.94 6.67
N GLU A 452 24.48 45.23 6.53
CA GLU A 452 24.06 46.07 7.65
C GLU A 452 22.60 45.78 8.03
N ARG A 453 22.26 46.03 9.29
CA ARG A 453 20.89 45.84 9.78
C ARG A 453 20.40 47.05 10.57
N GLY A 454 21.13 48.15 10.49
CA GLY A 454 20.75 49.37 11.20
C GLY A 454 21.54 49.62 12.47
N GLY A 455 21.69 50.89 12.81
CA GLY A 455 22.43 51.32 14.00
C GLY A 455 23.89 50.88 14.04
N GLY A 456 24.51 50.82 12.88
CA GLY A 456 25.93 50.41 12.78
C GLY A 456 26.15 48.93 13.04
N ARG A 457 25.07 48.15 13.08
CA ARG A 457 25.19 46.72 13.31
C ARG A 457 25.09 45.90 12.02
N GLN A 458 25.62 44.68 12.06
CA GLN A 458 25.63 43.80 10.89
C GLN A 458 25.09 42.41 11.15
N ARG A 459 24.83 41.69 10.05
CA ARG A 459 24.38 40.32 10.13
C ARG A 459 24.95 39.53 8.95
N ILE A 460 25.03 38.21 9.14
CA ILE A 460 25.44 37.29 8.10
C ILE A 460 24.15 36.66 7.61
N VAL A 461 23.94 36.66 6.29
CA VAL A 461 22.74 36.07 5.69
C VAL A 461 23.13 34.92 4.76
N VAL A 462 22.62 33.72 5.05
CA VAL A 462 22.91 32.53 4.27
C VAL A 462 21.71 32.21 3.39
N THR A 463 21.92 32.09 2.08
CA THR A 463 20.82 31.85 1.14
C THR A 463 20.94 30.51 0.44
N GLU A 464 22.08 29.86 0.62
CA GLU A 464 22.28 28.57 0.00
C GLU A 464 23.13 27.74 0.95
N ILE A 465 22.87 26.44 1.02
CA ILE A 465 23.66 25.60 1.90
C ILE A 465 24.27 24.40 1.16
N PRO A 466 25.25 23.73 1.79
CA PRO A 466 25.86 22.60 1.08
C PRO A 466 24.88 21.47 0.83
N PHE A 467 25.20 20.66 -0.18
CA PHE A 467 24.38 19.53 -0.59
C PHE A 467 24.27 18.49 0.52
N GLN A 468 23.06 18.02 0.73
CA GLN A 468 22.77 16.98 1.74
C GLN A 468 22.88 17.44 3.19
N VAL A 469 23.02 18.74 3.40
CA VAL A 469 23.06 19.28 4.77
C VAL A 469 21.63 19.62 5.22
N ASN A 470 21.23 19.11 6.37
CA ASN A 470 19.91 19.38 6.92
C ASN A 470 19.95 20.78 7.54
N LYS A 471 19.20 21.72 6.96
CA LYS A 471 19.20 23.11 7.42
C LYS A 471 18.87 23.30 8.92
N ALA A 472 17.78 22.69 9.37
CA ALA A 472 17.38 22.78 10.79
C ALA A 472 18.52 22.29 11.69
N ARG A 473 19.16 21.20 11.29
CA ARG A 473 20.25 20.61 12.06
C ARG A 473 21.47 21.51 12.08
N MET A 474 21.79 22.11 10.93
CA MET A 474 22.92 23.04 10.82
C MET A 474 22.71 24.21 11.78
N ILE A 475 21.48 24.73 11.78
CA ILE A 475 21.10 25.83 12.68
C ILE A 475 21.23 25.42 14.15
N GLU A 476 20.79 24.21 14.49
CA GLU A 476 20.90 23.75 15.88
C GLU A 476 22.37 23.65 16.34
N LYS A 477 23.27 23.30 15.43
CA LYS A 477 24.68 23.20 15.74
C LYS A 477 25.28 24.58 15.97
N ILE A 478 24.82 25.57 15.22
CA ILE A 478 25.33 26.91 15.42
C ILE A 478 24.88 27.39 16.78
N ALA A 479 23.60 27.16 17.08
CA ALA A 479 23.02 27.54 18.37
C ALA A 479 23.75 26.86 19.52
N GLU A 480 24.17 25.61 19.31
CA GLU A 480 24.91 24.83 20.30
C GLU A 480 26.26 25.48 20.60
N LEU A 481 27.00 25.82 19.53
CA LEU A 481 28.30 26.49 19.64
C LEU A 481 28.22 27.76 20.47
N VAL A 482 27.18 28.56 20.20
CA VAL A 482 26.96 29.81 20.91
C VAL A 482 26.61 29.55 22.38
N ARG A 483 25.73 28.58 22.60
CA ARG A 483 25.26 28.22 23.93
C ARG A 483 26.36 27.63 24.80
N ASP A 484 27.36 27.02 24.16
CA ASP A 484 28.53 26.45 24.84
C ASP A 484 29.72 27.39 24.81
N LYS A 485 29.51 28.60 24.27
CA LYS A 485 30.51 29.65 24.22
C LYS A 485 31.77 29.23 23.47
N LYS A 486 31.57 28.39 22.46
CA LYS A 486 32.67 27.93 21.61
C LYS A 486 32.90 28.87 20.43
N ILE A 487 32.06 29.91 20.33
CA ILE A 487 32.21 30.93 19.30
C ILE A 487 31.72 32.27 19.84
N ASP A 488 32.47 33.33 19.55
CA ASP A 488 32.16 34.68 20.01
C ASP A 488 31.54 35.61 18.96
N GLY A 489 30.59 36.45 19.38
CA GLY A 489 30.05 37.49 18.51
C GLY A 489 28.64 37.39 17.96
N ILE A 490 27.97 36.27 18.21
CA ILE A 490 26.62 36.08 17.69
C ILE A 490 25.57 36.51 18.72
N THR A 491 24.60 37.31 18.29
CA THR A 491 23.56 37.81 19.18
C THR A 491 22.17 37.28 18.87
N ASP A 492 21.99 36.72 17.69
CA ASP A 492 20.70 36.14 17.31
C ASP A 492 20.88 35.19 16.14
N LEU A 493 19.98 34.22 16.03
CA LEU A 493 20.03 33.22 14.98
C LEU A 493 18.59 32.93 14.56
N ARG A 494 18.25 33.23 13.31
CA ARG A 494 16.89 33.01 12.84
C ARG A 494 16.81 32.34 11.46
N ASP A 495 15.84 31.45 11.30
CA ASP A 495 15.60 30.88 10.00
C ASP A 495 14.44 31.67 9.41
N GLU A 496 14.73 32.53 8.45
CA GLU A 496 13.69 33.33 7.80
C GLU A 496 13.31 32.75 6.43
N THR A 497 13.66 31.49 6.20
CA THR A 497 13.30 30.80 4.97
C THR A 497 11.79 30.79 4.76
N SER A 498 11.35 31.00 3.52
CA SER A 498 9.94 30.92 3.21
C SER A 498 9.78 30.66 1.73
N LEU A 499 8.58 30.29 1.30
CA LEU A 499 8.33 30.03 -0.12
C LEU A 499 8.56 31.25 -1.00
N ARG A 500 8.14 32.41 -0.50
CA ARG A 500 8.28 33.68 -1.21
C ARG A 500 9.72 34.21 -1.17
N THR A 501 10.32 34.12 0.02
CA THR A 501 11.68 34.59 0.25
C THR A 501 12.80 33.64 -0.18
N GLY A 502 12.52 32.33 -0.17
CA GLY A 502 13.56 31.34 -0.49
C GLY A 502 14.40 31.12 0.77
N VAL A 503 15.45 30.30 0.68
CA VAL A 503 16.29 30.01 1.84
C VAL A 503 16.94 31.28 2.41
N ARG A 504 16.74 31.55 3.70
CA ARG A 504 17.33 32.72 4.32
C ARG A 504 17.62 32.50 5.81
N VAL A 505 18.86 32.19 6.14
CA VAL A 505 19.25 31.99 7.54
C VAL A 505 20.02 33.23 7.96
N VAL A 506 19.58 33.86 9.04
CA VAL A 506 20.18 35.11 9.51
C VAL A 506 20.95 34.91 10.81
N ILE A 507 22.16 35.46 10.86
CA ILE A 507 23.02 35.38 12.02
C ILE A 507 23.44 36.80 12.39
N ASP A 508 22.82 37.36 13.43
CA ASP A 508 23.16 38.71 13.89
C ASP A 508 24.50 38.73 14.60
N VAL A 509 25.30 39.74 14.27
CA VAL A 509 26.62 39.89 14.83
C VAL A 509 26.62 41.08 15.81
N ARG A 510 27.35 40.91 16.91
CA ARG A 510 27.47 41.96 17.91
C ARG A 510 28.10 43.18 17.30
N LYS A 511 27.63 44.35 17.74
CA LYS A 511 28.11 45.65 17.25
C LYS A 511 29.61 45.75 17.46
N ASP A 512 30.33 46.20 16.44
CA ASP A 512 31.78 46.35 16.51
C ASP A 512 32.58 45.05 16.36
N ALA A 513 31.90 43.90 16.38
CA ALA A 513 32.57 42.61 16.17
C ALA A 513 32.78 42.39 14.66
N ASN A 514 33.90 41.78 14.29
CA ASN A 514 34.22 41.52 12.90
C ASN A 514 33.37 40.36 12.36
N ALA A 515 32.43 40.66 11.46
CA ALA A 515 31.52 39.65 10.90
C ALA A 515 32.22 38.58 10.06
N SER A 516 33.29 38.95 9.38
CA SER A 516 34.02 38.01 8.53
C SER A 516 34.78 36.96 9.34
N VAL A 517 35.30 37.37 10.50
CA VAL A 517 35.99 36.44 11.40
C VAL A 517 34.98 35.41 11.90
N ILE A 518 33.82 35.89 12.31
CA ILE A 518 32.74 35.04 12.77
C ILE A 518 32.32 34.06 11.67
N LEU A 519 32.12 34.58 10.45
CA LEU A 519 31.74 33.75 9.30
C LEU A 519 32.79 32.65 9.07
N ASN A 520 34.08 33.02 9.11
CA ASN A 520 35.14 32.02 8.94
C ASN A 520 35.11 30.96 10.02
N ASN A 521 34.87 31.39 11.26
CA ASN A 521 34.72 30.46 12.37
C ASN A 521 33.54 29.52 12.16
N LEU A 522 32.42 30.07 11.68
CA LEU A 522 31.25 29.25 11.36
C LEU A 522 31.61 28.20 10.30
N TYR A 523 32.34 28.56 9.25
CA TYR A 523 32.68 27.52 8.29
C TYR A 523 33.46 26.35 8.92
N LYS A 524 34.48 26.68 9.71
N LYS A 524 34.49 26.69 9.70
CA LYS A 524 35.34 25.68 10.35
CA LYS A 524 35.35 25.70 10.35
C LYS A 524 34.61 24.81 11.38
C LYS A 524 34.64 24.84 11.39
N GLN A 525 33.75 25.45 12.17
CA GLN A 525 33.05 24.76 13.28
C GLN A 525 31.67 24.18 13.03
N THR A 526 31.04 24.48 11.90
CA THR A 526 29.70 23.97 11.63
C THR A 526 29.61 23.42 10.21
N PRO A 527 28.48 22.78 9.87
CA PRO A 527 28.29 22.26 8.53
C PRO A 527 28.04 23.37 7.49
N LEU A 528 28.23 24.63 7.89
CA LEU A 528 28.06 25.76 6.96
C LEU A 528 29.03 25.52 5.81
N GLN A 529 30.14 24.85 6.13
CA GLN A 529 31.13 24.36 5.17
C GLN A 529 31.18 22.85 5.41
N THR A 530 30.97 22.08 4.36
CA THR A 530 30.96 20.62 4.45
C THR A 530 31.71 20.03 3.26
N SER A 531 32.37 18.90 3.50
CA SER A 531 33.11 18.23 2.46
C SER A 531 32.26 17.17 1.74
N PHE A 532 32.41 17.05 0.43
CA PHE A 532 31.77 15.95 -0.29
C PHE A 532 32.87 14.95 -0.65
N GLY A 533 32.85 13.79 -0.02
CA GLY A 533 33.87 12.76 -0.27
C GLY A 533 33.50 11.88 -1.44
N VAL A 534 34.02 12.22 -2.61
CA VAL A 534 33.75 11.48 -3.85
C VAL A 534 34.35 10.07 -3.82
N ASN A 535 33.52 9.09 -4.19
CA ASN A 535 33.90 7.69 -4.18
C ASN A 535 33.06 7.07 -5.28
N MET A 536 33.49 7.25 -6.52
CA MET A 536 32.67 6.85 -7.68
C MET A 536 32.64 5.36 -8.00
N ILE A 537 31.83 4.63 -7.24
CA ILE A 537 31.65 3.20 -7.48
C ILE A 537 30.28 2.95 -8.11
N ALA A 538 30.28 2.21 -9.21
CA ALA A 538 29.04 1.87 -9.90
C ALA A 538 29.16 0.49 -10.49
N LEU A 539 28.03 -0.10 -10.88
CA LEU A 539 28.04 -1.42 -11.47
C LEU A 539 28.38 -1.34 -12.96
N VAL A 540 29.46 -2.00 -13.34
CA VAL A 540 29.92 -2.07 -14.72
C VAL A 540 29.89 -3.55 -15.07
N ASN A 541 29.04 -3.92 -16.04
CA ASN A 541 28.84 -5.32 -16.40
C ASN A 541 28.42 -6.14 -15.17
N GLY A 542 27.56 -5.55 -14.34
CA GLY A 542 27.05 -6.22 -13.14
C GLY A 542 28.03 -6.43 -12.00
N ARG A 543 29.17 -5.75 -12.06
CA ARG A 543 30.19 -5.85 -10.99
C ARG A 543 30.56 -4.46 -10.52
N PRO A 544 30.83 -4.31 -9.22
CA PRO A 544 31.18 -3.01 -8.68
C PRO A 544 32.56 -2.58 -9.13
N LYS A 545 32.68 -1.33 -9.55
CA LYS A 545 33.96 -0.83 -10.01
C LYS A 545 34.12 0.65 -9.70
N LEU A 546 35.29 1.03 -9.24
CA LEU A 546 35.63 2.42 -8.98
C LEU A 546 36.03 3.02 -10.33
N ILE A 547 35.35 4.08 -10.75
CA ILE A 547 35.64 4.65 -12.06
C ILE A 547 35.96 6.14 -11.99
N ASN A 548 36.75 6.62 -12.96
CA ASN A 548 37.04 8.04 -13.03
C ASN A 548 36.01 8.70 -13.96
N LEU A 549 36.13 9.99 -14.21
CA LEU A 549 35.15 10.70 -15.03
C LEU A 549 35.02 10.14 -16.46
N LYS A 550 36.15 9.91 -17.12
CA LYS A 550 36.14 9.43 -18.49
C LYS A 550 35.49 8.06 -18.64
N GLU A 551 35.89 7.13 -17.78
N GLU A 551 35.86 7.13 -17.79
CA GLU A 551 35.32 5.78 -17.79
CA GLU A 551 35.31 5.79 -17.84
C GLU A 551 33.81 5.80 -17.70
C GLU A 551 33.78 5.82 -17.71
N ALA A 552 33.29 6.67 -16.82
CA ALA A 552 31.85 6.84 -16.61
C ALA A 552 31.18 7.32 -17.90
N LEU A 553 31.79 8.29 -18.55
CA LEU A 553 31.27 8.84 -19.80
C LEU A 553 31.34 7.83 -20.95
N VAL A 554 32.43 7.05 -21.00
CA VAL A 554 32.63 6.02 -22.03
C VAL A 554 31.56 4.92 -21.94
N HIS A 555 31.33 4.41 -20.72
CA HIS A 555 30.29 3.40 -20.54
C HIS A 555 28.91 3.95 -20.90
N TYR A 556 28.69 5.22 -20.60
CA TYR A 556 27.40 5.83 -20.93
C TYR A 556 27.20 5.96 -22.43
N LEU A 557 28.21 6.46 -23.13
CA LEU A 557 28.16 6.63 -24.58
C LEU A 557 27.97 5.28 -25.28
N GLU A 558 28.65 4.26 -24.78
CA GLU A 558 28.58 2.93 -25.34
C GLU A 558 27.15 2.36 -25.18
N HIS A 559 26.50 2.73 -24.09
CA HIS A 559 25.11 2.31 -23.84
C HIS A 559 24.17 2.98 -24.86
N GLN A 560 24.42 4.25 -25.14
CA GLN A 560 23.61 5.00 -26.11
C GLN A 560 23.75 4.47 -27.54
N LYS A 561 24.97 4.11 -27.91
CA LYS A 561 25.21 3.55 -29.23
C LYS A 561 24.41 2.24 -29.38
N THR A 562 24.48 1.39 -28.36
CA THR A 562 23.76 0.12 -28.35
C THR A 562 22.23 0.33 -28.36
N VAL A 563 21.77 1.29 -27.56
CA VAL A 563 20.34 1.61 -27.52
C VAL A 563 19.84 2.10 -28.89
N VAL A 564 20.53 3.07 -29.48
CA VAL A 564 20.14 3.61 -30.79
C VAL A 564 20.26 2.55 -31.89
N ARG A 565 21.29 1.72 -31.83
CA ARG A 565 21.47 0.65 -32.81
C ARG A 565 20.32 -0.37 -32.74
N ARG A 566 20.03 -0.86 -31.53
CA ARG A 566 18.95 -1.82 -31.32
C ARG A 566 17.57 -1.27 -31.69
N ARG A 567 17.38 0.04 -31.49
CA ARG A 567 16.13 0.69 -31.83
C ARG A 567 15.96 0.71 -33.36
N THR A 568 17.06 1.00 -34.04
CA THR A 568 17.06 1.06 -35.51
C THR A 568 16.75 -0.34 -36.07
N GLN A 569 17.38 -1.36 -35.48
CA GLN A 569 17.16 -2.74 -35.88
C GLN A 569 15.71 -3.18 -35.63
N TYR A 570 15.16 -2.75 -34.49
CA TYR A 570 13.77 -3.06 -34.14
C TYR A 570 12.83 -2.41 -35.15
N ASN A 571 13.06 -1.14 -35.42
CA ASN A 571 12.24 -0.40 -36.39
C ASN A 571 12.32 -1.00 -37.79
N LEU A 572 13.47 -1.60 -38.09
CA LEU A 572 13.67 -2.24 -39.38
C LEU A 572 12.86 -3.56 -39.52
N ARG A 573 12.92 -4.42 -38.48
CA ARG A 573 12.19 -5.69 -38.51
C ARG A 573 10.72 -5.38 -38.59
N LYS A 574 10.30 -4.37 -37.82
CA LYS A 574 8.92 -3.92 -37.75
C LYS A 574 8.42 -3.42 -39.12
N ALA A 575 9.23 -2.60 -39.78
CA ALA A 575 8.89 -2.05 -41.09
C ALA A 575 8.83 -3.14 -42.18
N LYS A 576 9.75 -4.10 -42.13
CA LYS A 576 9.76 -5.22 -43.09
C LYS A 576 8.56 -6.14 -42.88
N ASP A 577 8.19 -6.37 -41.62
CA ASP A 577 7.00 -7.14 -41.34
C ASP A 577 5.76 -6.45 -41.93
N ARG A 578 5.67 -5.14 -41.76
CA ARG A 578 4.54 -4.36 -42.25
C ARG A 578 4.53 -4.30 -43.79
N ALA A 579 5.71 -4.16 -44.39
CA ALA A 579 5.81 -4.16 -45.85
C ALA A 579 5.27 -5.48 -46.40
N HIS A 580 5.59 -6.59 -45.73
CA HIS A 580 5.14 -7.92 -46.10
C HIS A 580 3.62 -8.07 -45.99
N ILE A 581 3.04 -7.49 -44.95
CA ILE A 581 1.58 -7.54 -44.78
C ILE A 581 0.89 -6.76 -45.89
N LEU A 582 1.43 -5.58 -46.20
CA LEU A 582 0.87 -4.74 -47.25
C LEU A 582 0.92 -5.40 -48.63
N GLU A 583 1.96 -6.20 -48.87
CA GLU A 583 2.08 -6.95 -50.13
C GLU A 583 0.93 -7.94 -50.23
N GLY A 584 0.54 -8.52 -49.09
CA GLY A 584 -0.59 -9.45 -49.03
C GLY A 584 -1.91 -8.71 -49.16
N LEU A 585 -2.00 -7.51 -48.58
CA LEU A 585 -3.22 -6.72 -48.70
C LEU A 585 -3.44 -6.15 -50.11
N ARG A 586 -2.36 -5.87 -50.84
N ARG A 586 -2.36 -5.86 -50.83
CA ARG A 586 -2.45 -5.36 -52.20
CA ARG A 586 -2.46 -5.37 -52.21
C ARG A 586 -3.03 -6.43 -53.13
C ARG A 586 -3.11 -6.45 -53.07
N ILE A 587 -2.56 -7.66 -52.98
CA ILE A 587 -3.03 -8.81 -53.73
C ILE A 587 -4.50 -9.09 -53.43
N ALA A 588 -4.88 -9.00 -52.14
CA ALA A 588 -6.26 -9.22 -51.75
C ALA A 588 -7.20 -8.20 -52.41
N LEU A 589 -6.87 -6.92 -52.32
CA LEU A 589 -7.71 -5.89 -52.91
C LEU A 589 -7.74 -5.93 -54.45
N ASP A 590 -6.60 -6.31 -55.06
CA ASP A 590 -6.51 -6.43 -56.52
C ASP A 590 -7.32 -7.61 -57.04
N HIS A 591 -7.60 -8.59 -56.19
CA HIS A 591 -8.36 -9.77 -56.57
C HIS A 591 -9.45 -10.02 -55.52
N ILE A 592 -10.09 -8.95 -55.05
CA ILE A 592 -11.04 -9.06 -53.96
C ILE A 592 -12.22 -10.01 -54.19
N ASP A 593 -12.80 -10.00 -55.39
CA ASP A 593 -13.93 -10.89 -55.68
C ASP A 593 -13.56 -12.35 -55.53
N GLU A 594 -12.37 -12.72 -56.01
N GLU A 594 -12.37 -12.73 -56.01
CA GLU A 594 -11.88 -14.11 -55.92
CA GLU A 594 -11.89 -14.12 -55.91
C GLU A 594 -11.45 -14.45 -54.50
C GLU A 594 -11.47 -14.45 -54.48
N ILE A 595 -10.99 -13.43 -53.76
CA ILE A 595 -10.62 -13.59 -52.35
C ILE A 595 -11.90 -13.91 -51.55
N ILE A 596 -12.94 -13.10 -51.77
CA ILE A 596 -14.21 -13.29 -51.06
C ILE A 596 -14.84 -14.64 -51.37
N SER A 597 -14.87 -15.02 -52.65
CA SER A 597 -15.47 -16.30 -53.05
C SER A 597 -14.70 -17.48 -52.44
N THR A 598 -13.38 -17.34 -52.35
CA THR A 598 -12.53 -18.35 -51.74
C THR A 598 -12.89 -18.55 -50.27
N ILE A 599 -13.10 -17.45 -49.56
CA ILE A 599 -13.45 -17.51 -48.14
C ILE A 599 -14.86 -18.11 -47.93
N ARG A 600 -15.81 -17.66 -48.74
CA ARG A 600 -17.20 -18.11 -48.65
C ARG A 600 -17.39 -19.59 -48.88
N GLU A 601 -16.59 -20.16 -49.80
CA GLU A 601 -16.67 -21.58 -50.11
C GLU A 601 -15.96 -22.42 -49.05
N SER A 602 -15.26 -21.77 -48.14
CA SER A 602 -14.52 -22.48 -47.09
C SER A 602 -15.37 -22.69 -45.84
N ASP A 603 -15.37 -23.91 -45.32
N ASP A 603 -15.38 -23.90 -45.31
CA ASP A 603 -16.13 -24.23 -44.12
CA ASP A 603 -16.16 -24.20 -44.11
C ASP A 603 -15.46 -23.72 -42.85
C ASP A 603 -15.46 -23.69 -42.85
N THR A 604 -14.14 -23.83 -42.79
CA THR A 604 -13.42 -23.37 -41.61
C THR A 604 -12.38 -22.33 -41.96
N ASP A 605 -11.79 -21.72 -40.93
CA ASP A 605 -10.72 -20.75 -41.13
C ASP A 605 -9.48 -21.44 -41.70
N LYS A 606 -9.17 -22.62 -41.18
N LYS A 606 -9.15 -22.60 -41.17
CA LYS A 606 -8.02 -23.39 -41.63
CA LYS A 606 -7.99 -23.37 -41.65
C LYS A 606 -8.06 -23.63 -43.14
C LYS A 606 -8.05 -23.65 -43.14
N VAL A 607 -9.24 -23.97 -43.64
CA VAL A 607 -9.41 -24.24 -45.07
C VAL A 607 -9.28 -22.94 -45.87
N ALA A 608 -9.83 -21.86 -45.32
CA ALA A 608 -9.76 -20.55 -45.97
C ALA A 608 -8.30 -20.13 -46.08
N MET A 609 -7.64 -20.10 -44.93
CA MET A 609 -6.22 -19.78 -44.89
C MET A 609 -5.44 -20.60 -45.91
N GLU A 610 -5.50 -21.93 -45.79
N GLU A 610 -5.52 -21.92 -45.79
CA GLU A 610 -4.75 -22.79 -46.70
CA GLU A 610 -4.78 -22.79 -46.67
C GLU A 610 -5.06 -22.47 -48.15
C GLU A 610 -5.07 -22.53 -48.14
N SER A 611 -6.34 -22.22 -48.45
CA SER A 611 -6.74 -21.95 -49.84
C SER A 611 -6.25 -20.61 -50.35
N LEU A 612 -6.23 -19.62 -49.45
CA LEU A 612 -5.74 -18.29 -49.80
C LEU A 612 -4.23 -18.33 -50.06
N GLN A 613 -3.50 -19.09 -49.25
CA GLN A 613 -2.04 -19.21 -49.41
C GLN A 613 -1.64 -19.80 -50.76
N GLN A 614 -2.21 -20.94 -51.15
CA GLN A 614 -1.87 -21.55 -52.44
C GLN A 614 -2.38 -20.72 -53.62
N ARG A 615 -3.66 -20.44 -53.63
CA ARG A 615 -4.25 -19.75 -54.76
C ARG A 615 -3.59 -18.41 -55.07
N PHE A 616 -3.26 -17.63 -54.05
CA PHE A 616 -2.71 -16.30 -54.29
C PHE A 616 -1.24 -16.12 -53.94
N LYS A 617 -0.54 -17.22 -53.63
CA LYS A 617 0.89 -17.18 -53.29
C LYS A 617 1.14 -16.30 -52.07
N LEU A 618 0.45 -16.59 -50.98
CA LEU A 618 0.56 -15.79 -49.76
C LEU A 618 1.16 -16.57 -48.62
N SER A 619 1.82 -15.86 -47.70
CA SER A 619 2.36 -16.50 -46.50
C SER A 619 1.22 -16.69 -45.52
N GLU A 620 1.52 -17.35 -44.40
CA GLU A 620 0.53 -17.57 -43.37
C GLU A 620 0.10 -16.23 -42.76
N LYS A 621 1.06 -15.34 -42.54
CA LYS A 621 0.79 -14.01 -41.98
C LYS A 621 -0.05 -13.12 -42.92
N GLN A 622 0.19 -13.23 -44.22
CA GLN A 622 -0.57 -12.44 -45.18
C GLN A 622 -2.02 -12.92 -45.25
N ALA A 623 -2.22 -14.24 -45.31
CA ALA A 623 -3.56 -14.81 -45.39
C ALA A 623 -4.38 -14.49 -44.14
N GLN A 624 -3.72 -14.53 -42.98
CA GLN A 624 -4.39 -14.23 -41.72
C GLN A 624 -4.80 -12.75 -41.68
N ALA A 625 -3.94 -11.86 -42.17
CA ALA A 625 -4.23 -10.44 -42.18
C ALA A 625 -5.42 -10.16 -43.10
N ILE A 626 -5.52 -10.94 -44.17
CA ILE A 626 -6.63 -10.82 -45.11
C ILE A 626 -7.94 -11.22 -44.43
N LEU A 627 -7.91 -12.34 -43.71
CA LEU A 627 -9.08 -12.84 -42.99
C LEU A 627 -9.48 -11.89 -41.86
N ASP A 628 -8.53 -11.15 -41.32
CA ASP A 628 -8.82 -10.21 -40.25
C ASP A 628 -9.32 -8.85 -40.75
N MET A 629 -9.28 -8.66 -42.06
CA MET A 629 -9.68 -7.39 -42.65
C MET A 629 -11.19 -7.16 -42.48
N ARG A 630 -11.55 -5.95 -42.06
CA ARG A 630 -12.97 -5.59 -41.89
C ARG A 630 -13.52 -5.12 -43.24
N LEU A 631 -14.82 -5.30 -43.45
CA LEU A 631 -15.43 -4.89 -44.70
C LEU A 631 -15.16 -3.44 -45.05
N ARG A 632 -15.05 -2.57 -44.05
CA ARG A 632 -14.80 -1.14 -44.29
C ARG A 632 -13.45 -0.86 -44.98
N ARG A 633 -12.51 -1.81 -44.93
CA ARG A 633 -11.22 -1.66 -45.62
C ARG A 633 -11.40 -1.75 -47.13
N LEU A 634 -12.60 -2.10 -47.60
CA LEU A 634 -12.84 -2.27 -49.03
C LEU A 634 -13.33 -1.01 -49.72
N THR A 635 -13.42 0.10 -48.98
CA THR A 635 -13.85 1.36 -49.57
C THR A 635 -12.92 1.76 -50.73
N GLY A 636 -13.44 2.57 -51.63
CA GLY A 636 -12.76 2.93 -52.87
C GLY A 636 -11.32 3.40 -52.82
N LEU A 637 -10.94 4.09 -51.76
CA LEU A 637 -9.59 4.65 -51.70
C LEU A 637 -8.53 3.80 -50.99
N GLU A 638 -8.96 2.74 -50.30
CA GLU A 638 -8.01 1.93 -49.57
C GLU A 638 -6.83 1.45 -50.40
N ARG A 639 -7.10 1.00 -51.63
CA ARG A 639 -6.03 0.49 -52.48
C ARG A 639 -4.91 1.52 -52.69
N ASP A 640 -5.29 2.79 -52.81
CA ASP A 640 -4.32 3.89 -52.98
C ASP A 640 -3.62 4.19 -51.67
N LYS A 641 -4.37 4.06 -50.59
CA LYS A 641 -3.83 4.30 -49.26
C LYS A 641 -2.79 3.22 -48.92
N ILE A 642 -3.05 1.99 -49.32
CA ILE A 642 -2.11 0.91 -49.09
C ILE A 642 -0.78 1.09 -49.84
N GLU A 643 -0.84 1.51 -51.11
N GLU A 643 -0.84 1.47 -51.12
CA GLU A 643 0.37 1.70 -51.92
CA GLU A 643 0.39 1.70 -51.89
C GLU A 643 1.10 2.99 -51.53
C GLU A 643 1.13 2.95 -51.46
N ALA A 644 0.41 3.88 -50.84
CA ALA A 644 1.02 5.11 -50.38
C ALA A 644 1.88 4.75 -49.16
N GLU A 645 1.32 3.94 -48.26
CA GLU A 645 2.04 3.52 -47.07
C GLU A 645 3.21 2.61 -47.45
N TYR A 646 2.97 1.76 -48.45
CA TYR A 646 4.00 0.83 -48.92
C TYR A 646 5.20 1.58 -49.50
N ASN A 647 4.94 2.61 -50.30
CA ASN A 647 6.02 3.41 -50.87
C ASN A 647 6.82 4.14 -49.78
N GLU A 648 6.12 4.66 -48.77
CA GLU A 648 6.75 5.36 -47.64
C GLU A 648 7.55 4.37 -46.80
N LEU A 649 7.02 3.17 -46.62
CA LEU A 649 7.75 2.15 -45.90
C LEU A 649 9.08 1.85 -46.54
N LEU A 650 9.04 1.44 -47.82
CA LEU A 650 10.25 1.12 -48.58
C LEU A 650 11.32 2.21 -48.41
N ASN A 651 10.89 3.46 -48.47
N ASN A 651 10.89 3.46 -48.48
CA ASN A 651 11.80 4.57 -48.25
CA ASN A 651 11.80 4.57 -48.26
C ASN A 651 12.38 4.45 -46.84
C ASN A 651 12.37 4.45 -46.86
N TYR A 652 11.47 4.36 -45.87
CA TYR A 652 11.85 4.27 -44.46
C TYR A 652 12.83 3.12 -44.21
N ILE A 653 12.60 1.99 -44.86
CA ILE A 653 13.47 0.82 -44.74
C ILE A 653 14.88 1.15 -45.20
N SER A 654 14.98 1.86 -46.32
CA SER A 654 16.24 2.31 -46.88
C SER A 654 16.98 3.23 -45.90
N GLU A 655 16.25 4.17 -45.31
CA GLU A 655 16.84 5.11 -44.34
C GLU A 655 17.41 4.40 -43.11
N LEU A 656 16.73 3.33 -42.68
CA LEU A 656 17.16 2.56 -41.53
C LEU A 656 18.40 1.74 -41.86
N GLU A 657 18.40 1.14 -43.05
CA GLU A 657 19.52 0.33 -43.50
C GLU A 657 20.78 1.18 -43.68
N THR A 658 20.58 2.44 -44.05
CA THR A 658 21.66 3.40 -44.21
C THR A 658 22.38 3.68 -42.88
N ILE A 659 21.62 3.74 -41.81
CA ILE A 659 22.16 3.98 -40.47
C ILE A 659 22.98 2.79 -39.99
N LEU A 660 22.42 1.59 -40.13
CA LEU A 660 23.07 0.37 -39.67
C LEU A 660 24.30 -0.04 -40.49
N ALA A 661 24.44 0.53 -41.68
CA ALA A 661 25.56 0.19 -42.55
C ALA A 661 26.76 1.11 -42.34
N ASP A 662 26.55 2.23 -41.64
CA ASP A 662 27.62 3.18 -41.40
C ASP A 662 27.67 3.58 -39.91
N GLU A 663 28.70 3.14 -39.23
CA GLU A 663 28.86 3.42 -37.81
C GLU A 663 28.99 4.90 -37.49
N GLU A 664 29.48 5.69 -38.43
CA GLU A 664 29.59 7.13 -38.23
C GLU A 664 28.21 7.80 -38.31
N VAL A 665 27.33 7.25 -39.15
CA VAL A 665 25.97 7.79 -39.25
C VAL A 665 25.22 7.45 -37.97
N LEU A 666 25.46 6.26 -37.43
CA LEU A 666 24.83 5.85 -36.17
C LEU A 666 25.28 6.76 -35.03
N LEU A 667 26.58 7.02 -34.96
CA LEU A 667 27.14 7.86 -33.92
C LEU A 667 26.66 9.30 -34.01
N GLN A 668 26.55 9.81 -35.24
CA GLN A 668 26.09 11.18 -35.43
C GLN A 668 24.64 11.32 -34.96
N LEU A 669 23.85 10.27 -35.19
CA LEU A 669 22.47 10.23 -34.76
C LEU A 669 22.41 10.30 -33.22
N VAL A 670 23.29 9.55 -32.55
CA VAL A 670 23.39 9.61 -31.10
C VAL A 670 23.71 11.05 -30.67
N ARG A 671 24.65 11.70 -31.37
CA ARG A 671 25.03 13.08 -31.05
C ARG A 671 23.86 14.04 -31.19
N ASP A 672 23.11 13.87 -32.28
CA ASP A 672 21.93 14.71 -32.58
C ASP A 672 20.83 14.56 -31.53
N GLU A 673 20.58 13.32 -31.13
CA GLU A 673 19.53 13.07 -30.12
C GLU A 673 19.93 13.64 -28.76
N LEU A 674 21.21 13.49 -28.40
CA LEU A 674 21.74 14.05 -27.15
C LEU A 674 21.69 15.58 -27.14
N THR A 675 22.05 16.18 -28.28
CA THR A 675 22.04 17.63 -28.43
C THR A 675 20.61 18.14 -28.27
N GLU A 676 19.65 17.39 -28.80
CA GLU A 676 18.25 17.77 -28.68
C GLU A 676 17.86 17.73 -27.20
N ILE A 677 18.32 16.70 -26.48
CA ILE A 677 18.06 16.60 -25.04
C ILE A 677 18.71 17.79 -24.34
N ARG A 678 19.99 18.03 -24.64
CA ARG A 678 20.68 19.18 -24.06
C ARG A 678 19.90 20.49 -24.20
N ASP A 679 19.44 20.78 -25.42
CA ASP A 679 18.70 22.03 -25.74
C ASP A 679 17.36 22.16 -25.04
N ARG A 680 16.68 21.03 -24.83
CA ARG A 680 15.38 21.05 -24.18
C ARG A 680 15.46 21.00 -22.66
N PHE A 681 16.38 20.20 -22.11
CA PHE A 681 16.49 20.05 -20.66
C PHE A 681 17.71 20.68 -20.00
N GLY A 682 18.70 21.08 -20.79
CA GLY A 682 19.90 21.72 -20.27
C GLY A 682 19.61 23.02 -19.55
N ASP A 683 20.25 23.25 -18.40
CA ASP A 683 20.01 24.46 -17.63
C ASP A 683 21.31 25.11 -17.15
N ASP A 684 21.18 26.25 -16.48
CA ASP A 684 22.36 26.97 -15.99
C ASP A 684 22.98 26.26 -14.82
N ARG A 685 24.26 26.55 -14.60
CA ARG A 685 24.99 26.04 -13.47
C ARG A 685 24.52 26.77 -12.22
N ARG A 686 24.33 26.01 -11.14
CA ARG A 686 23.90 26.56 -9.86
C ARG A 686 25.06 26.75 -8.89
N THR A 687 25.90 25.72 -8.75
CA THR A 687 27.03 25.77 -7.83
C THR A 687 28.21 26.56 -8.40
N GLU A 688 28.66 27.58 -7.68
CA GLU A 688 29.79 28.37 -8.14
C GLU A 688 31.10 27.75 -7.67
N ILE A 689 32.01 27.49 -8.62
CA ILE A 689 33.31 26.96 -8.28
C ILE A 689 34.28 28.14 -8.18
N GLN A 690 34.64 28.51 -6.95
CA GLN A 690 35.57 29.63 -6.75
C GLN A 690 36.98 29.13 -6.60
N LEU A 691 37.91 29.80 -7.24
CA LEU A 691 39.31 29.41 -7.19
C LEU A 691 40.12 30.33 -6.30
N GLY A 692 41.17 29.79 -5.69
CA GLY A 692 42.05 30.57 -4.81
C GLY A 692 42.37 29.85 -3.51
N LYS B 9 8.15 19.43 18.56
CA LYS B 9 6.72 19.44 18.14
C LYS B 9 6.31 20.83 17.68
N LEU B 10 6.20 21.75 18.63
CA LEU B 10 5.84 23.12 18.32
C LEU B 10 6.89 23.75 17.42
N ALA B 11 6.46 24.25 16.26
CA ALA B 11 7.34 24.93 15.35
C ALA B 11 6.97 26.38 15.52
N ASP B 12 7.50 26.97 16.60
CA ASP B 12 7.20 28.34 17.01
C ASP B 12 7.65 29.38 15.98
N CYS B 13 7.06 30.56 16.04
CA CYS B 13 7.43 31.64 15.15
C CYS B 13 8.63 32.42 15.72
N SER B 14 9.14 33.37 14.93
CA SER B 14 10.29 34.20 15.30
C SER B 14 9.94 35.24 16.37
N SER B 15 8.99 36.12 16.04
CA SER B 15 8.52 37.16 16.95
C SER B 15 7.99 36.60 18.26
N LYS B 16 8.11 37.40 19.32
CA LYS B 16 7.64 37.01 20.63
C LYS B 16 6.55 37.96 21.07
N SER B 17 6.07 38.77 20.13
CA SER B 17 5.02 39.73 20.42
C SER B 17 3.67 39.09 20.11
N PRO B 18 3.08 38.43 21.12
CA PRO B 18 1.81 37.75 20.96
C PRO B 18 0.75 38.57 20.23
N GLU B 19 0.97 39.87 20.10
CA GLU B 19 0.04 40.76 19.44
C GLU B 19 -0.20 40.34 18.00
N GLU B 20 0.91 40.05 17.33
CA GLU B 20 0.91 39.74 15.91
C GLU B 20 1.15 38.26 15.66
N CYS B 21 1.43 37.50 16.71
CA CYS B 21 1.71 36.09 16.56
C CYS B 21 0.45 35.20 16.56
N GLU B 22 0.49 34.16 15.72
CA GLU B 22 -0.61 33.22 15.66
C GLU B 22 -0.13 31.76 15.64
N ILE B 23 -0.94 30.87 16.21
CA ILE B 23 -0.57 29.46 16.28
C ILE B 23 -1.61 28.59 15.60
N PHE B 24 -1.17 27.76 14.66
CA PHE B 24 -2.05 26.88 13.92
C PHE B 24 -1.99 25.45 14.48
N LEU B 25 -3.16 24.92 14.78
CA LEU B 25 -3.28 23.56 15.31
C LEU B 25 -3.70 22.62 14.18
N VAL B 26 -2.83 21.67 13.85
CA VAL B 26 -3.11 20.71 12.79
C VAL B 26 -3.15 19.28 13.34
N GLU B 27 -3.71 18.35 12.57
CA GLU B 27 -3.91 16.97 13.03
C GLU B 27 -2.65 16.13 13.30
N GLY B 28 -1.57 16.45 12.61
CA GLY B 28 -0.31 15.72 12.73
C GLY B 28 0.77 16.25 11.79
N ASP B 29 1.82 15.46 11.56
CA ASP B 29 2.95 15.85 10.71
C ASP B 29 2.68 15.87 9.20
N SER B 30 1.80 14.98 8.73
CA SER B 30 1.46 15.00 7.30
C SER B 30 0.88 16.38 6.94
N ALA B 31 -0.05 16.86 7.77
CA ALA B 31 -0.61 18.19 7.60
C ALA B 31 0.41 19.23 8.03
N GLY B 32 1.17 18.93 9.09
CA GLY B 32 2.19 19.84 9.62
C GLY B 32 3.25 20.27 8.62
N GLY B 33 3.72 19.33 7.79
CA GLY B 33 4.73 19.64 6.76
C GLY B 33 4.29 20.67 5.73
N SER B 34 3.09 20.51 5.18
CA SER B 34 2.56 21.49 4.23
C SER B 34 2.35 22.84 4.93
N THR B 35 1.94 22.78 6.19
CA THR B 35 1.70 23.99 6.97
C THR B 35 3.01 24.74 7.23
N LYS B 36 4.03 24.00 7.65
CA LYS B 36 5.34 24.58 7.93
C LYS B 36 6.04 25.15 6.70
N SER B 37 5.85 24.51 5.55
CA SER B 37 6.46 24.96 4.31
C SER B 37 5.75 26.19 3.75
N GLY B 38 4.45 26.29 3.98
CA GLY B 38 3.67 27.40 3.44
C GLY B 38 3.49 28.61 4.34
N ARG B 39 3.80 28.47 5.62
CA ARG B 39 3.59 29.54 6.59
C ARG B 39 4.53 30.73 6.45
N ASP B 40 4.26 31.74 7.26
CA ASP B 40 5.12 32.90 7.42
C ASP B 40 5.75 32.67 8.80
N SER B 41 6.95 32.11 8.82
CA SER B 41 7.60 31.75 10.08
C SER B 41 7.77 32.95 11.00
N ARG B 42 7.73 34.16 10.46
N ARG B 42 7.70 34.14 10.44
CA ARG B 42 7.90 35.28 11.37
CA ARG B 42 7.88 35.33 11.26
C ARG B 42 6.77 35.39 12.38
C ARG B 42 6.78 35.48 12.32
N THR B 43 5.52 35.28 11.91
CA THR B 43 4.37 35.43 12.81
C THR B 43 3.50 34.17 13.00
N GLN B 44 3.80 33.09 12.30
CA GLN B 44 2.97 31.89 12.36
C GLN B 44 3.63 30.65 12.98
N ALA B 45 3.10 30.24 14.14
CA ALA B 45 3.58 29.04 14.80
C ALA B 45 2.70 27.84 14.42
N ILE B 46 3.26 26.65 14.53
CA ILE B 46 2.53 25.44 14.19
C ILE B 46 2.74 24.34 15.21
N LEU B 47 1.62 23.81 15.71
CA LEU B 47 1.67 22.72 16.66
C LEU B 47 0.88 21.56 16.07
N PRO B 48 1.59 20.55 15.57
CA PRO B 48 0.87 19.37 15.09
C PRO B 48 0.48 18.50 16.27
N LEU B 49 -0.74 17.98 16.22
CA LEU B 49 -1.27 17.12 17.28
C LEU B 49 -1.08 15.68 16.82
N ARG B 50 -1.93 14.76 17.32
CA ARG B 50 -1.86 13.35 16.91
C ARG B 50 -3.25 12.74 16.77
N GLY B 51 -4.03 13.26 15.83
CA GLY B 51 -5.37 12.74 15.59
C GLY B 51 -6.38 13.13 16.65
N LYS B 52 -7.34 12.24 16.90
CA LYS B 52 -8.41 12.50 17.86
C LYS B 52 -7.83 12.86 19.24
N ILE B 53 -8.24 14.00 19.79
CA ILE B 53 -7.76 14.35 21.12
C ILE B 53 -8.75 13.89 22.19
N LEU B 54 -8.27 13.83 23.41
CA LEU B 54 -9.11 13.42 24.51
C LEU B 54 -10.36 14.28 24.60
N ASN B 55 -11.50 13.65 24.90
CA ASN B 55 -12.75 14.36 25.13
C ASN B 55 -12.78 14.71 26.62
N VAL B 56 -12.46 15.96 26.95
CA VAL B 56 -12.38 16.39 28.35
C VAL B 56 -13.72 16.41 29.08
N GLU B 57 -14.81 16.33 28.32
CA GLU B 57 -16.15 16.32 28.90
C GLU B 57 -16.48 14.96 29.50
N LYS B 58 -15.82 13.90 29.02
CA LYS B 58 -16.04 12.53 29.50
C LYS B 58 -14.91 11.98 30.36
N ALA B 59 -13.76 12.64 30.31
CA ALA B 59 -12.56 12.18 31.02
C ALA B 59 -12.40 12.81 32.40
N ARG B 60 -11.73 12.09 33.30
CA ARG B 60 -11.46 12.62 34.62
C ARG B 60 -10.27 13.55 34.56
N LEU B 61 -10.27 14.51 35.49
CA LEU B 61 -9.29 15.61 35.57
C LEU B 61 -7.80 15.21 35.55
N ASP B 62 -7.47 14.15 36.27
CA ASP B 62 -6.10 13.67 36.36
C ASP B 62 -5.62 13.23 34.99
N ARG B 63 -6.51 12.55 34.27
CA ARG B 63 -6.20 12.05 32.95
C ARG B 63 -6.01 13.19 31.95
N ILE B 64 -6.82 14.24 32.09
CA ILE B 64 -6.74 15.40 31.21
C ILE B 64 -5.40 16.09 31.35
N LEU B 65 -4.95 16.24 32.59
CA LEU B 65 -3.69 16.91 32.89
C LEU B 65 -2.47 16.07 32.51
N ASN B 66 -2.66 14.76 32.41
CA ASN B 66 -1.56 13.86 32.04
C ASN B 66 -1.47 13.63 30.52
N ASN B 67 -2.53 13.94 29.79
CA ASN B 67 -2.48 13.72 28.35
C ASN B 67 -1.47 14.63 27.65
N ASN B 68 -0.56 14.01 26.89
CA ASN B 68 0.52 14.73 26.23
C ASN B 68 0.11 15.87 25.31
N GLU B 69 -0.96 15.69 24.53
CA GLU B 69 -1.41 16.74 23.60
C GLU B 69 -2.06 17.93 24.31
N ILE B 70 -2.73 17.66 25.43
CA ILE B 70 -3.33 18.71 26.25
C ILE B 70 -2.21 19.57 26.86
N ARG B 71 -1.17 18.91 27.36
CA ARG B 71 -0.04 19.58 27.97
C ARG B 71 0.68 20.47 26.95
N GLN B 72 0.96 19.92 25.78
CA GLN B 72 1.67 20.67 24.76
C GLN B 72 0.94 21.95 24.38
N MET B 73 -0.39 21.89 24.33
CA MET B 73 -1.18 23.06 24.01
C MET B 73 -1.12 24.10 25.13
N ILE B 74 -1.33 23.66 26.35
CA ILE B 74 -1.26 24.54 27.51
C ILE B 74 0.12 25.23 27.57
N THR B 75 1.19 24.45 27.37
CA THR B 75 2.55 24.98 27.38
C THR B 75 2.81 25.97 26.25
N ALA B 76 2.25 25.67 25.08
CA ALA B 76 2.38 26.52 23.89
C ALA B 76 1.61 27.84 24.06
N PHE B 77 0.41 27.76 24.61
CA PHE B 77 -0.40 28.97 24.85
C PHE B 77 0.15 29.83 26.00
N GLY B 78 0.76 29.18 26.98
CA GLY B 78 1.37 29.87 28.14
C GLY B 78 0.43 30.61 29.09
N THR B 79 -0.83 30.23 29.12
CA THR B 79 -1.81 30.89 29.98
C THR B 79 -2.18 30.12 31.24
N GLY B 80 -2.02 28.80 31.20
CA GLY B 80 -2.41 27.95 32.32
C GLY B 80 -3.82 27.48 32.06
N ILE B 81 -4.57 27.14 33.11
CA ILE B 81 -5.93 26.66 32.89
C ILE B 81 -6.79 26.77 34.14
N GLY B 82 -8.08 27.01 33.94
CA GLY B 82 -9.04 27.14 35.03
C GLY B 82 -8.91 28.49 35.69
N GLY B 83 -8.83 28.47 37.03
CA GLY B 83 -8.68 29.67 37.86
C GLY B 83 -7.30 30.30 37.76
N ASP B 84 -6.30 29.48 37.44
CA ASP B 84 -4.92 29.95 37.29
C ASP B 84 -4.67 30.49 35.89
N PHE B 85 -5.73 30.55 35.10
CA PHE B 85 -5.65 31.06 33.72
C PHE B 85 -5.28 32.54 33.73
N ASP B 86 -4.41 32.94 32.81
CA ASP B 86 -3.98 34.33 32.73
C ASP B 86 -3.89 34.74 31.26
N LEU B 87 -4.86 35.54 30.82
CA LEU B 87 -4.91 35.97 29.44
C LEU B 87 -3.72 36.82 29.04
N ALA B 88 -3.18 37.58 29.98
CA ALA B 88 -2.06 38.45 29.70
C ALA B 88 -0.79 37.67 29.37
N LYS B 89 -0.70 36.44 29.88
CA LYS B 89 0.47 35.60 29.61
C LYS B 89 0.36 34.86 28.27
N ALA B 90 -0.70 35.12 27.53
CA ALA B 90 -0.89 34.44 26.23
C ALA B 90 0.27 34.69 25.27
N ARG B 91 0.75 33.61 24.66
CA ARG B 91 1.85 33.73 23.72
C ARG B 91 1.39 34.06 22.30
N TYR B 92 0.12 33.86 22.03
CA TYR B 92 -0.44 34.17 20.71
C TYR B 92 -1.81 34.80 20.88
N HIS B 93 -2.16 35.77 20.03
CA HIS B 93 -3.48 36.38 20.10
C HIS B 93 -4.44 35.68 19.16
N LYS B 94 -3.91 34.77 18.35
CA LYS B 94 -4.74 33.98 17.45
C LYS B 94 -4.38 32.50 17.54
N ILE B 95 -5.29 31.72 18.14
CA ILE B 95 -5.16 30.27 18.18
C ILE B 95 -6.08 29.79 17.07
N VAL B 96 -5.49 29.21 16.03
CA VAL B 96 -6.24 28.80 14.85
C VAL B 96 -6.39 27.29 14.74
N ILE B 97 -7.64 26.82 14.81
CA ILE B 97 -7.89 25.40 14.63
C ILE B 97 -7.92 25.12 13.12
N MET B 98 -7.01 24.26 12.66
CA MET B 98 -6.96 23.95 11.24
C MET B 98 -6.88 22.46 11.02
N THR B 99 -7.98 21.78 11.27
CA THR B 99 -8.06 20.33 11.10
C THR B 99 -8.31 20.03 9.63
N ASP B 100 -8.26 18.75 9.25
CA ASP B 100 -8.49 18.37 7.87
C ASP B 100 -9.94 18.63 7.45
N ALA B 101 -10.14 18.87 6.17
CA ALA B 101 -11.46 19.14 5.64
C ALA B 101 -12.28 17.87 5.43
N ASP B 102 -12.41 17.07 6.47
CA ASP B 102 -13.23 15.86 6.40
C ASP B 102 -14.03 15.74 7.71
N VAL B 103 -14.95 14.80 7.78
CA VAL B 103 -15.81 14.65 8.96
C VAL B 103 -15.05 14.40 10.26
N ASP B 104 -13.91 13.73 10.15
CA ASP B 104 -13.10 13.45 11.32
C ASP B 104 -12.37 14.71 11.75
N GLY B 105 -12.08 15.58 10.79
CA GLY B 105 -11.49 16.88 11.09
C GLY B 105 -12.51 17.72 11.82
N ALA B 106 -13.78 17.58 11.44
CA ALA B 106 -14.86 18.30 12.12
C ALA B 106 -14.96 17.79 13.56
N HIS B 107 -14.87 16.46 13.73
CA HIS B 107 -14.90 15.86 15.07
C HIS B 107 -13.76 16.36 15.95
N ILE B 108 -12.54 16.37 15.41
CA ILE B 108 -11.39 16.87 16.16
C ILE B 108 -11.58 18.35 16.53
N ARG B 109 -12.30 19.09 15.70
CA ARG B 109 -12.54 20.52 15.98
C ARG B 109 -13.46 20.63 17.19
N THR B 110 -14.49 19.79 17.24
CA THR B 110 -15.43 19.80 18.36
C THR B 110 -14.72 19.41 19.64
N LEU B 111 -13.76 18.49 19.53
CA LEU B 111 -12.97 18.05 20.69
C LEU B 111 -12.06 19.16 21.20
N LEU B 112 -11.48 19.92 20.28
CA LEU B 112 -10.61 21.03 20.64
C LEU B 112 -11.39 22.17 21.28
N LEU B 113 -12.57 22.45 20.73
CA LEU B 113 -13.43 23.49 21.26
C LEU B 113 -13.90 23.14 22.66
N THR B 114 -14.20 21.86 22.88
CA THR B 114 -14.63 21.39 24.19
C THR B 114 -13.55 21.64 25.23
N PHE B 115 -12.30 21.35 24.88
CA PHE B 115 -11.19 21.60 25.78
C PHE B 115 -11.02 23.08 26.05
N PHE B 116 -11.07 23.91 25.01
CA PHE B 116 -10.91 25.36 25.20
C PHE B 116 -12.01 25.98 26.05
N TYR B 117 -13.25 25.54 25.82
CA TYR B 117 -14.38 26.07 26.56
C TYR B 117 -14.41 25.69 28.04
N ARG B 118 -13.97 24.47 28.35
CA ARG B 118 -13.98 23.97 29.72
C ARG B 118 -12.75 24.31 30.55
N PHE B 119 -11.64 24.59 29.89
CA PHE B 119 -10.39 24.83 30.62
C PHE B 119 -9.72 26.17 30.31
N MET B 120 -10.11 26.78 29.19
CA MET B 120 -9.56 28.07 28.74
C MET B 120 -10.66 28.95 28.18
N ARG B 121 -11.77 29.06 28.90
CA ARG B 121 -12.95 29.81 28.47
C ARG B 121 -12.67 31.31 28.21
N PRO B 122 -11.76 31.92 28.99
CA PRO B 122 -11.50 33.35 28.75
C PRO B 122 -10.82 33.59 27.40
N LEU B 123 -10.10 32.57 26.94
CA LEU B 123 -9.44 32.63 25.66
C LEU B 123 -10.47 32.84 24.55
N ILE B 124 -11.61 32.19 24.68
CA ILE B 124 -12.71 32.27 23.71
C ILE B 124 -13.43 33.61 23.80
N GLU B 125 -13.63 34.06 25.03
CA GLU B 125 -14.31 35.34 25.25
C GLU B 125 -13.51 36.52 24.70
N ALA B 126 -12.18 36.44 24.84
CA ALA B 126 -11.28 37.49 24.38
C ALA B 126 -11.13 37.53 22.85
N GLY B 127 -11.73 36.55 22.17
CA GLY B 127 -11.67 36.48 20.71
C GLY B 127 -10.38 35.92 20.12
N TYR B 128 -9.63 35.16 20.92
CA TYR B 128 -8.36 34.57 20.50
C TYR B 128 -8.50 33.25 19.71
N VAL B 129 -9.64 32.61 19.81
CA VAL B 129 -9.84 31.32 19.13
C VAL B 129 -10.48 31.47 17.76
N TYR B 130 -9.81 30.92 16.75
CA TYR B 130 -10.28 31.03 15.37
C TYR B 130 -10.37 29.65 14.70
N ILE B 131 -11.15 29.59 13.63
CA ILE B 131 -11.32 28.37 12.84
C ILE B 131 -10.88 28.65 11.42
N ALA B 132 -9.89 27.90 10.92
CA ALA B 132 -9.44 28.07 9.56
C ALA B 132 -10.40 27.36 8.62
N GLN B 133 -10.42 27.75 7.35
CA GLN B 133 -11.31 27.12 6.38
C GLN B 133 -10.59 26.57 5.14
N PRO B 134 -9.80 25.48 5.31
CA PRO B 134 -9.10 24.87 4.18
C PRO B 134 -10.11 24.31 3.19
N PRO B 135 -9.75 24.29 1.89
CA PRO B 135 -10.68 23.83 0.87
C PRO B 135 -11.06 22.36 0.98
N THR B 136 -12.26 22.02 0.52
CA THR B 136 -12.72 20.64 0.49
C THR B 136 -12.13 19.97 -0.75
N GLY B 137 -12.18 18.65 -0.81
CA GLY B 137 -11.61 17.93 -1.94
C GLY B 137 -10.24 17.37 -1.64
N TYR B 138 -9.78 17.58 -0.41
CA TYR B 138 -8.48 17.07 0.05
C TYR B 138 -8.69 16.23 1.32
N LYS B 139 -8.10 15.04 1.34
CA LYS B 139 -8.21 14.13 2.50
C LYS B 139 -7.45 14.64 3.71
N GLY B 140 -6.54 15.57 3.47
CA GLY B 140 -5.75 16.14 4.55
C GLY B 140 -4.90 17.26 4.02
N LEU B 141 -4.36 18.07 4.93
CA LEU B 141 -3.55 19.20 4.49
C LEU B 141 -2.26 18.71 3.82
N GLY B 142 -1.85 17.48 4.15
CA GLY B 142 -0.65 16.86 3.57
C GLY B 142 -0.81 16.53 2.08
N GLU B 143 -2.05 16.60 1.60
CA GLU B 143 -2.38 16.34 0.21
C GLU B 143 -2.23 17.62 -0.60
N MET B 144 -2.20 18.76 0.08
CA MET B 144 -2.09 20.04 -0.61
C MET B 144 -0.64 20.46 -0.72
N ASN B 145 -0.32 21.22 -1.77
CA ASN B 145 1.01 21.81 -1.89
C ASN B 145 1.06 23.00 -0.94
N ALA B 146 2.25 23.30 -0.44
CA ALA B 146 2.43 24.40 0.50
C ALA B 146 1.91 25.76 0.02
N ASP B 147 2.15 26.10 -1.24
CA ASP B 147 1.70 27.39 -1.77
C ASP B 147 0.18 27.50 -1.80
N GLN B 148 -0.50 26.42 -2.20
CA GLN B 148 -1.95 26.42 -2.26
C GLN B 148 -2.60 26.44 -0.86
N LEU B 149 -1.88 25.93 0.14
CA LEU B 149 -2.38 25.95 1.52
C LEU B 149 -2.22 27.38 2.08
N TRP B 150 -1.08 28.00 1.79
CA TRP B 150 -0.84 29.38 2.20
C TRP B 150 -1.86 30.34 1.61
N GLU B 151 -2.04 30.30 0.30
CA GLU B 151 -2.95 31.20 -0.40
C GLU B 151 -4.43 31.07 -0.01
N THR B 152 -4.92 29.83 0.06
CA THR B 152 -6.32 29.59 0.39
C THR B 152 -6.68 29.69 1.86
N THR B 153 -5.74 29.38 2.75
CA THR B 153 -6.09 29.22 4.15
C THR B 153 -5.27 30.00 5.17
N MET B 154 -4.01 30.26 4.87
CA MET B 154 -3.13 30.89 5.84
C MET B 154 -2.74 32.34 5.58
N ASN B 155 -2.77 32.75 4.32
CA ASN B 155 -2.38 34.11 3.98
C ASN B 155 -3.40 35.14 4.49
N PRO B 156 -2.98 35.99 5.43
CA PRO B 156 -3.88 37.00 5.99
C PRO B 156 -4.61 37.80 4.91
N GLU B 157 -4.00 37.91 3.73
CA GLU B 157 -4.54 38.68 2.62
C GLU B 157 -5.78 38.12 1.94
N HIS B 158 -5.86 36.79 1.82
CA HIS B 158 -6.98 36.18 1.12
C HIS B 158 -7.79 35.19 1.97
N ARG B 159 -7.25 34.83 3.12
CA ARG B 159 -7.90 33.84 3.98
C ARG B 159 -9.20 34.34 4.61
N ALA B 160 -10.04 33.40 5.00
CA ALA B 160 -11.30 33.72 5.65
C ALA B 160 -11.39 32.96 6.97
N LEU B 161 -10.75 33.49 8.00
CA LEU B 161 -10.80 32.87 9.32
C LEU B 161 -12.11 33.18 10.00
N LEU B 162 -12.58 32.24 10.80
CA LEU B 162 -13.81 32.42 11.53
C LEU B 162 -13.49 32.62 12.98
N GLN B 163 -13.80 33.80 13.51
CA GLN B 163 -13.57 34.08 14.91
C GLN B 163 -14.68 33.45 15.74
N VAL B 164 -14.29 32.60 16.69
CA VAL B 164 -15.25 31.93 17.56
C VAL B 164 -15.79 32.91 18.61
N LYS B 165 -17.11 33.05 18.65
CA LYS B 165 -17.75 33.95 19.59
C LYS B 165 -18.69 33.21 20.55
N LEU B 166 -18.67 33.64 21.80
CA LEU B 166 -19.54 33.07 22.82
C LEU B 166 -20.68 34.04 23.09
N GLU B 167 -21.90 33.65 22.74
CA GLU B 167 -23.05 34.52 22.94
C GLU B 167 -23.77 34.21 24.25
N ASP B 168 -24.25 32.98 24.39
CA ASP B 168 -24.99 32.57 25.57
C ASP B 168 -24.25 31.45 26.28
N ALA B 169 -23.69 31.77 27.44
CA ALA B 169 -22.91 30.81 28.23
C ALA B 169 -23.75 29.65 28.75
N ILE B 170 -25.01 29.92 29.06
CA ILE B 170 -25.93 28.89 29.53
C ILE B 170 -26.27 27.92 28.40
N GLU B 171 -26.50 28.46 27.20
CA GLU B 171 -26.80 27.62 26.06
C GLU B 171 -25.57 26.81 25.66
N ALA B 172 -24.39 27.41 25.75
CA ALA B 172 -23.14 26.76 25.40
C ALA B 172 -22.90 25.60 26.34
N ASP B 173 -23.09 25.88 27.62
CA ASP B 173 -22.91 24.85 28.62
C ASP B 173 -23.78 23.64 28.29
N GLN B 174 -25.04 23.90 27.96
CA GLN B 174 -25.96 22.82 27.65
C GLN B 174 -25.52 22.08 26.40
N THR B 175 -25.03 22.83 25.42
CA THR B 175 -24.58 22.28 24.15
C THR B 175 -23.41 21.31 24.32
N PHE B 176 -22.37 21.74 25.02
CA PHE B 176 -21.22 20.89 25.27
C PHE B 176 -21.60 19.64 26.07
N GLU B 177 -22.52 19.81 27.04
CA GLU B 177 -22.95 18.70 27.87
C GLU B 177 -23.73 17.68 27.04
N MET B 178 -24.63 18.18 26.21
CA MET B 178 -25.45 17.34 25.35
C MET B 178 -24.62 16.58 24.31
N LEU B 179 -23.81 17.31 23.55
CA LEU B 179 -23.00 16.72 22.48
C LEU B 179 -21.80 15.88 22.95
N MET B 180 -21.07 16.39 23.95
CA MET B 180 -19.85 15.73 24.38
C MET B 180 -19.92 14.97 25.70
N GLY B 181 -21.07 15.07 26.38
CA GLY B 181 -21.24 14.45 27.69
C GLY B 181 -21.41 12.94 27.66
N ASP B 182 -21.37 12.32 28.83
CA ASP B 182 -21.49 10.88 28.91
C ASP B 182 -22.92 10.34 28.73
N VAL B 183 -23.92 11.20 28.86
CA VAL B 183 -25.29 10.72 28.66
C VAL B 183 -25.58 10.55 27.16
N VAL B 184 -25.68 9.30 26.71
CA VAL B 184 -25.91 9.02 25.29
C VAL B 184 -27.28 9.41 24.73
N GLU B 185 -28.35 9.10 25.47
CA GLU B 185 -29.72 9.36 25.01
C GLU B 185 -29.97 10.77 24.50
N ASN B 186 -29.47 11.76 25.22
CA ASN B 186 -29.68 13.14 24.79
C ASN B 186 -29.01 13.45 23.45
N ARG B 187 -27.81 12.92 23.27
CA ARG B 187 -27.06 13.06 22.03
C ARG B 187 -27.79 12.36 20.88
N ARG B 188 -28.43 11.23 21.18
CA ARG B 188 -29.21 10.47 20.20
C ARG B 188 -30.47 11.23 19.78
N GLN B 189 -31.11 11.84 20.78
CA GLN B 189 -32.32 12.62 20.51
C GLN B 189 -31.97 13.82 19.64
N PHE B 190 -30.83 14.44 19.93
CA PHE B 190 -30.35 15.57 19.12
C PHE B 190 -30.15 15.15 17.67
N ILE B 191 -29.57 13.96 17.50
CA ILE B 191 -29.33 13.42 16.18
C ILE B 191 -30.64 13.17 15.43
N GLU B 192 -31.57 12.46 16.06
CA GLU B 192 -32.86 12.17 15.44
C GLU B 192 -33.62 13.43 15.02
N ASP B 193 -33.65 14.43 15.89
CA ASP B 193 -34.37 15.69 15.66
C ASP B 193 -33.77 16.58 14.57
N ASN B 194 -32.46 16.50 14.39
CA ASN B 194 -31.76 17.35 13.43
C ASN B 194 -31.22 16.68 12.20
N ALA B 195 -31.35 15.36 12.14
CA ALA B 195 -30.86 14.57 11.02
C ALA B 195 -31.51 14.89 9.67
N VAL B 196 -30.68 15.05 8.65
CA VAL B 196 -31.16 15.30 7.32
C VAL B 196 -30.45 14.36 6.37
N TYR B 197 -31.22 13.51 5.71
CA TYR B 197 -30.68 12.48 4.83
C TYR B 197 -30.78 12.87 3.35
N ASN B 211 -14.83 35.43 8.87
CA ASN B 211 -16.04 36.09 9.45
C ASN B 211 -16.14 35.85 10.97
N GLU B 212 -17.36 35.58 11.42
CA GLU B 212 -17.62 35.39 12.84
C GLU B 212 -18.39 34.08 12.95
N ARG B 213 -18.21 33.34 14.04
CA ARG B 213 -18.86 32.04 14.16
C ARG B 213 -19.30 31.68 15.56
N ASN B 214 -20.60 31.48 15.76
CA ASN B 214 -21.11 31.11 17.07
C ASN B 214 -20.63 29.72 17.49
N ILE B 215 -20.05 29.63 18.69
CA ILE B 215 -19.52 28.38 19.22
C ILE B 215 -20.58 27.27 19.33
N THR B 216 -21.80 27.66 19.71
CA THR B 216 -22.91 26.72 19.84
C THR B 216 -23.34 26.19 18.47
N SER B 217 -23.46 27.09 17.50
CA SER B 217 -23.81 26.68 16.14
C SER B 217 -22.70 25.82 15.55
N GLU B 218 -21.46 26.22 15.79
CA GLU B 218 -20.30 25.48 15.28
C GLU B 218 -20.27 24.04 15.83
N MET B 219 -20.45 23.91 17.13
CA MET B 219 -20.49 22.62 17.79
C MET B 219 -21.59 21.72 17.25
N ARG B 220 -22.81 22.26 17.19
CA ARG B 220 -23.97 21.52 16.73
C ARG B 220 -23.83 21.07 15.28
N GLU B 221 -23.35 21.96 14.41
CA GLU B 221 -23.18 21.63 12.99
C GLU B 221 -22.06 20.63 12.75
N SER B 222 -20.89 20.88 13.33
CA SER B 222 -19.73 19.98 13.17
C SER B 222 -19.98 18.60 13.80
N PHE B 223 -20.53 18.57 15.00
CA PHE B 223 -20.79 17.29 15.65
C PHE B 223 -21.85 16.49 14.91
N LEU B 224 -22.88 17.18 14.43
CA LEU B 224 -23.94 16.55 13.66
C LEU B 224 -23.37 15.97 12.36
N ASP B 225 -22.47 16.72 11.72
N ASP B 225 -22.48 16.73 11.72
CA ASP B 225 -21.84 16.28 10.48
CA ASP B 225 -21.85 16.27 10.49
C ASP B 225 -21.07 14.98 10.73
C ASP B 225 -21.09 14.97 10.74
N TYR B 226 -20.34 14.93 11.84
CA TYR B 226 -19.59 13.74 12.21
C TYR B 226 -20.52 12.58 12.55
N ALA B 227 -21.45 12.83 13.46
CA ALA B 227 -22.40 11.81 13.92
C ALA B 227 -23.12 11.13 12.76
N MET B 228 -23.63 11.94 11.84
CA MET B 228 -24.35 11.43 10.68
C MET B 228 -23.46 10.59 9.77
N SER B 229 -22.24 11.04 9.55
CA SER B 229 -21.33 10.30 8.67
C SER B 229 -20.96 8.92 9.26
N VAL B 230 -20.76 8.87 10.56
CA VAL B 230 -20.43 7.62 11.24
C VAL B 230 -21.61 6.67 11.21
N ILE B 231 -22.81 7.24 11.32
CA ILE B 231 -24.05 6.45 11.30
C ILE B 231 -24.39 5.87 9.93
N VAL B 232 -24.38 6.71 8.89
CA VAL B 232 -24.80 6.25 7.57
C VAL B 232 -23.66 5.84 6.63
N ALA B 233 -22.43 6.13 6.99
CA ALA B 233 -21.31 5.79 6.10
C ALA B 233 -20.08 5.29 6.85
N ARG B 234 -20.28 4.43 7.85
CA ARG B 234 -19.12 3.90 8.57
C ARG B 234 -19.40 2.71 9.46
N ALA B 235 -20.09 2.96 10.57
CA ALA B 235 -20.25 1.94 11.60
C ALA B 235 -21.47 1.04 11.55
N LEU B 236 -22.46 1.36 10.72
CA LEU B 236 -23.67 0.54 10.67
C LEU B 236 -23.82 -0.18 9.33
N PRO B 237 -24.27 -1.44 9.37
CA PRO B 237 -24.46 -2.22 8.16
C PRO B 237 -25.78 -1.89 7.44
N ASP B 238 -25.81 -2.10 6.13
CA ASP B 238 -27.04 -1.90 5.36
C ASP B 238 -27.87 -3.16 5.51
N VAL B 239 -29.18 -3.00 5.68
CA VAL B 239 -30.07 -4.15 5.88
C VAL B 239 -30.10 -5.08 4.68
N ARG B 240 -29.90 -4.52 3.50
CA ARG B 240 -29.99 -5.27 2.25
C ARG B 240 -28.82 -6.23 2.00
N ASP B 241 -27.58 -5.74 2.13
CA ASP B 241 -26.43 -6.62 1.89
C ASP B 241 -25.64 -6.97 3.15
N GLY B 242 -26.02 -6.34 4.27
CA GLY B 242 -25.40 -6.58 5.57
C GLY B 242 -23.99 -6.02 5.70
N LEU B 243 -23.64 -5.07 4.85
CA LEU B 243 -22.28 -4.56 4.86
C LEU B 243 -22.12 -3.11 5.27
N LYS B 244 -20.94 -2.79 5.81
CA LYS B 244 -20.57 -1.41 6.08
C LYS B 244 -19.79 -0.97 4.83
N PRO B 245 -19.64 0.35 4.63
CA PRO B 245 -18.92 0.82 3.44
C PRO B 245 -17.53 0.20 3.24
N VAL B 246 -16.72 0.11 4.29
CA VAL B 246 -15.37 -0.45 4.12
C VAL B 246 -15.41 -1.88 3.56
N HIS B 247 -16.30 -2.71 4.07
CA HIS B 247 -16.41 -4.09 3.62
C HIS B 247 -16.96 -4.16 2.20
N ARG B 248 -17.91 -3.31 1.89
CA ARG B 248 -18.50 -3.30 0.56
C ARG B 248 -17.45 -2.86 -0.47
N ARG B 249 -16.61 -1.90 -0.08
CA ARG B 249 -15.59 -1.38 -0.97
C ARG B 249 -14.47 -2.39 -1.20
N ILE B 250 -14.15 -3.16 -0.16
CA ILE B 250 -13.15 -4.22 -0.28
C ILE B 250 -13.63 -5.30 -1.25
N LEU B 251 -14.84 -5.79 -1.05
CA LEU B 251 -15.37 -6.86 -1.90
C LEU B 251 -15.56 -6.41 -3.35
N TYR B 252 -15.99 -5.16 -3.52
CA TYR B 252 -16.14 -4.60 -4.86
C TYR B 252 -14.78 -4.46 -5.55
N GLY B 253 -13.77 -4.06 -4.77
CA GLY B 253 -12.41 -3.93 -5.27
C GLY B 253 -11.92 -5.28 -5.77
N LEU B 254 -12.19 -6.33 -4.99
CA LEU B 254 -11.80 -7.69 -5.38
C LEU B 254 -12.51 -8.11 -6.66
N ASN B 255 -13.75 -7.65 -6.81
CA ASN B 255 -14.56 -7.97 -7.99
C ASN B 255 -14.03 -7.27 -9.25
N GLU B 256 -13.79 -5.96 -9.15
CA GLU B 256 -13.28 -5.16 -10.28
C GLU B 256 -11.93 -5.59 -10.80
N GLN B 257 -11.11 -6.18 -9.95
CA GLN B 257 -9.79 -6.65 -10.39
C GLN B 257 -9.78 -8.15 -10.64
N GLY B 258 -10.97 -8.72 -10.80
CA GLY B 258 -11.13 -10.15 -11.11
C GLY B 258 -10.47 -11.11 -10.14
N MET B 259 -10.46 -10.74 -8.86
CA MET B 259 -9.84 -11.56 -7.85
C MET B 259 -10.80 -12.63 -7.34
N THR B 260 -11.18 -13.50 -8.26
CA THR B 260 -12.11 -14.59 -8.02
C THR B 260 -11.41 -15.84 -7.47
N PRO B 261 -12.18 -16.77 -6.86
CA PRO B 261 -11.61 -17.98 -6.27
C PRO B 261 -10.90 -18.91 -7.26
N ASP B 262 -11.28 -18.86 -8.53
CA ASP B 262 -10.62 -19.68 -9.54
C ASP B 262 -9.24 -19.13 -9.95
N LYS B 263 -8.96 -17.88 -9.61
CA LYS B 263 -7.65 -17.31 -9.88
C LYS B 263 -6.74 -17.36 -8.67
N SER B 264 -5.48 -16.99 -8.92
CA SER B 264 -4.43 -16.99 -7.90
C SER B 264 -4.66 -15.87 -6.88
N TYR B 265 -4.09 -16.06 -5.70
CA TYR B 265 -4.19 -15.06 -4.65
C TYR B 265 -3.48 -13.79 -5.11
N LYS B 266 -4.02 -12.65 -4.73
CA LYS B 266 -3.44 -11.37 -5.10
C LYS B 266 -2.88 -10.68 -3.86
N LYS B 267 -1.82 -9.91 -4.05
CA LYS B 267 -1.15 -9.25 -2.94
C LYS B 267 -2.10 -8.37 -2.13
N SER B 268 -2.09 -8.53 -0.81
CA SER B 268 -2.96 -7.72 0.05
C SER B 268 -2.66 -6.23 -0.07
N ALA B 269 -1.39 -5.89 -0.23
CA ALA B 269 -1.00 -4.49 -0.36
C ALA B 269 -1.63 -3.84 -1.59
N ARG B 270 -1.69 -4.57 -2.70
CA ARG B 270 -2.31 -4.05 -3.92
C ARG B 270 -3.82 -3.89 -3.77
N ILE B 271 -4.44 -4.85 -3.09
CA ILE B 271 -5.87 -4.78 -2.81
C ILE B 271 -6.14 -3.54 -1.97
N VAL B 272 -5.41 -3.39 -0.88
CA VAL B 272 -5.57 -2.24 0.01
C VAL B 272 -5.31 -0.91 -0.71
N GLY B 273 -4.19 -0.84 -1.44
CA GLY B 273 -3.85 0.38 -2.18
C GLY B 273 -4.93 0.79 -3.17
N ASP B 274 -5.45 -0.18 -3.92
N ASP B 274 -5.44 -0.16 -3.94
CA ASP B 274 -6.51 0.04 -4.92
CA ASP B 274 -6.48 0.13 -4.91
C ASP B 274 -7.82 0.53 -4.29
C ASP B 274 -7.82 0.55 -4.27
N VAL B 275 -8.22 -0.15 -3.21
CA VAL B 275 -9.47 0.19 -2.51
C VAL B 275 -9.39 1.58 -1.87
N MET B 276 -8.24 1.90 -1.30
CA MET B 276 -8.03 3.18 -0.66
C MET B 276 -8.04 4.35 -1.66
N GLY B 277 -7.37 4.18 -2.78
CA GLY B 277 -7.29 5.23 -3.80
C GLY B 277 -8.58 5.49 -4.53
N LYS B 278 -9.28 4.41 -4.89
CA LYS B 278 -10.50 4.53 -5.65
C LYS B 278 -11.79 4.74 -4.86
N TYR B 279 -11.90 4.10 -3.70
CA TYR B 279 -13.17 4.15 -2.97
C TYR B 279 -13.17 4.56 -1.50
N HIS B 280 -12.12 4.21 -0.77
CA HIS B 280 -12.15 4.39 0.68
C HIS B 280 -11.07 5.34 1.16
N PRO B 281 -11.41 6.62 1.28
CA PRO B 281 -10.44 7.65 1.63
C PRO B 281 -10.10 7.68 3.12
N HIS B 282 -9.60 6.56 3.62
CA HIS B 282 -9.25 6.46 5.03
C HIS B 282 -7.94 5.70 5.21
N GLY B 283 -7.50 5.58 6.45
N GLY B 283 -7.51 5.50 6.45
CA GLY B 283 -6.25 4.89 6.78
CA GLY B 283 -6.27 4.77 6.74
C GLY B 283 -6.19 3.48 6.24
C GLY B 283 -6.26 3.35 6.18
N ASP B 284 -5.04 3.10 5.70
N ASP B 284 -5.09 2.92 5.70
CA ASP B 284 -4.87 1.76 5.16
CA ASP B 284 -4.92 1.59 5.14
C ASP B 284 -5.05 0.66 6.19
C ASP B 284 -5.10 0.54 6.22
N SER B 285 -4.81 0.97 7.46
N SER B 285 -4.80 0.91 7.46
CA SER B 285 -4.97 -0.04 8.52
CA SER B 285 -4.94 -0.02 8.57
C SER B 285 -6.42 -0.43 8.74
C SER B 285 -6.41 -0.41 8.78
N SER B 286 -7.33 0.55 8.61
CA SER B 286 -8.76 0.26 8.74
C SER B 286 -9.22 -0.67 7.64
N ILE B 287 -8.69 -0.45 6.43
CA ILE B 287 -9.05 -1.29 5.29
C ILE B 287 -8.49 -2.70 5.45
N TYR B 288 -7.20 -2.79 5.74
CA TYR B 288 -6.56 -4.10 5.87
C TYR B 288 -7.18 -4.95 6.97
N GLU B 289 -7.36 -4.37 8.14
CA GLU B 289 -7.93 -5.08 9.27
C GLU B 289 -9.36 -5.52 9.00
N ALA B 290 -10.13 -4.72 8.27
CA ALA B 290 -11.49 -5.11 7.90
C ALA B 290 -11.45 -6.33 6.97
N MET B 291 -10.50 -6.32 6.03
CA MET B 291 -10.37 -7.46 5.11
C MET B 291 -9.95 -8.73 5.87
N VAL B 292 -9.05 -8.56 6.83
CA VAL B 292 -8.54 -9.67 7.62
C VAL B 292 -9.67 -10.38 8.36
N ARG B 293 -10.52 -9.61 9.03
N ARG B 293 -10.53 -9.62 9.03
CA ARG B 293 -11.65 -10.20 9.77
CA ARG B 293 -11.64 -10.20 9.77
C ARG B 293 -12.54 -11.06 8.88
C ARG B 293 -12.54 -11.06 8.88
N MET B 294 -12.80 -10.59 7.67
CA MET B 294 -13.62 -11.31 6.70
C MET B 294 -13.00 -12.64 6.25
N ALA B 295 -11.70 -12.81 6.50
CA ALA B 295 -11.02 -14.04 6.17
C ALA B 295 -10.91 -15.00 7.36
N GLN B 296 -11.33 -14.55 8.56
CA GLN B 296 -11.20 -15.38 9.77
C GLN B 296 -12.41 -16.28 10.02
N ASP B 297 -12.18 -17.59 10.04
CA ASP B 297 -13.27 -18.53 10.24
C ASP B 297 -13.79 -18.57 11.69
N PHE B 298 -13.14 -17.83 12.59
CA PHE B 298 -13.63 -17.70 13.96
C PHE B 298 -14.40 -16.39 14.12
N SER B 299 -14.37 -15.54 13.09
CA SER B 299 -15.06 -14.25 13.13
C SER B 299 -16.31 -14.22 12.24
N TYR B 300 -16.17 -14.78 11.04
CA TYR B 300 -17.24 -14.86 10.05
C TYR B 300 -17.84 -16.28 9.90
N ARG B 301 -19.15 -16.38 10.15
CA ARG B 301 -19.89 -17.63 10.01
C ARG B 301 -19.75 -18.17 8.59
N TYR B 302 -19.69 -17.24 7.62
CA TYR B 302 -19.46 -17.57 6.22
C TYR B 302 -18.44 -16.56 5.70
N PRO B 303 -17.14 -16.90 5.82
CA PRO B 303 -16.03 -16.01 5.45
C PRO B 303 -16.18 -15.45 4.04
N LEU B 304 -15.91 -14.16 3.91
CA LEU B 304 -16.07 -13.46 2.64
C LEU B 304 -14.74 -13.31 1.90
N VAL B 305 -13.65 -13.48 2.61
CA VAL B 305 -12.32 -13.38 2.00
C VAL B 305 -11.56 -14.69 2.22
N ASP B 306 -10.85 -15.13 1.18
CA ASP B 306 -10.01 -16.33 1.24
C ASP B 306 -8.59 -15.79 1.42
N GLY B 307 -8.03 -15.96 2.61
CA GLY B 307 -6.69 -15.45 2.89
C GLY B 307 -5.56 -16.46 2.81
N GLN B 308 -4.43 -16.01 2.27
CA GLN B 308 -3.20 -16.80 2.19
C GLN B 308 -2.18 -16.19 3.16
N GLY B 309 -1.73 -16.98 4.13
CA GLY B 309 -0.74 -16.49 5.11
C GLY B 309 -1.29 -16.31 6.50
N ASN B 310 -0.56 -15.58 7.34
CA ASN B 310 -0.96 -15.30 8.72
C ASN B 310 -2.10 -14.28 8.78
N PHE B 311 -3.32 -14.75 9.05
CA PHE B 311 -4.49 -13.87 9.17
C PHE B 311 -5.03 -13.75 10.59
N GLY B 312 -4.17 -13.93 11.59
CA GLY B 312 -4.60 -13.78 12.98
C GLY B 312 -5.11 -15.07 13.60
N SER B 313 -5.42 -15.02 14.89
CA SER B 313 -5.87 -16.20 15.63
C SER B 313 -6.88 -15.85 16.70
N MET B 314 -7.46 -16.89 17.30
CA MET B 314 -8.41 -16.76 18.38
C MET B 314 -7.78 -16.16 19.64
N ASP B 315 -6.46 -16.20 19.73
CA ASP B 315 -5.76 -15.64 20.88
C ASP B 315 -5.47 -14.15 20.74
N GLY B 316 -6.08 -13.51 19.76
CA GLY B 316 -5.90 -12.08 19.60
C GLY B 316 -4.67 -11.66 18.82
N ASP B 317 -3.92 -12.62 18.32
CA ASP B 317 -2.75 -12.33 17.49
C ASP B 317 -3.25 -11.66 16.23
N GLY B 318 -2.60 -10.59 15.82
CA GLY B 318 -3.03 -9.88 14.63
C GLY B 318 -2.56 -10.60 13.40
N ALA B 319 -3.02 -10.15 12.25
CA ALA B 319 -2.57 -10.74 11.01
C ALA B 319 -1.14 -10.26 10.75
N ALA B 320 -0.45 -10.93 9.81
CA ALA B 320 0.88 -10.51 9.41
C ALA B 320 0.75 -9.19 8.68
N ALA B 321 1.84 -8.42 8.63
CA ALA B 321 1.87 -7.15 7.90
C ALA B 321 1.31 -7.39 6.50
N MET B 322 0.58 -6.41 5.95
N MET B 322 0.56 -6.44 5.95
CA MET B 322 -0.07 -6.59 4.65
CA MET B 322 -0.07 -6.67 4.65
C MET B 322 0.85 -6.95 3.49
C MET B 322 0.88 -7.02 3.49
N ARG B 323 2.14 -6.60 3.58
CA ARG B 323 3.08 -6.94 2.49
C ARG B 323 3.35 -8.46 2.41
N PHE B 324 3.12 -9.19 3.49
CA PHE B 324 3.33 -10.62 3.48
C PHE B 324 2.12 -11.42 3.01
N THR B 325 0.91 -10.92 3.24
CA THR B 325 -0.29 -11.69 2.94
C THR B 325 -0.89 -11.50 1.54
N GLU B 326 -1.74 -12.45 1.16
CA GLU B 326 -2.43 -12.42 -0.12
C GLU B 326 -3.91 -12.78 0.10
N ALA B 327 -4.77 -12.39 -0.84
CA ALA B 327 -6.20 -12.67 -0.69
C ALA B 327 -6.95 -12.75 -1.99
N ARG B 328 -8.15 -13.30 -1.91
CA ARG B 328 -9.09 -13.39 -3.04
C ARG B 328 -10.46 -13.64 -2.43
N MET B 329 -11.49 -13.61 -3.26
CA MET B 329 -12.85 -13.85 -2.76
C MET B 329 -13.05 -15.31 -2.43
N THR B 330 -14.00 -15.58 -1.54
CA THR B 330 -14.42 -16.95 -1.27
C THR B 330 -15.49 -17.22 -2.32
N LYS B 331 -15.88 -18.47 -2.48
CA LYS B 331 -16.93 -18.80 -3.43
C LYS B 331 -18.26 -18.17 -3.04
N ILE B 332 -18.54 -18.08 -1.74
CA ILE B 332 -19.83 -17.51 -1.32
C ILE B 332 -19.89 -16.02 -1.64
N THR B 333 -18.75 -15.33 -1.63
CA THR B 333 -18.69 -13.91 -1.97
C THR B 333 -19.15 -13.65 -3.40
N LEU B 334 -18.92 -14.61 -4.29
CA LEU B 334 -19.41 -14.49 -5.66
C LEU B 334 -20.92 -14.23 -5.64
N GLU B 335 -21.63 -14.87 -4.71
CA GLU B 335 -23.08 -14.71 -4.55
C GLU B 335 -23.48 -13.32 -4.06
N LEU B 336 -22.60 -12.66 -3.30
CA LEU B 336 -22.86 -11.29 -2.89
C LEU B 336 -22.72 -10.35 -4.07
N LEU B 337 -21.82 -10.69 -5.00
CA LEU B 337 -21.51 -9.80 -6.12
C LEU B 337 -22.19 -10.20 -7.44
N ARG B 338 -22.81 -11.36 -7.48
N ARG B 338 -22.89 -11.32 -7.39
CA ARG B 338 -23.37 -11.85 -8.73
CA ARG B 338 -23.59 -11.88 -8.54
C ARG B 338 -24.37 -10.91 -9.40
C ARG B 338 -24.53 -10.89 -9.25
N ASP B 339 -24.11 -10.60 -10.67
N ASP B 339 -24.26 -10.73 -10.53
CA ASP B 339 -25.01 -9.79 -11.50
CA ASP B 339 -25.01 -9.86 -11.45
C ASP B 339 -24.96 -8.29 -11.19
C ASP B 339 -25.01 -8.37 -11.12
N ILE B 340 -23.92 -7.90 -10.49
CA ILE B 340 -23.73 -6.49 -10.12
C ILE B 340 -23.56 -5.60 -11.35
N ASN B 341 -23.04 -6.17 -12.44
CA ASN B 341 -22.86 -5.42 -13.68
C ASN B 341 -24.05 -5.61 -14.63
N LYS B 342 -25.17 -6.05 -14.08
CA LYS B 342 -26.40 -6.23 -14.86
C LYS B 342 -27.48 -5.26 -14.44
N ASP B 343 -27.07 -4.04 -14.09
CA ASP B 343 -27.97 -2.97 -13.66
C ASP B 343 -28.97 -3.48 -12.61
N THR B 344 -28.47 -4.25 -11.65
CA THR B 344 -29.31 -4.79 -10.59
C THR B 344 -29.32 -3.84 -9.40
N ILE B 345 -28.24 -3.07 -9.25
CA ILE B 345 -28.10 -2.14 -8.14
C ILE B 345 -27.62 -0.78 -8.64
N ASP B 346 -27.92 0.27 -7.88
CA ASP B 346 -27.51 1.62 -8.28
C ASP B 346 -26.06 1.94 -7.94
N PHE B 347 -25.32 2.42 -8.94
CA PHE B 347 -23.96 2.88 -8.72
C PHE B 347 -24.02 4.37 -8.37
N ILE B 348 -23.01 4.84 -7.66
CA ILE B 348 -22.93 6.25 -7.26
C ILE B 348 -21.51 6.75 -7.46
N ASP B 349 -21.33 8.06 -7.48
CA ASP B 349 -20.01 8.62 -7.60
C ASP B 349 -19.22 8.34 -6.33
N ASN B 350 -17.92 8.07 -6.49
CA ASN B 350 -17.05 7.86 -5.35
C ASN B 350 -16.77 9.20 -4.68
N TYR B 351 -15.86 9.21 -3.70
CA TYR B 351 -15.56 10.41 -2.92
C TYR B 351 -14.98 11.61 -3.68
N ASP B 352 -14.27 11.37 -4.78
CA ASP B 352 -13.66 12.49 -5.53
C ASP B 352 -14.23 12.69 -6.93
N GLY B 353 -15.22 11.88 -7.28
CA GLY B 353 -15.87 11.96 -8.58
C GLY B 353 -15.11 11.32 -9.71
N ASN B 354 -14.01 10.64 -9.41
CA ASN B 354 -13.21 10.00 -10.45
C ASN B 354 -13.59 8.55 -10.67
N GLU B 355 -14.39 7.98 -9.78
CA GLU B 355 -14.79 6.58 -9.93
C GLU B 355 -16.27 6.38 -9.62
N ARG B 356 -16.75 5.17 -9.87
CA ARG B 356 -18.12 4.81 -9.56
C ARG B 356 -18.04 3.62 -8.60
N GLU B 357 -18.97 3.55 -7.65
CA GLU B 357 -19.00 2.43 -6.69
C GLU B 357 -20.44 2.00 -6.42
N PRO B 358 -20.65 0.74 -6.02
CA PRO B 358 -22.00 0.26 -5.74
C PRO B 358 -22.55 0.83 -4.45
N SER B 359 -23.82 1.24 -4.46
CA SER B 359 -24.45 1.75 -3.27
C SER B 359 -24.76 0.58 -2.36
N VAL B 360 -24.99 -0.58 -2.99
CA VAL B 360 -25.33 -1.80 -2.28
C VAL B 360 -24.98 -2.95 -3.21
N LEU B 361 -24.76 -4.13 -2.65
CA LEU B 361 -24.46 -5.32 -3.45
C LEU B 361 -25.74 -6.16 -3.68
N PRO B 362 -25.79 -6.93 -4.78
CA PRO B 362 -26.95 -7.77 -5.07
C PRO B 362 -27.29 -8.69 -3.90
N ALA B 363 -26.27 -9.24 -3.24
CA ALA B 363 -26.43 -10.07 -2.03
C ALA B 363 -27.48 -11.16 -2.18
N ARG B 364 -27.10 -12.19 -2.94
CA ARG B 364 -28.01 -13.27 -3.26
C ARG B 364 -28.24 -14.27 -2.09
N PHE B 365 -27.60 -13.98 -0.95
CA PHE B 365 -27.90 -14.71 0.29
C PHE B 365 -28.08 -13.64 1.40
N PRO B 366 -28.92 -13.94 2.42
CA PRO B 366 -29.18 -12.96 3.48
C PRO B 366 -27.96 -12.75 4.39
N ASN B 367 -27.00 -11.97 3.91
CA ASN B 367 -25.73 -11.74 4.60
C ASN B 367 -25.77 -10.99 5.94
N LEU B 368 -26.66 -10.00 6.11
CA LEU B 368 -26.73 -9.30 7.40
C LEU B 368 -26.91 -10.29 8.56
N LEU B 369 -27.89 -11.16 8.43
CA LEU B 369 -28.18 -12.13 9.48
C LEU B 369 -27.22 -13.31 9.47
N ALA B 370 -26.74 -13.70 8.29
CA ALA B 370 -25.82 -14.83 8.17
C ALA B 370 -24.49 -14.59 8.90
N ASN B 371 -23.88 -13.44 8.65
CA ASN B 371 -22.60 -13.10 9.29
C ASN B 371 -22.71 -12.17 10.50
N GLY B 372 -23.86 -11.51 10.63
CA GLY B 372 -24.09 -10.60 11.76
C GLY B 372 -23.29 -9.32 11.58
N ALA B 373 -23.21 -8.53 12.65
CA ALA B 373 -22.47 -7.28 12.62
C ALA B 373 -22.36 -6.66 14.00
N SER B 374 -21.28 -5.92 14.23
CA SER B 374 -21.11 -5.14 15.43
C SER B 374 -20.51 -3.81 15.00
N GLY B 375 -21.03 -2.73 15.54
CA GLY B 375 -20.53 -1.42 15.19
C GLY B 375 -20.86 -0.41 16.25
N ILE B 376 -19.87 0.43 16.57
CA ILE B 376 -20.07 1.50 17.53
C ILE B 376 -20.16 2.79 16.71
N ALA B 377 -21.34 3.41 16.73
CA ALA B 377 -21.53 4.64 15.98
C ALA B 377 -21.48 5.85 16.91
N VAL B 378 -22.41 6.78 16.71
CA VAL B 378 -22.53 7.95 17.57
C VAL B 378 -24.00 8.01 17.92
N GLY B 379 -24.29 8.07 19.22
CA GLY B 379 -25.67 8.10 19.69
C GLY B 379 -26.31 6.73 19.67
N MET B 380 -25.63 5.78 19.06
CA MET B 380 -26.15 4.42 18.94
C MET B 380 -25.06 3.43 18.54
N ALA B 381 -25.39 2.14 18.59
CA ALA B 381 -24.49 1.07 18.21
C ALA B 381 -25.34 -0.08 17.68
N THR B 382 -24.69 -1.14 17.23
CA THR B 382 -25.43 -2.30 16.74
C THR B 382 -24.70 -3.58 17.10
N ASN B 383 -25.46 -4.65 17.31
CA ASN B 383 -24.90 -5.93 17.67
C ASN B 383 -25.86 -7.01 17.15
N ILE B 384 -25.52 -7.57 16.00
CA ILE B 384 -26.33 -8.58 15.35
C ILE B 384 -25.54 -9.88 15.30
N PRO B 385 -26.10 -10.96 15.87
CA PRO B 385 -25.38 -12.22 15.86
C PRO B 385 -25.48 -12.93 14.51
N PRO B 386 -24.51 -13.80 14.20
CA PRO B 386 -24.53 -14.58 12.96
C PRO B 386 -25.58 -15.68 13.04
N HIS B 387 -26.00 -16.19 11.89
CA HIS B 387 -27.03 -17.23 11.83
C HIS B 387 -26.67 -18.34 10.82
N ASN B 388 -27.39 -19.45 10.90
CA ASN B 388 -27.19 -20.57 9.99
C ASN B 388 -27.90 -20.27 8.67
N LEU B 389 -27.15 -20.36 7.57
CA LEU B 389 -27.66 -20.01 6.25
C LEU B 389 -28.84 -20.87 5.80
N THR B 390 -28.81 -22.16 6.11
CA THR B 390 -29.90 -23.07 5.73
C THR B 390 -31.19 -22.59 6.39
N GLU B 391 -31.12 -22.36 7.70
CA GLU B 391 -32.24 -21.85 8.48
C GLU B 391 -32.75 -20.51 7.94
N LEU B 392 -31.83 -19.58 7.68
CA LEU B 392 -32.22 -18.27 7.17
C LEU B 392 -32.95 -18.31 5.84
N ILE B 393 -32.42 -19.07 4.88
CA ILE B 393 -33.06 -19.18 3.58
C ILE B 393 -34.42 -19.87 3.70
N ASN B 394 -34.48 -20.88 4.58
CA ASN B 394 -35.76 -21.53 4.82
C ASN B 394 -36.77 -20.53 5.36
N GLY B 395 -36.30 -19.64 6.24
CA GLY B 395 -37.14 -18.58 6.80
C GLY B 395 -37.60 -17.59 5.74
N VAL B 396 -36.68 -17.21 4.85
CA VAL B 396 -37.02 -16.32 3.74
C VAL B 396 -38.07 -16.98 2.84
N LEU B 397 -37.90 -18.27 2.56
CA LEU B 397 -38.84 -19.00 1.71
C LEU B 397 -40.24 -19.05 2.35
N SER B 398 -40.30 -19.27 3.66
CA SER B 398 -41.58 -19.32 4.39
C SER B 398 -42.27 -17.96 4.30
N LEU B 399 -41.50 -16.89 4.48
CA LEU B 399 -42.01 -15.52 4.37
C LEU B 399 -42.54 -15.22 2.96
N SER B 400 -41.87 -15.75 1.94
CA SER B 400 -42.24 -15.50 0.54
C SER B 400 -43.59 -16.13 0.20
N LYS B 401 -44.00 -17.13 0.98
CA LYS B 401 -45.29 -17.79 0.78
C LYS B 401 -46.35 -17.24 1.73
N ASN B 402 -45.93 -16.40 2.68
CA ASN B 402 -46.86 -15.84 3.65
C ASN B 402 -46.38 -14.50 4.22
N PRO B 403 -46.84 -13.38 3.63
CA PRO B 403 -46.44 -12.04 4.08
C PRO B 403 -46.86 -11.75 5.52
N ASP B 404 -47.86 -12.47 6.00
CA ASP B 404 -48.40 -12.26 7.36
C ASP B 404 -47.83 -13.24 8.39
N ILE B 405 -46.79 -13.97 8.02
CA ILE B 405 -46.15 -14.94 8.93
C ILE B 405 -45.70 -14.26 10.23
N SER B 406 -45.77 -14.97 11.34
CA SER B 406 -45.40 -14.40 12.64
C SER B 406 -43.94 -14.71 12.97
N ILE B 407 -43.39 -14.00 13.96
CA ILE B 407 -42.02 -14.23 14.41
C ILE B 407 -41.93 -15.66 14.94
N ALA B 408 -42.95 -16.09 15.67
CA ALA B 408 -42.98 -17.45 16.22
C ALA B 408 -42.91 -18.50 15.10
N GLU B 409 -43.66 -18.32 14.02
N GLU B 409 -43.65 -18.29 14.03
CA GLU B 409 -43.60 -19.30 12.92
CA GLU B 409 -43.63 -19.23 12.90
C GLU B 409 -42.23 -19.23 12.23
C GLU B 409 -42.26 -19.22 12.24
N LEU B 410 -41.69 -18.04 12.09
CA LEU B 410 -40.36 -17.90 11.48
C LEU B 410 -39.33 -18.69 12.31
N MET B 411 -39.50 -18.69 13.64
CA MET B 411 -38.57 -19.40 14.52
C MET B 411 -38.63 -20.93 14.40
N GLU B 412 -39.60 -21.43 13.63
CA GLU B 412 -39.66 -22.87 13.35
C GLU B 412 -38.56 -23.17 12.34
N ASP B 413 -38.17 -22.15 11.57
CA ASP B 413 -37.06 -22.27 10.62
C ASP B 413 -35.76 -21.77 11.24
N ILE B 414 -35.81 -20.60 11.86
CA ILE B 414 -34.62 -19.96 12.43
C ILE B 414 -34.62 -20.17 13.96
N GLU B 415 -33.87 -21.19 14.41
CA GLU B 415 -33.85 -21.56 15.83
C GLU B 415 -33.24 -20.48 16.72
N GLY B 416 -32.30 -19.73 16.16
CA GLY B 416 -31.58 -18.72 16.91
C GLY B 416 -30.23 -18.54 16.23
N PRO B 417 -29.34 -17.78 16.88
CA PRO B 417 -28.02 -17.56 16.30
C PRO B 417 -27.21 -18.85 16.14
N ASP B 418 -26.23 -18.81 15.27
CA ASP B 418 -25.36 -19.96 15.00
C ASP B 418 -23.97 -19.33 14.83
N PHE B 419 -23.17 -19.42 15.89
CA PHE B 419 -21.84 -18.81 15.88
C PHE B 419 -20.80 -19.67 15.17
N PRO B 420 -19.81 -19.01 14.53
CA PRO B 420 -18.75 -19.79 13.85
C PRO B 420 -17.97 -20.64 14.83
N THR B 421 -17.90 -20.17 16.08
CA THR B 421 -17.19 -20.84 17.17
C THR B 421 -18.04 -21.89 17.90
N ALA B 422 -19.22 -22.20 17.37
CA ALA B 422 -20.11 -23.21 17.94
C ALA B 422 -20.55 -22.89 19.38
N GLY B 423 -20.27 -23.79 20.31
CA GLY B 423 -20.64 -23.58 21.70
C GLY B 423 -22.11 -23.83 21.97
N LEU B 424 -22.61 -23.26 23.05
CA LEU B 424 -23.98 -23.44 23.45
C LEU B 424 -24.67 -22.13 23.76
N ILE B 425 -25.98 -22.14 23.57
CA ILE B 425 -26.83 -21.03 23.99
C ILE B 425 -27.75 -21.63 25.06
N LEU B 426 -27.93 -20.90 26.15
CA LEU B 426 -28.77 -21.37 27.26
C LEU B 426 -30.16 -20.76 27.22
N GLY B 427 -31.14 -21.57 26.87
CA GLY B 427 -32.53 -21.12 26.84
C GLY B 427 -32.92 -20.41 25.54
N LYS B 428 -34.22 -20.23 25.35
CA LYS B 428 -34.71 -19.59 24.15
C LYS B 428 -35.40 -18.24 24.41
N SER B 429 -35.51 -17.83 25.67
CA SER B 429 -36.23 -16.59 25.97
C SER B 429 -35.49 -15.33 25.49
N GLY B 430 -34.17 -15.31 25.63
CA GLY B 430 -33.38 -14.16 25.17
C GLY B 430 -33.46 -14.07 23.66
N ILE B 431 -33.34 -15.22 23.00
CA ILE B 431 -33.47 -15.26 21.54
C ILE B 431 -34.85 -14.73 21.10
N ARG B 432 -35.90 -15.22 21.76
N ARG B 432 -35.90 -15.22 21.76
CA ARG B 432 -37.27 -14.82 21.42
CA ARG B 432 -37.27 -14.83 21.42
C ARG B 432 -37.46 -13.32 21.53
C ARG B 432 -37.48 -13.33 21.53
N ARG B 433 -37.02 -12.76 22.65
CA ARG B 433 -37.14 -11.31 22.88
C ARG B 433 -36.35 -10.52 21.82
N ALA B 434 -35.16 -11.03 21.48
CA ALA B 434 -34.31 -10.38 20.47
C ALA B 434 -34.98 -10.37 19.10
N TYR B 435 -35.62 -11.48 18.74
CA TYR B 435 -36.28 -11.59 17.45
C TYR B 435 -37.59 -10.79 17.36
N GLU B 436 -38.29 -10.67 18.49
N GLU B 436 -38.29 -10.66 18.49
CA GLU B 436 -39.55 -9.94 18.51
CA GLU B 436 -39.55 -9.91 18.52
C GLU B 436 -39.35 -8.42 18.56
C GLU B 436 -39.33 -8.42 18.53
N THR B 437 -38.33 -7.98 19.30
CA THR B 437 -38.08 -6.56 19.49
C THR B 437 -36.79 -5.98 18.93
N GLY B 438 -35.85 -6.84 18.55
CA GLY B 438 -34.56 -6.35 18.09
C GLY B 438 -33.55 -6.29 19.22
N ARG B 439 -34.01 -6.44 20.46
CA ARG B 439 -33.13 -6.41 21.63
C ARG B 439 -33.41 -7.58 22.56
N GLY B 440 -32.34 -8.16 23.11
CA GLY B 440 -32.40 -9.31 24.01
C GLY B 440 -31.03 -9.79 24.43
N SER B 441 -30.98 -10.47 25.57
CA SER B 441 -29.73 -10.98 26.12
C SER B 441 -29.63 -12.46 25.86
N ILE B 442 -28.59 -12.89 25.14
CA ILE B 442 -28.40 -14.30 24.85
C ILE B 442 -27.19 -14.83 25.60
N GLN B 443 -27.41 -15.87 26.41
CA GLN B 443 -26.35 -16.44 27.23
C GLN B 443 -25.59 -17.53 26.48
N MET B 444 -24.30 -17.30 26.24
CA MET B 444 -23.47 -18.24 25.52
C MET B 444 -22.62 -19.02 26.51
N ARG B 445 -22.42 -20.31 26.25
CA ARG B 445 -21.59 -21.07 27.14
C ARG B 445 -20.62 -21.86 26.28
N SER B 446 -19.43 -22.08 26.84
CA SER B 446 -18.42 -22.90 26.20
C SER B 446 -18.90 -24.34 26.16
N ARG B 447 -18.28 -25.15 25.31
CA ARG B 447 -18.59 -26.57 25.30
C ARG B 447 -17.53 -27.21 26.19
N ALA B 448 -17.96 -27.71 27.35
CA ALA B 448 -17.05 -28.33 28.31
C ALA B 448 -17.58 -29.63 28.88
N VAL B 449 -16.70 -30.60 29.06
CA VAL B 449 -17.07 -31.88 29.67
C VAL B 449 -16.12 -32.20 30.84
N ILE B 450 -16.55 -33.10 31.71
CA ILE B 450 -15.74 -33.58 32.81
C ILE B 450 -15.35 -35.02 32.51
N GLU B 451 -14.06 -35.31 32.59
CA GLU B 451 -13.57 -36.65 32.29
C GLU B 451 -12.45 -37.06 33.24
N GLU B 452 -12.24 -38.37 33.38
CA GLU B 452 -11.20 -38.91 34.26
C GLU B 452 -9.81 -38.77 33.63
N ARG B 453 -8.80 -38.60 34.47
CA ARG B 453 -7.44 -38.48 33.95
C ARG B 453 -6.44 -39.44 34.58
N GLY B 454 -6.91 -40.28 35.51
CA GLY B 454 -6.05 -41.24 36.17
C GLY B 454 -6.18 -41.20 37.69
N GLY B 455 -5.75 -42.27 38.33
CA GLY B 455 -5.81 -42.38 39.79
C GLY B 455 -6.96 -41.69 40.49
N GLY B 456 -8.17 -41.76 39.92
CA GLY B 456 -9.33 -41.15 40.55
C GLY B 456 -9.40 -39.64 40.42
N ARG B 457 -8.52 -39.10 39.58
CA ARG B 457 -8.49 -37.66 39.32
C ARG B 457 -9.32 -37.30 38.09
N GLN B 458 -9.80 -36.05 38.03
CA GLN B 458 -10.59 -35.58 36.91
C GLN B 458 -10.06 -34.27 36.33
N ARG B 459 -10.62 -33.87 35.20
CA ARG B 459 -10.28 -32.61 34.55
C ARG B 459 -11.48 -32.09 33.77
N ILE B 460 -11.52 -30.78 33.58
CA ILE B 460 -12.56 -30.16 32.77
C ILE B 460 -11.89 -29.89 31.42
N VAL B 461 -12.54 -30.33 30.34
CA VAL B 461 -11.99 -30.16 28.99
C VAL B 461 -12.90 -29.26 28.16
N VAL B 462 -12.37 -28.12 27.71
CA VAL B 462 -13.14 -27.16 26.94
C VAL B 462 -12.73 -27.23 25.46
N THR B 463 -13.68 -27.49 24.57
CA THR B 463 -13.38 -27.63 23.14
C THR B 463 -14.02 -26.54 22.25
N GLU B 464 -14.94 -25.76 22.80
CA GLU B 464 -15.61 -24.69 22.07
C GLU B 464 -15.76 -23.54 23.04
N ILE B 465 -15.48 -22.31 22.59
CA ILE B 465 -15.60 -21.16 23.48
C ILE B 465 -16.66 -20.19 22.94
N PRO B 466 -17.13 -19.25 23.77
CA PRO B 466 -18.15 -18.33 23.29
C PRO B 466 -17.65 -17.41 22.17
N PHE B 467 -18.57 -16.96 21.32
CA PHE B 467 -18.26 -16.07 20.19
C PHE B 467 -17.60 -14.78 20.65
N GLN B 468 -16.53 -14.38 19.95
CA GLN B 468 -15.80 -13.14 20.23
C GLN B 468 -15.02 -13.16 21.52
N VAL B 469 -14.82 -14.33 22.09
CA VAL B 469 -14.03 -14.45 23.30
C VAL B 469 -12.59 -14.80 22.95
N ASN B 470 -11.64 -14.03 23.48
CA ASN B 470 -10.24 -14.30 23.25
C ASN B 470 -9.83 -15.47 24.17
N LYS B 471 -9.43 -16.60 23.57
CA LYS B 471 -9.05 -17.81 24.31
C LYS B 471 -7.91 -17.59 25.32
N ALA B 472 -6.84 -16.95 24.86
CA ALA B 472 -5.69 -16.67 25.71
C ALA B 472 -6.07 -15.77 26.89
N ARG B 473 -6.92 -14.78 26.63
N ARG B 473 -6.92 -14.78 26.63
CA ARG B 473 -7.37 -13.88 27.69
CA ARG B 473 -7.39 -13.87 27.68
C ARG B 473 -8.26 -14.58 28.71
C ARG B 473 -8.28 -14.57 28.70
N MET B 474 -9.08 -15.51 28.23
CA MET B 474 -9.97 -16.26 29.11
C MET B 474 -9.15 -17.16 30.03
N ILE B 475 -8.10 -17.78 29.48
CA ILE B 475 -7.22 -18.65 30.24
C ILE B 475 -6.46 -17.86 31.30
N GLU B 476 -6.03 -16.65 30.96
N GLU B 476 -6.01 -16.67 30.93
CA GLU B 476 -5.30 -15.81 31.91
CA GLU B 476 -5.32 -15.74 31.83
C GLU B 476 -6.25 -15.38 33.03
C GLU B 476 -6.22 -15.32 32.99
N LYS B 477 -7.51 -15.15 32.69
CA LYS B 477 -8.50 -14.80 33.70
C LYS B 477 -8.64 -15.95 34.70
N ILE B 478 -8.69 -17.19 34.20
CA ILE B 478 -8.77 -18.35 35.08
C ILE B 478 -7.50 -18.44 35.93
N ALA B 479 -6.34 -18.26 35.30
CA ALA B 479 -5.05 -18.31 36.00
C ALA B 479 -4.98 -17.27 37.13
N GLU B 480 -5.61 -16.13 36.90
CA GLU B 480 -5.66 -15.04 37.87
C GLU B 480 -6.55 -15.39 39.07
N LEU B 481 -7.66 -16.04 38.81
CA LEU B 481 -8.57 -16.45 39.88
C LEU B 481 -7.95 -17.52 40.78
N VAL B 482 -7.23 -18.45 40.17
CA VAL B 482 -6.55 -19.51 40.90
C VAL B 482 -5.44 -18.91 41.78
N ARG B 483 -4.62 -18.07 41.16
CA ARG B 483 -3.50 -17.41 41.81
C ARG B 483 -3.94 -16.52 42.97
N ASP B 484 -5.02 -15.77 42.78
CA ASP B 484 -5.55 -14.90 43.83
C ASP B 484 -6.41 -15.66 44.84
N LYS B 485 -6.57 -16.97 44.60
CA LYS B 485 -7.34 -17.86 45.47
C LYS B 485 -8.82 -17.51 45.55
N LYS B 486 -9.34 -17.01 44.43
CA LYS B 486 -10.76 -16.68 44.27
C LYS B 486 -11.55 -17.90 43.81
N ILE B 487 -10.84 -18.92 43.34
CA ILE B 487 -11.47 -20.19 42.94
C ILE B 487 -10.71 -21.38 43.51
N ASP B 488 -11.47 -22.36 43.97
CA ASP B 488 -10.91 -23.54 44.62
C ASP B 488 -10.99 -24.82 43.77
N GLY B 489 -9.99 -25.67 43.90
CA GLY B 489 -10.00 -26.98 43.24
C GLY B 489 -9.20 -27.15 41.97
N ILE B 490 -8.57 -26.09 41.48
CA ILE B 490 -7.81 -26.18 40.23
C ILE B 490 -6.32 -26.40 40.48
N THR B 491 -5.79 -27.48 39.90
CA THR B 491 -4.37 -27.82 40.09
C THR B 491 -3.48 -27.59 38.87
N ASP B 492 -4.09 -27.40 37.71
CA ASP B 492 -3.33 -27.14 36.48
C ASP B 492 -4.24 -26.54 35.43
N LEU B 493 -3.66 -25.77 34.52
CA LEU B 493 -4.39 -25.09 33.47
C LEU B 493 -3.52 -25.11 32.21
N ARG B 494 -4.01 -25.76 31.16
CA ARG B 494 -3.20 -25.86 29.94
C ARG B 494 -3.99 -25.65 28.64
N ASP B 495 -3.42 -24.89 27.72
CA ASP B 495 -4.04 -24.72 26.42
C ASP B 495 -3.40 -25.77 25.53
N GLU B 496 -4.10 -26.87 25.27
CA GLU B 496 -3.58 -27.95 24.42
C GLU B 496 -4.07 -27.83 22.99
N THR B 497 -4.54 -26.65 22.61
CA THR B 497 -5.04 -26.40 21.25
C THR B 497 -3.93 -26.61 20.21
N SER B 498 -4.29 -27.25 19.11
CA SER B 498 -3.36 -27.43 18.02
C SER B 498 -4.18 -27.39 16.75
N LEU B 499 -3.49 -27.07 15.67
CA LEU B 499 -4.11 -26.96 14.37
C LEU B 499 -4.65 -28.30 13.89
N ARG B 500 -4.11 -29.37 14.46
CA ARG B 500 -4.43 -30.73 14.06
C ARG B 500 -5.41 -31.44 15.00
N THR B 501 -5.53 -30.93 16.23
CA THR B 501 -6.41 -31.50 17.27
C THR B 501 -7.57 -30.56 17.65
N GLY B 502 -7.52 -29.33 17.16
CA GLY B 502 -8.57 -28.37 17.45
C GLY B 502 -8.42 -27.71 18.82
N VAL B 503 -9.40 -26.91 19.19
CA VAL B 503 -9.41 -26.22 20.48
C VAL B 503 -9.52 -27.22 21.64
N ARG B 504 -8.61 -27.13 22.60
CA ARG B 504 -8.64 -27.99 23.76
C ARG B 504 -7.99 -27.28 24.93
N VAL B 505 -8.81 -26.81 25.87
CA VAL B 505 -8.31 -26.16 27.08
C VAL B 505 -8.58 -27.12 28.24
N VAL B 506 -7.53 -27.49 28.96
CA VAL B 506 -7.66 -28.44 30.05
C VAL B 506 -7.50 -27.79 31.42
N ILE B 507 -8.47 -28.04 32.28
CA ILE B 507 -8.44 -27.55 33.66
C ILE B 507 -8.40 -28.77 34.59
N ASP B 508 -7.23 -29.08 35.12
CA ASP B 508 -7.11 -30.22 36.05
C ASP B 508 -7.76 -29.91 37.40
N VAL B 509 -8.45 -30.89 37.95
CA VAL B 509 -9.17 -30.73 39.21
C VAL B 509 -8.53 -31.54 40.35
N ARG B 510 -8.39 -30.90 41.52
CA ARG B 510 -7.81 -31.54 42.70
C ARG B 510 -8.56 -32.83 43.01
N LYS B 511 -7.83 -33.88 43.37
CA LYS B 511 -8.44 -35.17 43.67
C LYS B 511 -9.57 -35.05 44.71
N ASP B 512 -10.70 -35.71 44.43
CA ASP B 512 -11.87 -35.72 45.34
C ASP B 512 -12.67 -34.41 45.41
N ALA B 513 -12.26 -33.41 44.64
CA ALA B 513 -13.00 -32.16 44.59
C ALA B 513 -14.11 -32.34 43.56
N ASN B 514 -15.22 -31.63 43.74
CA ASN B 514 -16.34 -31.75 42.82
C ASN B 514 -16.05 -30.92 41.56
N ALA B 515 -15.82 -31.60 40.45
CA ALA B 515 -15.48 -30.94 39.19
C ALA B 515 -16.63 -30.13 38.62
N SER B 516 -17.86 -30.57 38.86
CA SER B 516 -19.06 -29.89 38.38
C SER B 516 -19.25 -28.55 39.07
N VAL B 517 -18.95 -28.49 40.36
CA VAL B 517 -19.04 -27.27 41.15
C VAL B 517 -18.01 -26.28 40.63
N ILE B 518 -16.80 -26.76 40.37
CA ILE B 518 -15.73 -25.94 39.84
C ILE B 518 -16.10 -25.38 38.46
N LEU B 519 -16.74 -26.20 37.63
CA LEU B 519 -17.16 -25.78 36.29
C LEU B 519 -18.22 -24.68 36.41
N ASN B 520 -19.23 -24.91 37.24
CA ASN B 520 -20.27 -23.91 37.48
C ASN B 520 -19.70 -22.59 37.99
N ASN B 521 -18.65 -22.66 38.81
CA ASN B 521 -17.99 -21.44 39.31
C ASN B 521 -17.26 -20.72 38.18
N LEU B 522 -16.63 -21.49 37.30
CA LEU B 522 -15.92 -20.92 36.16
C LEU B 522 -16.89 -20.15 35.27
N TYR B 523 -18.10 -20.69 35.12
CA TYR B 523 -19.15 -20.04 34.34
C TYR B 523 -19.57 -18.72 34.97
N LYS B 524 -19.57 -18.66 36.31
CA LYS B 524 -19.95 -17.45 37.02
C LYS B 524 -18.90 -16.36 37.02
N GLN B 525 -17.62 -16.75 37.07
CA GLN B 525 -16.54 -15.78 37.27
C GLN B 525 -15.62 -15.51 36.09
N THR B 526 -15.83 -16.22 34.98
CA THR B 526 -14.97 -16.05 33.78
C THR B 526 -15.80 -15.99 32.52
N PRO B 527 -15.19 -15.56 31.40
CA PRO B 527 -15.89 -15.55 30.12
C PRO B 527 -16.24 -16.95 29.57
N LEU B 528 -16.00 -18.02 30.34
CA LEU B 528 -16.36 -19.37 29.91
C LEU B 528 -17.87 -19.37 29.60
N GLN B 529 -18.58 -18.47 30.27
CA GLN B 529 -19.97 -18.15 29.98
C GLN B 529 -19.95 -16.65 29.67
N THR B 530 -20.55 -16.25 28.55
CA THR B 530 -20.54 -14.86 28.14
C THR B 530 -21.88 -14.54 27.51
N SER B 531 -22.37 -13.31 27.70
CA SER B 531 -23.62 -12.93 27.11
C SER B 531 -23.42 -12.14 25.82
N PHE B 532 -24.37 -12.30 24.90
CA PHE B 532 -24.37 -11.55 23.66
C PHE B 532 -25.58 -10.63 23.73
N GLY B 533 -25.35 -9.34 23.86
CA GLY B 533 -26.44 -8.37 23.90
C GLY B 533 -26.89 -7.99 22.51
N VAL B 534 -27.99 -8.59 22.06
CA VAL B 534 -28.53 -8.27 20.72
C VAL B 534 -29.12 -6.86 20.71
N ASN B 535 -28.80 -6.12 19.67
CA ASN B 535 -29.23 -4.74 19.47
C ASN B 535 -29.21 -4.59 17.94
N MET B 536 -30.28 -5.05 17.29
CA MET B 536 -30.31 -5.13 15.83
C MET B 536 -30.62 -3.82 15.10
N ILE B 537 -29.58 -3.01 14.93
CA ILE B 537 -29.72 -1.76 14.25
C ILE B 537 -29.02 -1.81 12.90
N ALA B 538 -29.77 -1.46 11.86
CA ALA B 538 -29.21 -1.44 10.50
C ALA B 538 -29.78 -0.25 9.72
N LEU B 539 -29.16 0.04 8.59
CA LEU B 539 -29.62 1.12 7.75
C LEU B 539 -30.77 0.60 6.90
N VAL B 540 -31.92 1.25 7.05
CA VAL B 540 -33.11 0.92 6.29
C VAL B 540 -33.47 2.21 5.56
N ASN B 541 -33.41 2.18 4.23
N ASN B 541 -33.41 2.19 4.23
CA ASN B 541 -33.66 3.36 3.41
CA ASN B 541 -33.67 3.40 3.43
C ASN B 541 -32.69 4.47 3.79
C ASN B 541 -32.68 4.49 3.79
N GLY B 542 -31.43 4.11 4.02
CA GLY B 542 -30.40 5.07 4.41
C GLY B 542 -30.50 5.66 5.80
N ARG B 543 -31.37 5.10 6.64
N ARG B 543 -31.36 5.10 6.65
CA ARG B 543 -31.55 5.60 8.01
CA ARG B 543 -31.50 5.60 8.01
C ARG B 543 -31.40 4.47 9.03
C ARG B 543 -31.40 4.47 9.03
N PRO B 544 -30.77 4.76 10.18
CA PRO B 544 -30.57 3.76 11.24
C PRO B 544 -31.91 3.35 11.85
N LYS B 545 -32.12 2.07 12.01
CA LYS B 545 -33.39 1.63 12.57
C LYS B 545 -33.20 0.34 13.36
N LEU B 546 -33.84 0.29 14.54
CA LEU B 546 -33.85 -0.94 15.34
C LEU B 546 -34.90 -1.84 14.68
N ILE B 547 -34.50 -3.05 14.27
CA ILE B 547 -35.43 -3.95 13.58
C ILE B 547 -35.54 -5.32 14.22
N ASN B 548 -36.70 -5.94 14.03
CA ASN B 548 -36.90 -7.29 14.56
C ASN B 548 -36.56 -8.30 13.47
N LEU B 549 -36.59 -9.58 13.81
CA LEU B 549 -36.26 -10.64 12.86
C LEU B 549 -37.06 -10.55 11.56
N LYS B 550 -38.38 -10.36 11.65
CA LYS B 550 -39.21 -10.32 10.45
C LYS B 550 -38.85 -9.14 9.54
N GLU B 551 -38.69 -7.96 10.12
CA GLU B 551 -38.37 -6.77 9.32
C GLU B 551 -37.08 -6.98 8.53
N ALA B 552 -36.08 -7.57 9.17
CA ALA B 552 -34.79 -7.83 8.52
C ALA B 552 -35.00 -8.72 7.30
N LEU B 553 -35.78 -9.78 7.48
CA LEU B 553 -36.10 -10.71 6.39
C LEU B 553 -36.94 -10.06 5.29
N VAL B 554 -37.89 -9.21 5.68
CA VAL B 554 -38.77 -8.53 4.72
C VAL B 554 -37.98 -7.62 3.80
N HIS B 555 -37.16 -6.75 4.38
CA HIS B 555 -36.34 -5.85 3.59
C HIS B 555 -35.39 -6.63 2.70
N TYR B 556 -34.86 -7.75 3.20
CA TYR B 556 -33.97 -8.56 2.39
C TYR B 556 -34.69 -9.19 1.19
N LEU B 557 -35.88 -9.72 1.42
CA LEU B 557 -36.63 -10.34 0.34
C LEU B 557 -37.01 -9.28 -0.70
N GLU B 558 -37.33 -8.09 -0.24
N GLU B 558 -37.40 -8.10 -0.23
CA GLU B 558 -37.74 -7.06 -1.18
CA GLU B 558 -37.76 -6.97 -1.11
C GLU B 558 -36.54 -6.74 -2.06
C GLU B 558 -36.56 -6.61 -2.01
N HIS B 559 -35.36 -6.68 -1.46
CA HIS B 559 -34.13 -6.39 -2.20
C HIS B 559 -33.91 -7.44 -3.30
N GLN B 560 -34.19 -8.70 -2.98
CA GLN B 560 -33.99 -9.79 -3.95
C GLN B 560 -34.95 -9.71 -5.14
N LYS B 561 -36.22 -9.43 -4.88
CA LYS B 561 -37.20 -9.28 -5.96
C LYS B 561 -36.75 -8.18 -6.93
N THR B 562 -36.29 -7.06 -6.39
CA THR B 562 -35.83 -5.93 -7.21
C THR B 562 -34.60 -6.31 -8.05
N VAL B 563 -33.62 -6.93 -7.41
CA VAL B 563 -32.40 -7.38 -8.08
C VAL B 563 -32.71 -8.35 -9.24
N VAL B 564 -33.55 -9.33 -8.99
CA VAL B 564 -33.90 -10.31 -10.01
C VAL B 564 -34.76 -9.68 -11.12
N ARG B 565 -35.62 -8.72 -10.78
CA ARG B 565 -36.42 -8.05 -11.79
C ARG B 565 -35.54 -7.15 -12.67
N ARG B 566 -34.67 -6.37 -12.03
CA ARG B 566 -33.76 -5.47 -12.74
C ARG B 566 -32.82 -6.26 -13.65
N ARG B 567 -32.36 -7.41 -13.16
CA ARG B 567 -31.47 -8.29 -13.91
C ARG B 567 -32.16 -8.80 -15.18
N THR B 568 -33.41 -9.22 -15.02
CA THR B 568 -34.21 -9.76 -16.11
C THR B 568 -34.46 -8.67 -17.17
N GLN B 569 -34.75 -7.45 -16.71
CA GLN B 569 -34.97 -6.30 -17.58
C GLN B 569 -33.67 -5.95 -18.33
N TYR B 570 -32.54 -5.99 -17.63
CA TYR B 570 -31.24 -5.73 -18.23
C TYR B 570 -30.91 -6.76 -19.30
N ASN B 571 -31.13 -8.04 -18.97
CA ASN B 571 -30.87 -9.13 -19.91
C ASN B 571 -31.75 -9.00 -21.16
N LEU B 572 -32.97 -8.50 -20.99
CA LEU B 572 -33.88 -8.33 -22.12
C LEU B 572 -33.38 -7.23 -23.08
N ARG B 573 -33.02 -6.07 -22.52
CA ARG B 573 -32.50 -4.93 -23.29
C ARG B 573 -31.27 -5.33 -24.10
N LYS B 574 -30.38 -6.08 -23.48
CA LYS B 574 -29.16 -6.50 -24.14
C LYS B 574 -29.45 -7.54 -25.20
N ALA B 575 -30.39 -8.43 -24.92
CA ALA B 575 -30.78 -9.46 -25.86
C ALA B 575 -31.40 -8.83 -27.10
N LYS B 576 -32.31 -7.88 -26.89
CA LYS B 576 -32.95 -7.19 -28.01
C LYS B 576 -31.94 -6.41 -28.85
N ASP B 577 -30.99 -5.74 -28.20
CA ASP B 577 -29.93 -5.00 -28.91
C ASP B 577 -29.11 -5.95 -29.79
N ARG B 578 -28.71 -7.07 -29.20
CA ARG B 578 -27.89 -8.04 -29.91
C ARG B 578 -28.66 -8.67 -31.07
N ALA B 579 -29.94 -8.95 -30.84
CA ALA B 579 -30.82 -9.49 -31.89
C ALA B 579 -30.90 -8.50 -33.04
N HIS B 580 -31.03 -7.21 -32.71
CA HIS B 580 -31.10 -6.16 -33.72
C HIS B 580 -29.83 -6.20 -34.59
N ILE B 581 -28.67 -6.27 -33.94
CA ILE B 581 -27.39 -6.36 -34.67
C ILE B 581 -27.33 -7.61 -35.55
N LEU B 582 -27.74 -8.75 -35.01
CA LEU B 582 -27.72 -10.01 -35.75
C LEU B 582 -28.64 -9.99 -36.98
N GLU B 583 -29.75 -9.26 -36.88
CA GLU B 583 -30.68 -9.09 -37.99
C GLU B 583 -29.99 -8.35 -39.14
N GLY B 584 -29.13 -7.39 -38.78
CA GLY B 584 -28.34 -6.63 -39.76
C GLY B 584 -27.35 -7.55 -40.45
N LEU B 585 -26.64 -8.35 -39.65
CA LEU B 585 -25.65 -9.29 -40.20
C LEU B 585 -26.32 -10.35 -41.08
N ARG B 586 -27.50 -10.81 -40.69
CA ARG B 586 -28.25 -11.81 -41.47
C ARG B 586 -28.68 -11.22 -42.83
N ILE B 587 -29.06 -9.96 -42.85
CA ILE B 587 -29.43 -9.27 -44.09
C ILE B 587 -28.17 -9.18 -44.98
N ALA B 588 -27.05 -8.79 -44.37
CA ALA B 588 -25.76 -8.71 -45.07
C ALA B 588 -25.35 -10.06 -45.67
N LEU B 589 -25.49 -11.13 -44.91
CA LEU B 589 -25.14 -12.48 -45.41
C LEU B 589 -26.08 -12.92 -46.54
N ASP B 590 -27.36 -12.55 -46.46
CA ASP B 590 -28.35 -12.91 -47.49
C ASP B 590 -28.04 -12.21 -48.81
N HIS B 591 -27.43 -11.02 -48.74
CA HIS B 591 -27.13 -10.21 -49.93
C HIS B 591 -25.66 -9.75 -49.96
N ILE B 592 -24.76 -10.66 -49.62
CA ILE B 592 -23.35 -10.32 -49.49
C ILE B 592 -22.70 -9.67 -50.73
N ASP B 593 -23.05 -10.14 -51.93
CA ASP B 593 -22.49 -9.54 -53.16
C ASP B 593 -22.90 -8.08 -53.27
N GLU B 594 -24.19 -7.80 -53.07
CA GLU B 594 -24.68 -6.42 -53.07
C GLU B 594 -24.05 -5.58 -51.96
N ILE B 595 -23.83 -6.19 -50.80
CA ILE B 595 -23.18 -5.50 -49.68
C ILE B 595 -21.76 -5.08 -50.07
N ILE B 596 -20.98 -6.01 -50.62
CA ILE B 596 -19.60 -5.74 -51.05
C ILE B 596 -19.55 -4.65 -52.11
N SER B 597 -20.44 -4.72 -53.09
CA SER B 597 -20.50 -3.71 -54.16
C SER B 597 -20.81 -2.33 -53.61
N THR B 598 -21.80 -2.27 -52.74
CA THR B 598 -22.20 -1.03 -52.10
C THR B 598 -21.00 -0.35 -51.40
N ILE B 599 -20.24 -1.16 -50.67
CA ILE B 599 -19.07 -0.65 -49.94
C ILE B 599 -17.94 -0.31 -50.91
N ARG B 600 -17.73 -1.16 -51.90
CA ARG B 600 -16.66 -0.93 -52.86
C ARG B 600 -16.86 0.35 -53.66
N GLU B 601 -18.10 0.65 -54.02
CA GLU B 601 -18.32 1.85 -54.80
C GLU B 601 -18.32 3.11 -53.93
N SER B 602 -18.12 2.95 -52.62
CA SER B 602 -18.11 4.10 -51.71
C SER B 602 -16.68 4.55 -51.42
N ASP B 603 -16.42 5.86 -51.50
CA ASP B 603 -15.08 6.41 -51.23
C ASP B 603 -14.74 6.54 -49.74
N THR B 604 -15.75 6.69 -48.90
CA THR B 604 -15.46 6.85 -47.50
C THR B 604 -16.38 5.96 -46.67
N ASP B 605 -16.02 5.79 -45.40
CA ASP B 605 -16.83 4.99 -44.48
C ASP B 605 -18.22 5.58 -44.28
N LYS B 606 -18.28 6.90 -44.20
CA LYS B 606 -19.54 7.61 -44.01
C LYS B 606 -20.47 7.40 -45.20
N VAL B 607 -19.94 7.48 -46.42
CA VAL B 607 -20.77 7.26 -47.61
C VAL B 607 -21.23 5.79 -47.66
N ALA B 608 -20.36 4.87 -47.27
CA ALA B 608 -20.71 3.44 -47.23
C ALA B 608 -21.84 3.24 -46.22
N MET B 609 -21.70 3.84 -45.04
CA MET B 609 -22.71 3.81 -43.99
C MET B 609 -24.06 4.24 -44.51
N GLU B 610 -24.09 5.41 -45.14
CA GLU B 610 -25.31 5.99 -45.67
C GLU B 610 -25.96 5.14 -46.78
N SER B 611 -25.13 4.59 -47.66
CA SER B 611 -25.61 3.75 -48.75
C SER B 611 -26.17 2.42 -48.25
N LEU B 612 -25.55 1.87 -47.21
CA LEU B 612 -26.01 0.62 -46.61
C LEU B 612 -27.37 0.83 -45.96
N GLN B 613 -27.51 1.91 -45.20
CA GLN B 613 -28.79 2.21 -44.53
C GLN B 613 -29.90 2.45 -45.55
N GLN B 614 -29.56 3.15 -46.63
CA GLN B 614 -30.55 3.44 -47.68
C GLN B 614 -31.01 2.23 -48.47
N ARG B 615 -30.05 1.51 -49.05
N ARG B 615 -30.05 1.52 -49.06
CA ARG B 615 -30.32 0.37 -49.93
CA ARG B 615 -30.35 0.38 -49.92
C ARG B 615 -30.90 -0.86 -49.22
C ARG B 615 -31.00 -0.80 -49.18
N PHE B 616 -30.53 -1.07 -47.96
CA PHE B 616 -31.00 -2.24 -47.24
C PHE B 616 -31.88 -1.97 -46.02
N LYS B 617 -32.40 -0.75 -45.90
CA LYS B 617 -33.27 -0.37 -44.78
C LYS B 617 -32.67 -0.76 -43.43
N LEU B 618 -31.39 -0.45 -43.25
CA LEU B 618 -30.68 -0.79 -42.04
C LEU B 618 -30.52 0.41 -41.12
N SER B 619 -30.45 0.15 -39.82
CA SER B 619 -30.21 1.22 -38.85
C SER B 619 -28.72 1.57 -38.89
N GLU B 620 -28.36 2.67 -38.24
CA GLU B 620 -26.98 3.10 -38.18
C GLU B 620 -26.14 2.02 -37.47
N LYS B 621 -26.67 1.49 -36.38
CA LYS B 621 -25.99 0.44 -35.64
C LYS B 621 -25.77 -0.80 -36.48
N GLN B 622 -26.75 -1.17 -37.29
CA GLN B 622 -26.63 -2.36 -38.14
C GLN B 622 -25.58 -2.16 -39.24
N ALA B 623 -25.59 -0.97 -39.84
CA ALA B 623 -24.64 -0.62 -40.91
C ALA B 623 -23.22 -0.62 -40.38
N GLN B 624 -23.00 -0.04 -39.20
CA GLN B 624 -21.67 -0.02 -38.57
C GLN B 624 -21.19 -1.44 -38.28
N ALA B 625 -22.11 -2.28 -37.79
CA ALA B 625 -21.79 -3.66 -37.49
C ALA B 625 -21.35 -4.40 -38.76
N ILE B 626 -22.05 -4.17 -39.86
CA ILE B 626 -21.71 -4.81 -41.14
C ILE B 626 -20.31 -4.37 -41.58
N LEU B 627 -20.05 -3.06 -41.51
CA LEU B 627 -18.73 -2.52 -41.88
C LEU B 627 -17.60 -3.04 -40.99
N ASP B 628 -17.93 -3.37 -39.73
CA ASP B 628 -16.94 -3.88 -38.78
C ASP B 628 -16.69 -5.37 -38.90
N MET B 629 -17.53 -6.04 -39.68
CA MET B 629 -17.42 -7.48 -39.86
C MET B 629 -16.14 -7.91 -40.59
N ARG B 630 -15.40 -8.86 -40.02
CA ARG B 630 -14.17 -9.33 -40.61
C ARG B 630 -14.48 -10.35 -41.71
N LEU B 631 -13.61 -10.42 -42.72
CA LEU B 631 -13.82 -11.34 -43.85
C LEU B 631 -13.96 -12.78 -43.40
N ARG B 632 -13.24 -13.16 -42.34
CA ARG B 632 -13.34 -14.53 -41.80
C ARG B 632 -14.78 -14.88 -41.38
N ARG B 633 -15.62 -13.88 -41.12
CA ARG B 633 -17.01 -14.13 -40.73
C ARG B 633 -17.82 -14.70 -41.89
N LEU B 634 -17.22 -14.72 -43.08
CA LEU B 634 -17.91 -15.21 -44.28
C LEU B 634 -17.74 -16.71 -44.52
N THR B 635 -16.92 -17.38 -43.71
CA THR B 635 -16.75 -18.83 -43.83
C THR B 635 -18.01 -19.58 -43.39
N GLY B 636 -18.18 -20.80 -43.88
CA GLY B 636 -19.34 -21.63 -43.58
C GLY B 636 -19.70 -21.67 -42.09
N LEU B 637 -18.73 -22.05 -41.25
CA LEU B 637 -18.97 -22.10 -39.81
C LEU B 637 -19.38 -20.77 -39.18
N GLU B 638 -18.75 -19.67 -39.61
CA GLU B 638 -19.06 -18.36 -39.05
C GLU B 638 -20.45 -17.87 -39.41
N ARG B 639 -20.88 -18.15 -40.64
CA ARG B 639 -22.23 -17.81 -41.09
C ARG B 639 -23.26 -18.59 -40.27
N ASP B 640 -22.99 -19.87 -40.05
CA ASP B 640 -23.89 -20.73 -39.25
C ASP B 640 -23.97 -20.24 -37.81
N LYS B 641 -22.85 -19.70 -37.29
CA LYS B 641 -22.80 -19.17 -35.93
C LYS B 641 -23.72 -17.97 -35.73
N ILE B 642 -23.74 -17.06 -36.70
CA ILE B 642 -24.61 -15.89 -36.63
C ILE B 642 -26.08 -16.31 -36.58
N GLU B 643 -26.44 -17.27 -37.41
CA GLU B 643 -27.81 -17.78 -37.47
C GLU B 643 -28.18 -18.48 -36.16
N ALA B 644 -27.27 -19.32 -35.67
CA ALA B 644 -27.50 -20.07 -34.42
C ALA B 644 -27.66 -19.15 -33.21
N GLU B 645 -26.79 -18.14 -33.10
CA GLU B 645 -26.89 -17.19 -32.00
C GLU B 645 -28.24 -16.46 -32.03
N TYR B 646 -28.68 -16.10 -33.24
CA TYR B 646 -29.95 -15.40 -33.39
C TYR B 646 -31.14 -16.24 -32.94
N ASN B 647 -31.17 -17.50 -33.37
CA ASN B 647 -32.26 -18.41 -32.99
C ASN B 647 -32.31 -18.68 -31.48
N GLU B 648 -31.14 -18.83 -30.88
CA GLU B 648 -31.04 -19.05 -29.42
C GLU B 648 -31.52 -17.80 -28.70
N LEU B 649 -31.14 -16.64 -29.23
CA LEU B 649 -31.49 -15.36 -28.61
C LEU B 649 -33.00 -15.07 -28.63
N LEU B 650 -33.68 -15.47 -29.72
CA LEU B 650 -35.14 -15.30 -29.79
C LEU B 650 -35.83 -16.12 -28.68
N ASN B 651 -35.32 -17.33 -28.44
N ASN B 651 -35.32 -17.33 -28.44
CA ASN B 651 -35.83 -18.19 -27.38
CA ASN B 651 -35.85 -18.16 -27.37
C ASN B 651 -35.60 -17.55 -26.01
C ASN B 651 -35.63 -17.48 -26.02
N TYR B 652 -34.41 -16.99 -25.82
CA TYR B 652 -34.03 -16.32 -24.57
C TYR B 652 -34.89 -15.09 -24.29
N ILE B 653 -35.16 -14.31 -25.33
CA ILE B 653 -36.00 -13.11 -25.21
C ILE B 653 -37.42 -13.45 -24.73
N SER B 654 -38.03 -14.49 -25.29
CA SER B 654 -39.38 -14.86 -24.85
C SER B 654 -39.37 -15.44 -23.43
N GLU B 655 -38.35 -16.20 -23.07
CA GLU B 655 -38.25 -16.70 -21.70
C GLU B 655 -38.21 -15.53 -20.72
N LEU B 656 -37.47 -14.49 -21.09
CA LEU B 656 -37.32 -13.30 -20.25
C LEU B 656 -38.62 -12.52 -20.15
N GLU B 657 -39.34 -12.44 -21.26
CA GLU B 657 -40.63 -11.75 -21.33
C GLU B 657 -41.68 -12.46 -20.48
N THR B 658 -41.59 -13.80 -20.45
CA THR B 658 -42.50 -14.61 -19.64
C THR B 658 -42.32 -14.26 -18.17
N ILE B 659 -41.07 -14.14 -17.73
CA ILE B 659 -40.76 -13.81 -16.34
C ILE B 659 -41.33 -12.45 -15.93
N LEU B 660 -41.13 -11.44 -16.78
CA LEU B 660 -41.57 -10.08 -16.51
C LEU B 660 -43.07 -9.85 -16.62
N ALA B 661 -43.76 -10.76 -17.31
CA ALA B 661 -45.21 -10.64 -17.49
C ALA B 661 -46.00 -11.21 -16.30
N ASP B 662 -45.33 -12.01 -15.46
CA ASP B 662 -45.99 -12.65 -14.33
C ASP B 662 -45.17 -12.53 -13.03
N GLU B 663 -45.67 -11.73 -12.10
CA GLU B 663 -45.02 -11.47 -10.80
C GLU B 663 -44.79 -12.73 -9.99
N GLU B 664 -45.70 -13.69 -10.11
CA GLU B 664 -45.55 -14.96 -9.41
C GLU B 664 -44.41 -15.78 -9.99
N VAL B 665 -44.23 -15.73 -11.31
CA VAL B 665 -43.13 -16.44 -11.95
C VAL B 665 -41.81 -15.82 -11.48
N LEU B 666 -41.79 -14.49 -11.40
CA LEU B 666 -40.60 -13.76 -10.94
C LEU B 666 -40.29 -14.15 -9.50
N LEU B 667 -41.31 -14.12 -8.66
CA LEU B 667 -41.13 -14.47 -7.26
C LEU B 667 -40.63 -15.91 -7.12
N GLN B 668 -41.16 -16.81 -7.94
CA GLN B 668 -40.75 -18.22 -7.89
C GLN B 668 -39.28 -18.39 -8.29
N LEU B 669 -38.82 -17.54 -9.21
CA LEU B 669 -37.41 -17.57 -9.64
C LEU B 669 -36.52 -17.15 -8.48
N VAL B 670 -36.96 -16.16 -7.70
CA VAL B 670 -36.22 -15.71 -6.52
C VAL B 670 -36.11 -16.89 -5.55
N ARG B 671 -37.22 -17.60 -5.36
CA ARG B 671 -37.22 -18.77 -4.48
C ARG B 671 -36.22 -19.82 -4.98
N ASP B 672 -36.33 -20.20 -6.25
CA ASP B 672 -35.44 -21.22 -6.85
C ASP B 672 -33.95 -20.84 -6.74
N GLU B 673 -33.63 -19.58 -6.99
CA GLU B 673 -32.23 -19.11 -6.90
C GLU B 673 -31.71 -19.14 -5.45
N LEU B 674 -32.59 -18.81 -4.50
CA LEU B 674 -32.25 -18.89 -3.09
C LEU B 674 -32.08 -20.34 -2.67
N THR B 675 -32.97 -21.19 -3.16
CA THR B 675 -32.92 -22.63 -2.87
C THR B 675 -31.63 -23.27 -3.37
N GLU B 676 -31.17 -22.84 -4.54
CA GLU B 676 -29.93 -23.35 -5.13
C GLU B 676 -28.74 -22.94 -4.24
N ILE B 677 -28.75 -21.70 -3.76
CA ILE B 677 -27.70 -21.21 -2.87
C ILE B 677 -27.73 -21.98 -1.54
N ARG B 678 -28.94 -22.24 -1.04
CA ARG B 678 -29.07 -23.01 0.19
C ARG B 678 -28.44 -24.39 0.03
N ASP B 679 -28.78 -25.09 -1.05
CA ASP B 679 -28.26 -26.42 -1.32
C ASP B 679 -26.74 -26.48 -1.51
N ARG B 680 -26.16 -25.41 -2.05
CA ARG B 680 -24.73 -25.38 -2.32
C ARG B 680 -23.89 -24.87 -1.15
N PHE B 681 -24.41 -23.88 -0.43
CA PHE B 681 -23.65 -23.27 0.69
C PHE B 681 -24.21 -23.54 2.09
N GLY B 682 -25.43 -24.07 2.15
CA GLY B 682 -26.05 -24.37 3.44
C GLY B 682 -25.28 -25.42 4.18
N ASP B 683 -25.10 -25.25 5.49
CA ASP B 683 -24.35 -26.20 6.28
C ASP B 683 -25.05 -26.53 7.59
N ASP B 684 -24.46 -27.44 8.36
CA ASP B 684 -25.03 -27.82 9.65
C ASP B 684 -24.93 -26.71 10.69
N ARG B 685 -25.86 -26.73 11.62
CA ARG B 685 -25.85 -25.83 12.74
C ARG B 685 -24.66 -26.18 13.62
N ARG B 686 -23.95 -25.17 14.13
CA ARG B 686 -22.81 -25.42 15.02
C ARG B 686 -23.18 -25.23 16.48
N THR B 687 -23.78 -24.08 16.79
CA THR B 687 -24.16 -23.75 18.15
C THR B 687 -25.39 -24.54 18.60
N GLU B 688 -25.27 -25.21 19.74
CA GLU B 688 -26.40 -25.97 20.26
C GLU B 688 -27.24 -25.10 21.19
N ILE B 689 -28.54 -25.05 20.91
CA ILE B 689 -29.46 -24.30 21.78
C ILE B 689 -30.05 -25.31 22.77
N GLN B 690 -29.71 -25.14 24.05
CA GLN B 690 -30.16 -26.03 25.11
C GLN B 690 -31.29 -25.43 25.90
N LEU B 691 -32.34 -26.21 26.10
CA LEU B 691 -33.52 -25.78 26.83
C LEU B 691 -33.30 -25.74 28.34
#